data_1V5S
#
_entry.id   1V5S
#
_entity_poly.entity_id   1
_entity_poly.type   'polypeptide(L)'
_entity_poly.pdbx_seq_one_letter_code
;MKDHLIHNVHKEEHAHAHNKDYDIPTTENLYFQGSSGSSGDMMREIRKVLGANNCDYEQRERFLLFCVHGDGHAENLVQW
EMEVCKLPRLSLNGVRFKRISGTSIAFKNIASKIANELKLSGPSSG
;
_entity_poly.pdbx_strand_id   A
#
# COMPACT_ATOMS: atom_id res chain seq x y z
N MET A 1 8.54 -25.81 -15.75
CA MET A 1 9.13 -24.49 -15.49
C MET A 1 8.95 -24.10 -14.04
N LYS A 2 9.86 -24.57 -13.19
CA LYS A 2 9.81 -24.26 -11.76
C LYS A 2 11.15 -23.70 -11.27
N ASP A 3 11.08 -22.64 -10.47
CA ASP A 3 12.28 -22.01 -9.94
C ASP A 3 12.86 -22.84 -8.79
N HIS A 4 13.87 -23.65 -9.10
CA HIS A 4 14.50 -24.49 -8.09
C HIS A 4 15.73 -23.80 -7.50
N LEU A 5 16.37 -22.96 -8.29
CA LEU A 5 17.56 -22.23 -7.85
C LEU A 5 17.17 -20.90 -7.22
N ILE A 6 17.84 -20.54 -6.13
CA ILE A 6 17.57 -19.29 -5.44
C ILE A 6 18.25 -18.11 -6.15
N HIS A 7 17.78 -16.91 -5.86
CA HIS A 7 18.34 -15.70 -6.46
C HIS A 7 18.08 -14.48 -5.58
N ASN A 8 19.14 -13.85 -5.13
CA ASN A 8 19.04 -12.67 -4.28
C ASN A 8 19.80 -11.49 -4.87
N VAL A 9 19.07 -10.60 -5.55
CA VAL A 9 19.68 -9.42 -6.17
C VAL A 9 19.13 -8.14 -5.57
N HIS A 10 19.86 -7.58 -4.60
CA HIS A 10 19.44 -6.35 -3.94
C HIS A 10 20.15 -5.15 -4.55
N LYS A 11 19.41 -4.07 -4.79
CA LYS A 11 19.97 -2.86 -5.36
C LYS A 11 19.79 -1.68 -4.41
N GLU A 12 20.75 -0.75 -4.44
CA GLU A 12 20.70 0.43 -3.58
C GLU A 12 21.09 1.68 -4.35
N GLU A 13 20.14 2.58 -4.52
CA GLU A 13 20.39 3.83 -5.25
C GLU A 13 20.16 5.04 -4.34
N HIS A 14 20.94 6.09 -4.55
CA HIS A 14 20.83 7.31 -3.76
C HIS A 14 20.40 8.48 -4.63
N ALA A 15 19.44 8.24 -5.52
CA ALA A 15 18.96 9.28 -6.41
C ALA A 15 17.44 9.41 -6.33
N HIS A 16 16.97 10.43 -5.64
CA HIS A 16 15.54 10.67 -5.48
C HIS A 16 15.26 12.12 -5.08
N ALA A 17 13.98 12.46 -4.99
CA ALA A 17 13.58 13.81 -4.62
C ALA A 17 12.63 13.81 -3.43
N HIS A 18 12.93 14.63 -2.44
CA HIS A 18 12.10 14.71 -1.24
C HIS A 18 11.17 15.92 -1.30
N ASN A 19 9.95 15.69 -1.77
CA ASN A 19 8.96 16.76 -1.88
C ASN A 19 7.55 16.21 -1.77
N LYS A 20 6.65 17.00 -1.17
CA LYS A 20 5.27 16.59 -1.00
C LYS A 20 4.35 17.33 -1.98
N ASP A 21 4.49 17.02 -3.26
CA ASP A 21 3.68 17.67 -4.28
C ASP A 21 3.10 16.63 -5.25
N TYR A 22 2.00 16.00 -4.85
CA TYR A 22 1.36 14.98 -5.68
C TYR A 22 -0.10 15.33 -5.93
N ASP A 23 -0.65 14.80 -7.02
CA ASP A 23 -2.04 15.05 -7.37
C ASP A 23 -2.86 13.76 -7.33
N ILE A 24 -3.57 13.56 -6.23
CA ILE A 24 -4.39 12.37 -6.06
C ILE A 24 -5.86 12.67 -6.36
N PRO A 25 -6.51 11.75 -7.09
CA PRO A 25 -7.92 11.89 -7.46
C PRO A 25 -8.86 11.74 -6.26
N THR A 26 -10.16 11.82 -6.52
CA THR A 26 -11.15 11.70 -5.46
C THR A 26 -11.69 10.28 -5.37
N THR A 27 -11.32 9.45 -6.34
CA THR A 27 -11.77 8.06 -6.38
C THR A 27 -11.46 7.35 -5.07
N GLU A 28 -11.96 6.12 -4.92
CA GLU A 28 -11.74 5.35 -3.71
C GLU A 28 -10.59 4.35 -3.90
N ASN A 29 -9.39 4.88 -4.08
CA ASN A 29 -8.20 4.04 -4.27
C ASN A 29 -6.95 4.74 -3.76
N LEU A 30 -6.12 3.99 -3.03
CA LEU A 30 -4.89 4.52 -2.49
C LEU A 30 -3.68 4.08 -3.32
N TYR A 31 -2.65 4.91 -3.33
CA TYR A 31 -1.44 4.61 -4.08
C TYR A 31 -0.22 4.58 -3.16
N PHE A 32 0.80 3.83 -3.58
CA PHE A 32 2.02 3.71 -2.79
C PHE A 32 3.21 3.34 -3.68
N GLN A 33 4.41 3.66 -3.21
CA GLN A 33 5.62 3.35 -3.97
C GLN A 33 6.73 2.86 -3.04
N GLY A 34 7.44 1.82 -3.48
CA GLY A 34 8.52 1.28 -2.68
C GLY A 34 8.77 -0.19 -2.98
N SER A 35 9.28 -0.48 -4.17
CA SER A 35 9.56 -1.85 -4.57
C SER A 35 10.76 -2.40 -3.82
N SER A 36 10.75 -3.71 -3.57
CA SER A 36 11.84 -4.36 -2.85
C SER A 36 12.63 -5.28 -3.79
N GLY A 37 12.72 -4.89 -5.05
CA GLY A 37 13.44 -5.68 -6.03
C GLY A 37 12.66 -5.89 -7.31
N SER A 38 12.02 -7.06 -7.44
CA SER A 38 11.24 -7.38 -8.62
C SER A 38 9.75 -7.51 -8.27
N SER A 39 8.92 -7.54 -9.31
CA SER A 39 7.48 -7.66 -9.12
C SER A 39 7.14 -8.85 -8.23
N GLY A 40 8.03 -9.84 -8.21
CA GLY A 40 7.81 -11.02 -7.41
C GLY A 40 7.93 -10.75 -5.93
N ASP A 41 9.08 -10.22 -5.52
CA ASP A 41 9.32 -9.90 -4.11
C ASP A 41 8.09 -9.24 -3.48
N MET A 42 7.50 -8.30 -4.21
CA MET A 42 6.32 -7.60 -3.73
C MET A 42 5.36 -8.56 -3.01
N MET A 43 4.97 -9.61 -3.71
CA MET A 43 4.06 -10.60 -3.15
C MET A 43 4.59 -11.15 -1.83
N ARG A 44 5.80 -11.69 -1.87
CA ARG A 44 6.43 -12.25 -0.67
C ARG A 44 6.43 -11.24 0.47
N GLU A 45 7.11 -10.12 0.26
CA GLU A 45 7.20 -9.07 1.27
C GLU A 45 5.81 -8.73 1.80
N ILE A 46 4.98 -8.15 0.93
CA ILE A 46 3.62 -7.77 1.30
C ILE A 46 3.00 -8.79 2.24
N ARG A 47 2.88 -10.03 1.76
CA ARG A 47 2.29 -11.11 2.55
C ARG A 47 2.89 -11.13 3.96
N LYS A 48 4.20 -10.95 4.05
CA LYS A 48 4.88 -10.94 5.33
C LYS A 48 4.21 -9.98 6.30
N VAL A 49 3.87 -8.80 5.82
CA VAL A 49 3.21 -7.80 6.65
C VAL A 49 1.90 -8.33 7.22
N LEU A 50 1.04 -8.83 6.35
CA LEU A 50 -0.24 -9.39 6.78
C LEU A 50 -0.07 -10.33 7.95
N GLY A 51 0.65 -11.41 7.74
CA GLY A 51 0.88 -12.39 8.79
C GLY A 51 1.28 -11.73 10.10
N ALA A 52 2.07 -10.67 10.01
CA ALA A 52 2.52 -9.95 11.19
C ALA A 52 1.36 -9.25 11.90
N ASN A 53 0.44 -8.70 11.10
CA ASN A 53 -0.71 -8.01 11.65
C ASN A 53 -1.93 -8.92 11.69
N ASN A 54 -1.71 -10.17 12.08
CA ASN A 54 -2.78 -11.15 12.17
C ASN A 54 -3.74 -11.00 10.98
N CYS A 55 -3.18 -10.82 9.79
CA CYS A 55 -3.98 -10.66 8.59
C CYS A 55 -3.77 -11.83 7.63
N ASP A 56 -4.84 -12.30 7.02
CA ASP A 56 -4.77 -13.41 6.08
C ASP A 56 -4.91 -12.92 4.64
N TYR A 57 -4.55 -13.77 3.69
CA TYR A 57 -4.65 -13.43 2.27
C TYR A 57 -4.97 -14.66 1.44
N GLU A 58 -5.68 -14.45 0.32
CA GLU A 58 -6.05 -15.54 -0.56
C GLU A 58 -5.56 -15.27 -1.99
N GLN A 59 -4.49 -15.94 -2.38
CA GLN A 59 -3.92 -15.78 -3.72
C GLN A 59 -4.95 -16.13 -4.78
N ARG A 60 -5.18 -15.19 -5.70
CA ARG A 60 -6.14 -15.39 -6.78
C ARG A 60 -5.42 -15.56 -8.12
N GLU A 61 -4.54 -14.61 -8.43
CA GLU A 61 -3.79 -14.65 -9.68
C GLU A 61 -2.29 -14.51 -9.43
N ARG A 62 -1.50 -14.88 -10.42
CA ARG A 62 -0.04 -14.81 -10.30
C ARG A 62 0.37 -13.52 -9.61
N PHE A 63 -0.18 -12.39 -10.07
CA PHE A 63 0.14 -11.09 -9.50
C PHE A 63 -1.09 -10.47 -8.82
N LEU A 64 -1.85 -11.31 -8.12
CA LEU A 64 -3.04 -10.85 -7.43
C LEU A 64 -3.26 -11.63 -6.13
N LEU A 65 -3.36 -10.89 -5.02
CA LEU A 65 -3.56 -11.51 -3.71
C LEU A 65 -4.70 -10.83 -2.96
N PHE A 66 -5.68 -11.62 -2.52
CA PHE A 66 -6.81 -11.09 -1.79
C PHE A 66 -6.47 -10.89 -0.31
N CYS A 67 -6.07 -9.67 0.03
CA CYS A 67 -5.71 -9.35 1.42
C CYS A 67 -6.95 -9.10 2.26
N VAL A 68 -6.87 -9.47 3.54
CA VAL A 68 -7.99 -9.29 4.45
C VAL A 68 -7.51 -9.16 5.89
N HIS A 69 -8.10 -8.22 6.63
CA HIS A 69 -7.73 -8.00 8.02
C HIS A 69 -8.85 -8.43 8.95
N GLY A 70 -8.50 -9.10 10.04
CA GLY A 70 -9.49 -9.56 11.00
C GLY A 70 -9.09 -9.27 12.43
N ASP A 71 -9.90 -8.47 13.12
CA ASP A 71 -9.63 -8.12 14.51
C ASP A 71 -10.55 -8.87 15.45
N GLY A 72 -11.86 -8.66 15.29
CA GLY A 72 -12.83 -9.32 16.15
C GLY A 72 -14.12 -9.64 15.42
N HIS A 73 -14.60 -8.68 14.63
CA HIS A 73 -15.83 -8.86 13.88
C HIS A 73 -15.79 -8.08 12.56
N ALA A 74 -16.85 -8.19 11.78
CA ALA A 74 -16.93 -7.50 10.50
C ALA A 74 -16.53 -6.03 10.64
N GLU A 75 -17.17 -5.34 11.57
CA GLU A 75 -16.89 -3.92 11.81
C GLU A 75 -15.40 -3.64 11.65
N ASN A 76 -14.58 -4.51 12.21
CA ASN A 76 -13.13 -4.36 12.14
C ASN A 76 -12.56 -5.06 10.91
N LEU A 77 -13.28 -6.07 10.43
CA LEU A 77 -12.87 -6.81 9.25
C LEU A 77 -12.82 -5.92 8.01
N VAL A 78 -11.87 -6.18 7.13
CA VAL A 78 -11.72 -5.39 5.91
C VAL A 78 -11.09 -6.23 4.80
N GLN A 79 -11.77 -6.29 3.65
CA GLN A 79 -11.27 -7.05 2.51
C GLN A 79 -10.79 -6.12 1.41
N TRP A 80 -9.62 -6.42 0.86
CA TRP A 80 -9.05 -5.61 -0.22
C TRP A 80 -8.05 -6.42 -1.04
N GLU A 81 -8.06 -6.19 -2.35
CA GLU A 81 -7.16 -6.89 -3.26
C GLU A 81 -5.94 -6.04 -3.59
N MET A 82 -4.77 -6.67 -3.63
CA MET A 82 -3.53 -5.98 -3.94
C MET A 82 -2.90 -6.52 -5.21
N GLU A 83 -2.95 -5.72 -6.28
CA GLU A 83 -2.38 -6.12 -7.56
C GLU A 83 -1.03 -5.45 -7.79
N VAL A 84 -0.06 -6.24 -8.24
CA VAL A 84 1.28 -5.72 -8.50
C VAL A 84 1.47 -5.44 -9.99
N CYS A 85 1.76 -4.18 -10.30
CA CYS A 85 1.96 -3.76 -11.69
C CYS A 85 2.93 -2.58 -11.76
N LYS A 86 3.56 -2.41 -12.91
CA LYS A 86 4.50 -1.31 -13.12
C LYS A 86 4.18 -0.56 -14.41
N LEU A 87 4.31 0.76 -14.36
CA LEU A 87 4.05 1.59 -15.53
C LEU A 87 5.27 2.43 -15.90
N PRO A 88 5.40 2.75 -17.19
CA PRO A 88 6.53 3.55 -17.70
C PRO A 88 6.46 5.00 -17.24
N ARG A 89 5.25 5.48 -16.96
CA ARG A 89 5.05 6.85 -16.52
C ARG A 89 5.71 7.08 -15.16
N LEU A 90 5.32 6.28 -14.18
CA LEU A 90 5.88 6.40 -12.83
C LEU A 90 7.18 5.62 -12.71
N SER A 91 7.29 4.54 -13.49
CA SER A 91 8.49 3.71 -13.47
C SER A 91 8.74 3.15 -12.07
N LEU A 92 7.66 2.91 -11.34
CA LEU A 92 7.76 2.37 -9.98
C LEU A 92 6.54 1.52 -9.64
N ASN A 93 6.78 0.27 -9.30
CA ASN A 93 5.70 -0.65 -8.95
C ASN A 93 4.61 0.06 -8.18
N GLY A 94 3.49 0.33 -8.84
CA GLY A 94 2.38 1.01 -8.20
C GLY A 94 1.41 0.05 -7.55
N VAL A 95 1.38 0.05 -6.22
CA VAL A 95 0.49 -0.82 -5.47
C VAL A 95 -0.82 -0.11 -5.12
N ARG A 96 -1.89 -0.47 -5.84
CA ARG A 96 -3.19 0.14 -5.61
C ARG A 96 -3.98 -0.66 -4.58
N PHE A 97 -4.67 0.05 -3.70
CA PHE A 97 -5.47 -0.60 -2.65
C PHE A 97 -6.97 -0.45 -2.95
N LYS A 98 -7.61 -1.56 -3.29
CA LYS A 98 -9.03 -1.56 -3.60
C LYS A 98 -9.84 -2.13 -2.43
N ARG A 99 -10.73 -1.31 -1.88
CA ARG A 99 -11.57 -1.72 -0.76
C ARG A 99 -12.78 -2.49 -1.25
N ILE A 100 -12.75 -3.81 -1.10
CA ILE A 100 -13.85 -4.67 -1.53
C ILE A 100 -15.05 -4.53 -0.58
N SER A 101 -14.78 -4.64 0.71
CA SER A 101 -15.84 -4.53 1.71
C SER A 101 -15.27 -4.02 3.04
N GLY A 102 -16.16 -3.74 3.99
CA GLY A 102 -15.73 -3.26 5.28
C GLY A 102 -16.03 -1.78 5.47
N THR A 103 -15.06 -1.05 6.04
CA THR A 103 -15.22 0.37 6.28
C THR A 103 -13.99 1.15 5.83
N SER A 104 -14.19 2.41 5.47
CA SER A 104 -13.10 3.26 5.01
C SER A 104 -12.08 3.47 6.13
N ILE A 105 -12.54 4.00 7.26
CA ILE A 105 -11.67 4.26 8.40
C ILE A 105 -10.63 3.15 8.55
N ALA A 106 -11.09 1.95 8.92
CA ALA A 106 -10.21 0.82 9.10
C ALA A 106 -9.43 0.52 7.82
N PHE A 107 -10.09 0.69 6.68
CA PHE A 107 -9.45 0.44 5.39
C PHE A 107 -8.20 1.29 5.22
N LYS A 108 -8.25 2.52 5.70
CA LYS A 108 -7.12 3.44 5.61
C LYS A 108 -6.15 3.22 6.77
N ASN A 109 -6.63 3.42 7.99
CA ASN A 109 -5.80 3.24 9.17
C ASN A 109 -4.86 2.06 9.01
N ILE A 110 -5.33 1.02 8.33
CA ILE A 110 -4.53 -0.17 8.10
C ILE A 110 -3.65 -0.01 6.86
N ALA A 111 -4.19 0.66 5.84
CA ALA A 111 -3.45 0.90 4.61
C ALA A 111 -2.19 1.71 4.87
N SER A 112 -2.25 2.58 5.87
CA SER A 112 -1.10 3.41 6.22
C SER A 112 0.00 2.59 6.87
N LYS A 113 -0.39 1.58 7.64
CA LYS A 113 0.56 0.72 8.32
C LYS A 113 1.33 -0.14 7.32
N ILE A 114 0.60 -0.97 6.58
CA ILE A 114 1.22 -1.84 5.59
C ILE A 114 2.36 -1.13 4.87
N ALA A 115 2.12 0.11 4.48
CA ALA A 115 3.13 0.91 3.78
C ALA A 115 4.40 1.04 4.61
N ASN A 116 4.24 1.44 5.87
CA ASN A 116 5.37 1.61 6.77
C ASN A 116 6.29 0.39 6.73
N GLU A 117 5.69 -0.80 6.84
CA GLU A 117 6.46 -2.04 6.82
C GLU A 117 7.16 -2.21 5.48
N LEU A 118 6.43 -1.98 4.39
CA LEU A 118 6.99 -2.11 3.05
C LEU A 118 7.71 -0.82 2.64
N LYS A 119 8.21 -0.09 3.62
CA LYS A 119 8.92 1.15 3.36
C LYS A 119 8.31 1.89 2.18
N LEU A 120 6.99 1.80 2.05
CA LEU A 120 6.27 2.47 0.97
C LEU A 120 6.07 3.95 1.29
N SER A 121 5.80 4.74 0.25
CA SER A 121 5.57 6.18 0.42
C SER A 121 4.84 6.46 1.74
N GLY A 122 3.58 6.06 1.80
CA GLY A 122 2.79 6.28 2.99
C GLY A 122 2.02 7.59 2.95
N PRO A 123 1.14 7.73 1.94
CA PRO A 123 0.33 8.94 1.77
C PRO A 123 -0.73 9.09 2.85
N SER A 124 -1.08 10.33 3.16
CA SER A 124 -2.08 10.61 4.19
C SER A 124 -3.14 11.57 3.67
N SER A 125 -4.23 11.71 4.41
CA SER A 125 -5.33 12.60 4.02
C SER A 125 -5.17 13.97 4.68
N GLY A 126 -4.84 14.97 3.87
CA GLY A 126 -4.66 16.31 4.38
C GLY A 126 -5.63 17.31 3.76
N MET A 1 -0.62 2.99 -30.35
CA MET A 1 0.52 3.89 -30.52
C MET A 1 0.08 5.34 -30.43
N LYS A 2 0.40 5.99 -29.30
CA LYS A 2 0.04 7.38 -29.09
C LYS A 2 1.29 8.23 -28.81
N ASP A 3 2.32 8.06 -29.62
CA ASP A 3 3.56 8.80 -29.46
C ASP A 3 4.13 8.61 -28.05
N HIS A 4 4.14 7.36 -27.60
CA HIS A 4 4.65 7.03 -26.28
C HIS A 4 5.93 6.19 -26.38
N LEU A 5 7.06 6.86 -26.51
CA LEU A 5 8.35 6.19 -26.62
C LEU A 5 9.01 6.05 -25.25
N ILE A 6 8.22 5.66 -24.25
CA ILE A 6 8.73 5.49 -22.90
C ILE A 6 10.12 4.88 -22.91
N HIS A 7 10.94 5.24 -21.93
CA HIS A 7 12.30 4.72 -21.82
C HIS A 7 12.53 4.07 -20.46
N ASN A 8 13.28 2.98 -20.46
CA ASN A 8 13.57 2.25 -19.22
C ASN A 8 15.06 2.34 -18.89
N VAL A 9 15.46 3.46 -18.30
CA VAL A 9 16.85 3.67 -17.91
C VAL A 9 16.96 4.24 -16.52
N HIS A 10 17.41 3.41 -15.58
CA HIS A 10 17.57 3.84 -14.19
C HIS A 10 18.68 4.86 -14.05
N LYS A 11 18.31 6.10 -13.72
CA LYS A 11 19.28 7.16 -13.56
C LYS A 11 19.38 7.60 -12.10
N GLU A 12 20.27 8.55 -11.82
CA GLU A 12 20.47 9.05 -10.47
C GLU A 12 19.64 10.32 -10.24
N GLU A 13 18.89 10.34 -9.14
CA GLU A 13 18.06 11.49 -8.80
C GLU A 13 18.42 12.03 -7.43
N HIS A 14 18.63 13.34 -7.34
CA HIS A 14 18.98 13.99 -6.09
C HIS A 14 17.98 15.09 -5.74
N ALA A 15 16.84 14.70 -5.18
CA ALA A 15 15.80 15.64 -4.81
C ALA A 15 14.83 15.04 -3.81
N HIS A 16 14.09 15.90 -3.11
CA HIS A 16 13.12 15.44 -2.12
C HIS A 16 12.08 14.53 -2.76
N ALA A 17 11.36 13.78 -1.92
CA ALA A 17 10.33 12.86 -2.40
C ALA A 17 9.18 13.64 -3.04
N HIS A 18 8.97 13.41 -4.34
CA HIS A 18 7.90 14.09 -5.06
C HIS A 18 6.54 13.51 -4.68
N ASN A 19 5.91 14.11 -3.67
CA ASN A 19 4.60 13.65 -3.20
C ASN A 19 3.48 14.40 -3.91
N LYS A 20 2.31 13.78 -3.96
CA LYS A 20 1.15 14.38 -4.61
C LYS A 20 -0.05 14.42 -3.67
N ASP A 21 -0.05 15.38 -2.76
CA ASP A 21 -1.14 15.53 -1.80
C ASP A 21 -1.58 16.98 -1.70
N TYR A 22 -2.43 17.42 -2.62
CA TYR A 22 -2.92 18.78 -2.63
C TYR A 22 -4.44 18.82 -2.72
N ASP A 23 -4.97 18.42 -3.87
CA ASP A 23 -6.42 18.40 -4.07
C ASP A 23 -6.89 17.00 -4.48
N ILE A 24 -6.48 16.00 -3.72
CA ILE A 24 -6.86 14.62 -4.00
C ILE A 24 -8.24 14.31 -3.43
N PRO A 25 -9.06 13.59 -4.22
CA PRO A 25 -10.42 13.21 -3.82
C PRO A 25 -10.41 12.16 -2.72
N THR A 26 -11.60 11.79 -2.25
CA THR A 26 -11.73 10.79 -1.20
C THR A 26 -11.92 9.39 -1.79
N THR A 27 -11.17 9.11 -2.85
CA THR A 27 -11.25 7.81 -3.52
C THR A 27 -10.85 6.69 -2.56
N GLU A 28 -11.48 5.53 -2.73
CA GLU A 28 -11.19 4.37 -1.88
C GLU A 28 -9.98 3.61 -2.40
N ASN A 29 -9.20 4.25 -3.27
CA ASN A 29 -8.02 3.64 -3.85
C ASN A 29 -6.75 4.28 -3.31
N LEU A 30 -5.96 3.50 -2.58
CA LEU A 30 -4.71 4.01 -2.01
C LEU A 30 -3.51 3.44 -2.74
N TYR A 31 -2.56 4.31 -3.09
CA TYR A 31 -1.36 3.89 -3.80
C TYR A 31 -0.13 4.04 -2.91
N PHE A 32 0.90 3.25 -3.21
CA PHE A 32 2.14 3.29 -2.44
C PHE A 32 3.31 2.77 -3.26
N GLN A 33 4.38 3.56 -3.34
CA GLN A 33 5.57 3.18 -4.09
C GLN A 33 6.66 2.67 -3.17
N GLY A 34 7.41 1.66 -3.64
CA GLY A 34 8.48 1.10 -2.84
C GLY A 34 8.65 -0.39 -3.08
N SER A 35 8.97 -0.75 -4.32
CA SER A 35 9.16 -2.15 -4.69
C SER A 35 10.45 -2.69 -4.09
N SER A 36 10.35 -3.85 -3.43
CA SER A 36 11.52 -4.48 -2.81
C SER A 36 12.35 -5.23 -3.85
N GLY A 37 12.89 -4.49 -4.81
CA GLY A 37 13.69 -5.10 -5.86
C GLY A 37 12.93 -5.29 -7.15
N SER A 38 12.20 -6.38 -7.25
CA SER A 38 11.42 -6.68 -8.45
C SER A 38 9.92 -6.64 -8.15
N SER A 39 9.11 -6.92 -9.18
CA SER A 39 7.67 -6.91 -9.03
C SER A 39 7.19 -8.13 -8.24
N GLY A 40 7.89 -9.26 -8.43
CA GLY A 40 7.52 -10.48 -7.75
C GLY A 40 7.68 -10.36 -6.24
N ASP A 41 8.84 -9.86 -5.80
CA ASP A 41 9.10 -9.70 -4.38
C ASP A 41 7.91 -9.08 -3.67
N MET A 42 7.33 -8.04 -4.27
CA MET A 42 6.18 -7.37 -3.68
C MET A 42 5.22 -8.37 -3.04
N MET A 43 4.80 -9.36 -3.83
CA MET A 43 3.88 -10.38 -3.34
C MET A 43 4.45 -11.08 -2.10
N ARG A 44 5.73 -11.42 -2.16
CA ARG A 44 6.39 -12.09 -1.04
C ARG A 44 6.41 -11.18 0.19
N GLU A 45 7.05 -10.02 0.05
CA GLU A 45 7.14 -9.08 1.16
C GLU A 45 5.77 -8.80 1.76
N ILE A 46 4.88 -8.24 0.96
CA ILE A 46 3.52 -7.93 1.42
C ILE A 46 2.98 -9.02 2.34
N ARG A 47 2.95 -10.25 1.83
CA ARG A 47 2.45 -11.38 2.61
C ARG A 47 3.03 -11.35 4.02
N LYS A 48 4.33 -11.17 4.12
CA LYS A 48 5.00 -11.13 5.42
C LYS A 48 4.38 -10.08 6.31
N VAL A 49 4.11 -8.90 5.75
CA VAL A 49 3.51 -7.80 6.50
C VAL A 49 2.10 -8.16 6.96
N LEU A 50 1.33 -8.74 6.06
CA LEU A 50 -0.04 -9.13 6.38
C LEU A 50 -0.08 -10.03 7.61
N GLY A 51 0.64 -11.15 7.54
CA GLY A 51 0.68 -12.08 8.65
C GLY A 51 1.08 -11.41 9.96
N ALA A 52 1.93 -10.39 9.85
CA ALA A 52 2.40 -9.66 11.02
C ALA A 52 1.25 -8.94 11.71
N ASN A 53 0.36 -8.35 10.91
CA ASN A 53 -0.79 -7.63 11.44
C ASN A 53 -2.04 -8.50 11.42
N ASN A 54 -1.88 -9.77 11.75
CA ASN A 54 -2.99 -10.71 11.76
C ASN A 54 -3.88 -10.52 10.53
N CYS A 55 -3.25 -10.38 9.37
CA CYS A 55 -3.98 -10.19 8.12
C CYS A 55 -3.87 -11.44 7.24
N ASP A 56 -5.02 -11.91 6.76
CA ASP A 56 -5.07 -13.10 5.92
C ASP A 56 -5.09 -12.71 4.44
N TYR A 57 -4.47 -13.54 3.61
CA TYR A 57 -4.42 -13.27 2.18
C TYR A 57 -4.74 -14.54 1.39
N GLU A 58 -5.41 -14.37 0.25
CA GLU A 58 -5.78 -15.50 -0.60
C GLU A 58 -5.39 -15.23 -2.06
N GLN A 59 -4.31 -15.86 -2.50
CA GLN A 59 -3.84 -15.70 -3.87
C GLN A 59 -4.84 -16.26 -4.86
N ARG A 60 -5.52 -15.36 -5.58
CA ARG A 60 -6.51 -15.78 -6.57
C ARG A 60 -5.86 -15.99 -7.93
N GLU A 61 -5.03 -15.05 -8.35
CA GLU A 61 -4.35 -15.14 -9.64
C GLU A 61 -2.83 -15.11 -9.45
N ARG A 62 -2.11 -15.17 -10.57
CA ARG A 62 -0.65 -15.15 -10.52
C ARG A 62 -0.14 -13.94 -9.74
N PHE A 63 -0.48 -12.75 -10.22
CA PHE A 63 -0.06 -11.51 -9.57
C PHE A 63 -1.24 -10.84 -8.86
N LEU A 64 -1.87 -11.59 -7.96
CA LEU A 64 -3.01 -11.08 -7.21
C LEU A 64 -3.10 -11.73 -5.83
N LEU A 65 -3.59 -10.98 -4.86
CA LEU A 65 -3.72 -11.49 -3.50
C LEU A 65 -4.87 -10.80 -2.77
N PHE A 66 -5.83 -11.61 -2.31
CA PHE A 66 -7.00 -11.08 -1.60
C PHE A 66 -6.68 -10.87 -0.12
N CYS A 67 -6.28 -9.65 0.22
CA CYS A 67 -5.95 -9.32 1.60
C CYS A 67 -7.20 -9.03 2.41
N VAL A 68 -7.21 -9.47 3.67
CA VAL A 68 -8.35 -9.27 4.54
C VAL A 68 -7.92 -9.20 6.00
N HIS A 69 -8.26 -8.11 6.68
CA HIS A 69 -7.91 -7.93 8.08
C HIS A 69 -9.13 -8.08 8.97
N GLY A 70 -8.95 -8.71 10.13
CA GLY A 70 -10.04 -8.90 11.05
C GLY A 70 -9.77 -10.00 12.07
N ASP A 71 -9.48 -9.60 13.30
CA ASP A 71 -9.19 -10.54 14.36
C ASP A 71 -10.31 -11.58 14.49
N GLY A 72 -11.49 -11.22 14.03
CA GLY A 72 -12.63 -12.12 14.09
C GLY A 72 -13.93 -11.39 14.37
N HIS A 73 -14.04 -10.17 13.87
CA HIS A 73 -15.25 -9.37 14.07
C HIS A 73 -15.56 -8.54 12.83
N ALA A 74 -16.65 -8.89 12.14
CA ALA A 74 -17.05 -8.18 10.93
C ALA A 74 -16.93 -6.67 11.13
N GLU A 75 -17.23 -6.20 12.33
CA GLU A 75 -17.15 -4.78 12.64
C GLU A 75 -15.78 -4.22 12.29
N ASN A 76 -14.74 -4.97 12.64
CA ASN A 76 -13.36 -4.55 12.37
C ASN A 76 -12.76 -5.36 11.23
N LEU A 77 -13.61 -5.81 10.32
CA LEU A 77 -13.16 -6.60 9.17
C LEU A 77 -13.11 -5.74 7.91
N VAL A 78 -12.01 -5.87 7.17
CA VAL A 78 -11.84 -5.11 5.93
C VAL A 78 -11.20 -5.98 4.85
N GLN A 79 -11.79 -5.95 3.67
CA GLN A 79 -11.29 -6.74 2.54
C GLN A 79 -10.70 -5.83 1.46
N TRP A 80 -9.52 -6.17 0.98
CA TRP A 80 -8.86 -5.39 -0.06
C TRP A 80 -7.89 -6.26 -0.87
N GLU A 81 -7.99 -6.15 -2.19
CA GLU A 81 -7.13 -6.92 -3.08
C GLU A 81 -5.88 -6.13 -3.46
N MET A 82 -4.72 -6.72 -3.27
CA MET A 82 -3.45 -6.08 -3.60
C MET A 82 -2.84 -6.69 -4.85
N GLU A 83 -3.09 -6.06 -5.99
CA GLU A 83 -2.56 -6.54 -7.26
C GLU A 83 -1.37 -5.70 -7.71
N VAL A 84 -0.29 -6.37 -8.08
CA VAL A 84 0.92 -5.68 -8.53
C VAL A 84 0.81 -5.29 -10.01
N CYS A 85 0.58 -4.01 -10.25
CA CYS A 85 0.45 -3.51 -11.62
C CYS A 85 1.54 -2.48 -11.92
N LYS A 86 1.53 -1.97 -13.14
CA LYS A 86 2.51 -0.97 -13.57
C LYS A 86 1.81 0.32 -14.01
N LEU A 87 2.14 1.42 -13.34
CA LEU A 87 1.55 2.72 -13.67
C LEU A 87 1.95 3.16 -15.07
N PRO A 88 1.00 3.76 -15.80
CA PRO A 88 1.23 4.24 -17.16
C PRO A 88 2.15 5.45 -17.20
N ARG A 89 1.89 6.41 -16.32
CA ARG A 89 2.70 7.62 -16.26
C ARG A 89 3.90 7.42 -15.33
N LEU A 90 3.63 7.11 -14.07
CA LEU A 90 4.68 6.89 -13.09
C LEU A 90 5.66 5.83 -13.57
N SER A 91 5.17 4.91 -14.39
CA SER A 91 6.00 3.83 -14.92
C SER A 91 6.70 3.08 -13.79
N LEU A 92 5.93 2.75 -12.75
CA LEU A 92 6.46 2.02 -11.60
C LEU A 92 5.55 0.86 -11.22
N ASN A 93 6.02 0.03 -10.30
CA ASN A 93 5.25 -1.12 -9.84
C ASN A 93 4.37 -0.75 -8.64
N GLY A 94 4.09 0.54 -8.51
CA GLY A 94 3.26 1.01 -7.41
C GLY A 94 2.19 0.01 -7.02
N VAL A 95 1.94 -0.12 -5.73
CA VAL A 95 0.92 -1.05 -5.24
C VAL A 95 -0.42 -0.35 -5.05
N ARG A 96 -1.40 -0.75 -5.85
CA ARG A 96 -2.73 -0.16 -5.78
C ARG A 96 -3.59 -0.90 -4.76
N PHE A 97 -4.44 -0.16 -4.05
CA PHE A 97 -5.32 -0.75 -3.05
C PHE A 97 -6.79 -0.59 -3.46
N LYS A 98 -7.49 -1.72 -3.57
CA LYS A 98 -8.89 -1.71 -3.96
C LYS A 98 -9.77 -2.17 -2.79
N ARG A 99 -10.69 -1.31 -2.37
CA ARG A 99 -11.59 -1.63 -1.27
C ARG A 99 -12.63 -2.65 -1.70
N ILE A 100 -12.74 -3.74 -0.95
CA ILE A 100 -13.71 -4.79 -1.26
C ILE A 100 -14.95 -4.67 -0.40
N SER A 101 -14.75 -4.55 0.92
CA SER A 101 -15.86 -4.42 1.85
C SER A 101 -15.35 -4.14 3.26
N GLY A 102 -16.19 -3.50 4.07
CA GLY A 102 -15.80 -3.18 5.43
C GLY A 102 -16.06 -1.72 5.78
N THR A 103 -15.01 -1.03 6.23
CA THR A 103 -15.13 0.37 6.60
C THR A 103 -13.97 1.19 6.04
N SER A 104 -14.27 2.39 5.57
CA SER A 104 -13.26 3.27 5.01
C SER A 104 -12.17 3.58 6.03
N ILE A 105 -12.60 4.04 7.21
CA ILE A 105 -11.66 4.37 8.27
C ILE A 105 -10.62 3.27 8.46
N ALA A 106 -11.09 2.07 8.80
CA ALA A 106 -10.20 0.94 9.00
C ALA A 106 -9.42 0.63 7.73
N PHE A 107 -10.05 0.85 6.58
CA PHE A 107 -9.40 0.58 5.30
C PHE A 107 -8.14 1.42 5.14
N LYS A 108 -8.23 2.69 5.51
CA LYS A 108 -7.09 3.61 5.41
C LYS A 108 -6.15 3.43 6.59
N ASN A 109 -6.71 3.40 7.80
CA ASN A 109 -5.92 3.23 9.01
C ASN A 109 -4.96 2.05 8.87
N ILE A 110 -5.45 0.95 8.34
CA ILE A 110 -4.64 -0.25 8.15
C ILE A 110 -3.73 -0.11 6.94
N ALA A 111 -4.23 0.56 5.90
CA ALA A 111 -3.45 0.77 4.69
C ALA A 111 -2.16 1.52 4.98
N SER A 112 -2.15 2.27 6.08
CA SER A 112 -0.97 3.04 6.47
C SER A 112 0.13 2.12 6.98
N LYS A 113 -0.24 1.19 7.85
CA LYS A 113 0.72 0.25 8.41
C LYS A 113 1.45 -0.51 7.31
N ILE A 114 0.69 -1.24 6.51
CA ILE A 114 1.27 -2.01 5.41
C ILE A 114 2.33 -1.21 4.67
N ALA A 115 1.98 0.00 4.25
CA ALA A 115 2.90 0.86 3.54
C ALA A 115 4.18 1.09 4.34
N ASN A 116 4.03 1.65 5.54
CA ASN A 116 5.17 1.91 6.41
C ASN A 116 6.06 0.68 6.54
N GLU A 117 5.45 -0.43 6.95
CA GLU A 117 6.18 -1.68 7.10
C GLU A 117 6.89 -2.07 5.81
N LEU A 118 6.18 -1.96 4.70
CA LEU A 118 6.74 -2.29 3.39
C LEU A 118 7.71 -1.23 2.92
N LYS A 119 7.90 -0.20 3.74
CA LYS A 119 8.80 0.90 3.41
C LYS A 119 8.36 1.61 2.14
N LEU A 120 7.04 1.64 1.92
CA LEU A 120 6.49 2.29 0.74
C LEU A 120 6.32 3.79 0.97
N SER A 121 5.86 4.50 -0.06
CA SER A 121 5.66 5.94 0.04
C SER A 121 5.03 6.31 1.38
N GLY A 122 3.86 5.75 1.65
CA GLY A 122 3.18 6.03 2.91
C GLY A 122 2.61 7.44 2.94
N PRO A 123 1.65 7.72 2.04
CA PRO A 123 1.01 9.03 1.95
C PRO A 123 0.09 9.30 3.15
N SER A 124 0.40 10.37 3.88
CA SER A 124 -0.40 10.74 5.05
C SER A 124 -0.66 12.24 5.08
N SER A 125 -1.94 12.61 5.10
CA SER A 125 -2.32 14.02 5.12
C SER A 125 -1.35 14.84 5.97
N GLY A 126 -1.05 14.34 7.17
CA GLY A 126 -0.15 15.04 8.06
C GLY A 126 0.28 14.17 9.23
N MET A 1 8.44 -10.89 -45.62
CA MET A 1 9.45 -10.03 -45.02
C MET A 1 8.80 -8.94 -44.17
N LYS A 2 7.95 -9.36 -43.24
CA LYS A 2 7.27 -8.42 -42.36
C LYS A 2 7.85 -8.46 -40.95
N ASP A 3 8.36 -7.32 -40.49
CA ASP A 3 8.95 -7.22 -39.17
C ASP A 3 8.37 -6.05 -38.39
N HIS A 4 8.72 -5.96 -37.11
CA HIS A 4 8.23 -4.88 -36.26
C HIS A 4 9.07 -4.76 -35.00
N LEU A 5 9.72 -3.62 -34.82
CA LEU A 5 10.56 -3.38 -33.66
C LEU A 5 10.34 -1.97 -33.10
N ILE A 6 9.92 -1.89 -31.85
CA ILE A 6 9.68 -0.60 -31.20
C ILE A 6 10.86 -0.20 -30.32
N HIS A 7 11.65 0.74 -30.80
CA HIS A 7 12.82 1.21 -30.06
C HIS A 7 12.90 2.73 -30.09
N ASN A 8 12.14 3.38 -29.22
CA ASN A 8 12.13 4.84 -29.15
C ASN A 8 11.80 5.31 -27.74
N VAL A 9 12.61 6.22 -27.22
CA VAL A 9 12.42 6.76 -25.88
C VAL A 9 13.02 8.15 -25.75
N HIS A 10 12.19 9.14 -25.43
CA HIS A 10 12.65 10.51 -25.27
C HIS A 10 12.23 11.07 -23.92
N LYS A 11 13.14 11.03 -22.95
CA LYS A 11 12.86 11.53 -21.61
C LYS A 11 13.99 12.41 -21.12
N GLU A 12 13.73 13.16 -20.05
CA GLU A 12 14.74 14.06 -19.48
C GLU A 12 14.55 14.19 -17.97
N GLU A 13 15.63 13.98 -17.22
CA GLU A 13 15.58 14.08 -15.77
C GLU A 13 16.79 14.84 -15.24
N HIS A 14 16.59 15.60 -14.16
CA HIS A 14 17.66 16.38 -13.56
C HIS A 14 17.80 16.03 -12.07
N ALA A 15 16.67 16.02 -11.36
CA ALA A 15 16.68 15.72 -9.94
C ALA A 15 15.28 15.31 -9.46
N HIS A 16 15.22 14.31 -8.59
CA HIS A 16 13.95 13.83 -8.06
C HIS A 16 13.95 13.88 -6.53
N ALA A 17 12.79 14.13 -5.96
CA ALA A 17 12.65 14.20 -4.51
C ALA A 17 11.25 13.76 -4.07
N HIS A 18 11.16 13.26 -2.84
CA HIS A 18 9.89 12.80 -2.30
C HIS A 18 8.99 13.98 -1.94
N ASN A 19 8.17 14.40 -2.89
CA ASN A 19 7.27 15.53 -2.68
C ASN A 19 5.81 15.07 -2.77
N LYS A 20 5.51 13.93 -2.15
CA LYS A 20 4.17 13.39 -2.14
C LYS A 20 3.25 14.21 -1.23
N ASP A 21 2.85 15.38 -1.71
CA ASP A 21 1.97 16.26 -0.95
C ASP A 21 0.86 16.82 -1.83
N TYR A 22 -0.20 16.03 -2.00
CA TYR A 22 -1.33 16.45 -2.82
C TYR A 22 -2.64 16.32 -2.05
N ASP A 23 -3.74 16.74 -2.67
CA ASP A 23 -5.05 16.67 -2.05
C ASP A 23 -5.74 15.35 -2.38
N ILE A 24 -5.53 14.36 -1.52
CA ILE A 24 -6.13 13.04 -1.72
C ILE A 24 -7.65 13.12 -1.69
N PRO A 25 -8.30 12.41 -2.62
CA PRO A 25 -9.76 12.38 -2.73
C PRO A 25 -10.41 11.63 -1.57
N THR A 26 -11.74 11.68 -1.52
CA THR A 26 -12.49 11.01 -0.46
C THR A 26 -13.06 9.69 -0.94
N THR A 27 -12.32 9.00 -1.82
CA THR A 27 -12.76 7.72 -2.36
C THR A 27 -12.00 6.56 -1.72
N GLU A 28 -12.26 5.36 -2.20
CA GLU A 28 -11.59 4.17 -1.69
C GLU A 28 -10.50 3.69 -2.64
N ASN A 29 -9.43 4.47 -2.75
CA ASN A 29 -8.32 4.13 -3.63
C ASN A 29 -7.02 4.74 -3.12
N LEU A 30 -6.08 3.88 -2.74
CA LEU A 30 -4.79 4.34 -2.24
C LEU A 30 -3.65 3.87 -3.14
N TYR A 31 -2.65 4.72 -3.30
CA TYR A 31 -1.49 4.40 -4.15
C TYR A 31 -0.19 4.71 -3.43
N PHE A 32 0.70 3.74 -3.38
CA PHE A 32 1.99 3.90 -2.73
C PHE A 32 3.14 3.51 -3.66
N GLN A 33 4.36 3.79 -3.23
CA GLN A 33 5.53 3.46 -4.04
C GLN A 33 6.70 3.02 -3.15
N GLY A 34 7.44 2.02 -3.61
CA GLY A 34 8.56 1.51 -2.84
C GLY A 34 8.95 0.10 -3.24
N SER A 35 9.45 -0.05 -4.46
CA SER A 35 9.86 -1.36 -4.96
C SER A 35 11.01 -1.92 -4.15
N SER A 36 10.94 -3.20 -3.82
CA SER A 36 11.98 -3.86 -3.04
C SER A 36 12.78 -4.83 -3.90
N GLY A 37 12.91 -4.50 -5.19
CA GLY A 37 13.64 -5.36 -6.10
C GLY A 37 12.84 -5.69 -7.35
N SER A 38 12.20 -6.85 -7.34
CA SER A 38 11.40 -7.29 -8.49
C SER A 38 9.92 -7.33 -8.13
N SER A 39 9.08 -7.13 -9.14
CA SER A 39 7.63 -7.13 -8.93
C SER A 39 7.18 -8.43 -8.27
N GLY A 40 7.93 -9.50 -8.52
CA GLY A 40 7.59 -10.79 -7.94
C GLY A 40 7.76 -10.81 -6.43
N ASP A 41 8.91 -10.34 -5.96
CA ASP A 41 9.20 -10.30 -4.54
C ASP A 41 8.01 -9.74 -3.75
N MET A 42 7.40 -8.69 -4.29
CA MET A 42 6.25 -8.06 -3.64
C MET A 42 5.30 -9.12 -3.09
N MET A 43 4.75 -9.93 -3.98
CA MET A 43 3.82 -10.98 -3.59
C MET A 43 4.22 -11.58 -2.24
N ARG A 44 5.51 -11.68 -2.00
CA ARG A 44 6.03 -12.23 -0.75
C ARG A 44 6.20 -11.14 0.30
N GLU A 45 7.06 -10.17 0.01
CA GLU A 45 7.31 -9.07 0.93
C GLU A 45 6.01 -8.61 1.59
N ILE A 46 4.93 -8.64 0.82
CA ILE A 46 3.63 -8.21 1.34
C ILE A 46 3.17 -9.12 2.47
N ARG A 47 2.88 -10.37 2.14
CA ARG A 47 2.42 -11.34 3.14
C ARG A 47 3.10 -11.09 4.49
N LYS A 48 4.38 -10.75 4.44
CA LYS A 48 5.14 -10.48 5.65
C LYS A 48 4.35 -9.61 6.63
N VAL A 49 3.86 -8.48 6.13
CA VAL A 49 3.07 -7.56 6.94
C VAL A 49 1.75 -8.20 7.37
N LEU A 50 1.10 -8.88 6.43
CA LEU A 50 -0.17 -9.53 6.70
C LEU A 50 -0.06 -10.49 7.88
N GLY A 51 0.82 -11.48 7.75
CA GLY A 51 1.02 -12.45 8.81
C GLY A 51 1.31 -11.79 10.15
N ALA A 52 2.06 -10.70 10.11
CA ALA A 52 2.41 -9.98 11.33
C ALA A 52 1.17 -9.43 12.02
N ASN A 53 0.25 -8.89 11.22
CA ASN A 53 -0.99 -8.33 11.76
C ASN A 53 -2.11 -9.36 11.73
N ASN A 54 -1.77 -10.61 12.03
CA ASN A 54 -2.75 -11.69 12.04
C ASN A 54 -3.71 -11.56 10.86
N CYS A 55 -3.17 -11.20 9.70
CA CYS A 55 -3.97 -11.05 8.49
C CYS A 55 -3.81 -12.25 7.57
N ASP A 56 -4.83 -12.51 6.77
CA ASP A 56 -4.81 -13.63 5.84
C ASP A 56 -4.77 -13.15 4.39
N TYR A 57 -4.22 -13.97 3.51
CA TYR A 57 -4.11 -13.61 2.10
C TYR A 57 -4.47 -14.81 1.21
N GLU A 58 -5.20 -14.53 0.13
CA GLU A 58 -5.62 -15.58 -0.80
C GLU A 58 -5.24 -15.22 -2.23
N GLN A 59 -4.20 -15.86 -2.74
CA GLN A 59 -3.73 -15.62 -4.09
C GLN A 59 -4.75 -16.07 -5.12
N ARG A 60 -5.20 -15.15 -5.96
CA ARG A 60 -6.20 -15.46 -6.98
C ARG A 60 -5.53 -15.56 -8.36
N GLU A 61 -4.91 -14.47 -8.78
CA GLU A 61 -4.24 -14.43 -10.09
C GLU A 61 -2.73 -14.59 -9.93
N ARG A 62 -2.01 -14.48 -11.04
CA ARG A 62 -0.56 -14.61 -11.02
C ARG A 62 0.08 -13.52 -10.18
N PHE A 63 -0.26 -12.27 -10.49
CA PHE A 63 0.29 -11.13 -9.76
C PHE A 63 -0.80 -10.44 -8.94
N LEU A 64 -1.61 -11.24 -8.26
CA LEU A 64 -2.70 -10.71 -7.44
C LEU A 64 -2.77 -11.45 -6.10
N LEU A 65 -3.26 -10.77 -5.08
CA LEU A 65 -3.39 -11.35 -3.76
C LEU A 65 -4.54 -10.71 -2.98
N PHE A 66 -5.46 -11.54 -2.50
CA PHE A 66 -6.60 -11.05 -1.74
C PHE A 66 -6.24 -10.85 -0.27
N CYS A 67 -5.99 -9.60 0.11
CA CYS A 67 -5.64 -9.27 1.48
C CYS A 67 -6.88 -9.02 2.32
N VAL A 68 -6.86 -9.50 3.56
CA VAL A 68 -7.98 -9.32 4.47
C VAL A 68 -7.51 -9.20 5.92
N HIS A 69 -8.06 -8.22 6.63
CA HIS A 69 -7.70 -8.00 8.02
C HIS A 69 -8.86 -8.35 8.95
N GLY A 70 -8.54 -8.89 10.12
CA GLY A 70 -9.55 -9.26 11.07
C GLY A 70 -9.14 -8.99 12.51
N ASP A 71 -10.09 -8.60 13.34
CA ASP A 71 -9.81 -8.31 14.74
C ASP A 71 -10.82 -9.01 15.65
N GLY A 72 -12.11 -8.81 15.34
CA GLY A 72 -13.16 -9.43 16.14
C GLY A 72 -14.47 -9.52 15.39
N HIS A 73 -14.80 -8.48 14.64
CA HIS A 73 -16.04 -8.45 13.88
C HIS A 73 -15.86 -7.66 12.58
N ALA A 74 -16.85 -7.74 11.70
CA ALA A 74 -16.80 -7.04 10.42
C ALA A 74 -16.36 -5.60 10.61
N GLU A 75 -16.94 -4.92 11.60
CA GLU A 75 -16.61 -3.53 11.88
C GLU A 75 -15.12 -3.27 11.65
N ASN A 76 -14.29 -4.13 12.22
CA ASN A 76 -12.84 -3.99 12.08
C ASN A 76 -12.34 -4.74 10.85
N LEU A 77 -13.07 -5.79 10.46
CA LEU A 77 -12.69 -6.59 9.30
C LEU A 77 -12.73 -5.74 8.03
N VAL A 78 -11.75 -5.97 7.16
CA VAL A 78 -11.67 -5.23 5.90
C VAL A 78 -11.05 -6.09 4.80
N GLN A 79 -11.78 -6.25 3.70
CA GLN A 79 -11.31 -7.04 2.58
C GLN A 79 -10.85 -6.15 1.43
N TRP A 80 -9.65 -6.39 0.93
CA TRP A 80 -9.09 -5.61 -0.17
C TRP A 80 -8.12 -6.44 -0.99
N GLU A 81 -8.16 -6.26 -2.31
CA GLU A 81 -7.28 -7.00 -3.21
C GLU A 81 -6.01 -6.20 -3.51
N MET A 82 -4.86 -6.76 -3.14
CA MET A 82 -3.58 -6.11 -3.37
C MET A 82 -3.01 -6.49 -4.72
N GLU A 83 -3.13 -5.60 -5.69
CA GLU A 83 -2.61 -5.86 -7.03
C GLU A 83 -1.28 -5.15 -7.25
N VAL A 84 -0.37 -5.81 -7.97
CA VAL A 84 0.94 -5.25 -8.26
C VAL A 84 1.05 -4.83 -9.71
N CYS A 85 0.81 -3.55 -9.98
CA CYS A 85 0.90 -3.03 -11.34
C CYS A 85 2.23 -3.38 -11.98
N LYS A 86 2.39 -3.03 -13.25
CA LYS A 86 3.63 -3.31 -13.97
C LYS A 86 4.07 -2.08 -14.77
N LEU A 87 5.35 -1.73 -14.65
CA LEU A 87 5.90 -0.59 -15.37
C LEU A 87 6.50 -1.01 -16.70
N PRO A 88 6.61 -0.05 -17.63
CA PRO A 88 7.18 -0.31 -18.96
C PRO A 88 8.67 -0.58 -18.92
N ARG A 89 9.36 0.11 -18.02
CA ARG A 89 10.81 -0.06 -17.88
C ARG A 89 11.15 -0.72 -16.55
N LEU A 90 10.21 -1.48 -16.01
CA LEU A 90 10.41 -2.17 -14.74
C LEU A 90 11.16 -1.28 -13.76
N SER A 91 10.70 -0.03 -13.62
CA SER A 91 11.34 0.92 -12.72
C SER A 91 10.89 0.67 -11.28
N LEU A 92 9.78 -0.03 -11.12
CA LEU A 92 9.24 -0.34 -9.80
C LEU A 92 8.03 -1.25 -9.90
N ASN A 93 7.40 -1.52 -8.75
CA ASN A 93 6.22 -2.38 -8.72
C ASN A 93 5.04 -1.65 -8.10
N GLY A 94 4.22 -1.03 -8.95
CA GLY A 94 3.06 -0.29 -8.46
C GLY A 94 2.21 -1.13 -7.53
N VAL A 95 1.64 -0.48 -6.52
CA VAL A 95 0.80 -1.16 -5.55
C VAL A 95 -0.50 -0.41 -5.32
N ARG A 96 -1.59 -0.93 -5.87
CA ARG A 96 -2.90 -0.30 -5.72
C ARG A 96 -3.64 -0.84 -4.50
N PHE A 97 -4.68 -0.14 -4.08
CA PHE A 97 -5.47 -0.55 -2.93
C PHE A 97 -6.97 -0.35 -3.18
N LYS A 98 -7.69 -1.45 -3.33
CA LYS A 98 -9.13 -1.40 -3.57
C LYS A 98 -9.90 -1.98 -2.40
N ARG A 99 -10.82 -1.19 -1.85
CA ARG A 99 -11.63 -1.64 -0.72
C ARG A 99 -12.83 -2.43 -1.20
N ILE A 100 -12.96 -3.66 -0.71
CA ILE A 100 -14.08 -4.53 -1.09
C ILE A 100 -15.23 -4.42 -0.09
N SER A 101 -14.91 -4.64 1.19
CA SER A 101 -15.91 -4.57 2.25
C SER A 101 -15.38 -3.80 3.45
N GLY A 102 -16.25 -3.59 4.43
CA GLY A 102 -15.85 -2.87 5.63
C GLY A 102 -15.94 -1.36 5.46
N THR A 103 -15.67 -0.63 6.53
CA THR A 103 -15.73 0.83 6.50
C THR A 103 -14.46 1.42 5.90
N SER A 104 -14.59 2.56 5.24
CA SER A 104 -13.45 3.23 4.63
C SER A 104 -12.37 3.53 5.67
N ILE A 105 -12.79 4.13 6.78
CA ILE A 105 -11.86 4.48 7.85
C ILE A 105 -10.81 3.39 8.03
N ALA A 106 -11.25 2.20 8.48
CA ALA A 106 -10.35 1.09 8.68
C ALA A 106 -9.41 0.90 7.49
N PHE A 107 -9.98 0.96 6.30
CA PHE A 107 -9.19 0.80 5.07
C PHE A 107 -7.91 1.62 5.13
N LYS A 108 -8.06 2.93 5.33
CA LYS A 108 -6.91 3.82 5.40
C LYS A 108 -6.09 3.55 6.66
N ASN A 109 -6.77 3.44 7.79
CA ASN A 109 -6.10 3.17 9.06
C ASN A 109 -5.10 2.03 8.93
N ILE A 110 -5.51 0.98 8.22
CA ILE A 110 -4.63 -0.17 8.01
C ILE A 110 -3.72 0.04 6.81
N ALA A 111 -4.14 0.90 5.90
CA ALA A 111 -3.34 1.20 4.71
C ALA A 111 -2.00 1.81 5.07
N SER A 112 -2.00 2.66 6.10
CA SER A 112 -0.77 3.31 6.55
C SER A 112 0.24 2.29 7.06
N LYS A 113 -0.21 1.40 7.93
CA LYS A 113 0.65 0.37 8.49
C LYS A 113 1.33 -0.43 7.38
N ILE A 114 0.52 -1.12 6.57
CA ILE A 114 1.04 -1.91 5.47
C ILE A 114 2.19 -1.20 4.76
N ALA A 115 1.94 0.05 4.36
CA ALA A 115 2.95 0.85 3.69
C ALA A 115 4.20 1.01 4.54
N ASN A 116 4.03 1.55 5.73
CA ASN A 116 5.15 1.76 6.65
C ASN A 116 5.99 0.49 6.77
N GLU A 117 5.31 -0.66 6.84
CA GLU A 117 6.00 -1.93 6.97
C GLU A 117 6.68 -2.32 5.65
N LEU A 118 5.98 -2.09 4.55
CA LEU A 118 6.51 -2.41 3.22
C LEU A 118 7.41 -1.29 2.71
N LYS A 119 7.76 -0.37 3.60
CA LYS A 119 8.62 0.75 3.24
C LYS A 119 8.06 1.50 2.04
N LEU A 120 6.74 1.48 1.90
CA LEU A 120 6.08 2.16 0.78
C LEU A 120 5.71 3.59 1.16
N SER A 121 5.26 4.36 0.17
CA SER A 121 4.88 5.75 0.40
C SER A 121 3.84 5.85 1.50
N GLY A 122 3.34 7.07 1.74
CA GLY A 122 2.34 7.28 2.76
C GLY A 122 1.47 8.49 2.48
N PRO A 123 0.52 8.33 1.54
CA PRO A 123 -0.40 9.41 1.16
C PRO A 123 -1.41 9.72 2.26
N SER A 124 -1.10 10.74 3.06
CA SER A 124 -1.97 11.15 4.15
C SER A 124 -3.43 11.12 3.71
N SER A 125 -4.33 10.90 4.67
CA SER A 125 -5.76 10.85 4.38
C SER A 125 -6.36 12.25 4.38
N GLY A 126 -6.24 12.94 3.24
CA GLY A 126 -6.78 14.28 3.13
C GLY A 126 -6.16 15.05 1.99
N MET A 1 49.08 11.75 -24.88
CA MET A 1 48.01 12.68 -25.21
C MET A 1 46.64 12.07 -24.91
N LYS A 2 45.85 12.76 -24.11
CA LYS A 2 44.52 12.29 -23.74
C LYS A 2 43.46 13.36 -24.02
N ASP A 3 42.30 12.92 -24.50
CA ASP A 3 41.21 13.84 -24.80
C ASP A 3 39.96 13.50 -23.98
N HIS A 4 39.05 14.46 -23.89
CA HIS A 4 37.82 14.27 -23.14
C HIS A 4 36.70 15.12 -23.70
N LEU A 5 35.50 14.96 -23.17
CA LEU A 5 34.34 15.72 -23.62
C LEU A 5 33.46 16.13 -22.43
N ILE A 6 32.61 17.13 -22.65
CA ILE A 6 31.72 17.62 -21.60
C ILE A 6 30.48 16.74 -21.49
N HIS A 7 30.20 16.27 -20.28
CA HIS A 7 29.04 15.42 -20.03
C HIS A 7 27.77 16.26 -19.88
N ASN A 8 26.62 15.62 -20.01
CA ASN A 8 25.34 16.31 -19.88
C ASN A 8 24.76 16.11 -18.49
N VAL A 9 23.81 16.97 -18.13
CA VAL A 9 23.16 16.89 -16.83
C VAL A 9 21.66 17.14 -16.94
N HIS A 10 20.87 16.09 -16.74
CA HIS A 10 19.41 16.20 -16.83
C HIS A 10 18.87 17.05 -15.68
N LYS A 11 18.53 18.29 -15.97
CA LYS A 11 17.99 19.21 -14.98
C LYS A 11 16.48 19.32 -15.08
N GLU A 12 15.79 19.18 -13.96
CA GLU A 12 14.34 19.27 -13.93
C GLU A 12 13.88 20.49 -13.14
N GLU A 13 13.25 21.43 -13.83
CA GLU A 13 12.76 22.65 -13.18
C GLU A 13 11.22 22.70 -13.21
N HIS A 14 10.67 23.71 -12.55
CA HIS A 14 9.22 23.87 -12.51
C HIS A 14 8.54 22.54 -12.19
N ALA A 15 9.12 21.79 -11.26
CA ALA A 15 8.57 20.50 -10.87
C ALA A 15 8.65 20.30 -9.37
N HIS A 16 7.70 19.54 -8.81
CA HIS A 16 7.67 19.27 -7.38
C HIS A 16 9.09 19.16 -6.82
N ALA A 17 9.28 19.67 -5.60
CA ALA A 17 10.59 19.63 -4.96
C ALA A 17 10.47 19.15 -3.52
N HIS A 18 10.74 17.87 -3.31
CA HIS A 18 10.67 17.28 -1.97
C HIS A 18 9.43 17.79 -1.23
N ASN A 19 8.34 17.98 -1.96
CA ASN A 19 7.10 18.47 -1.37
C ASN A 19 5.95 17.51 -1.67
N LYS A 20 4.77 17.83 -1.15
CA LYS A 20 3.59 17.01 -1.35
C LYS A 20 2.39 17.86 -1.77
N ASP A 21 2.47 18.44 -2.96
CA ASP A 21 1.39 19.27 -3.48
C ASP A 21 0.99 18.84 -4.88
N TYR A 22 0.16 17.81 -4.96
CA TYR A 22 -0.30 17.30 -6.25
C TYR A 22 -1.82 17.25 -6.30
N ASP A 23 -2.36 17.01 -7.50
CA ASP A 23 -3.80 16.93 -7.69
C ASP A 23 -4.30 15.49 -7.54
N ILE A 24 -5.10 15.26 -6.52
CA ILE A 24 -5.65 13.92 -6.27
C ILE A 24 -6.98 13.73 -6.97
N PRO A 25 -7.16 12.55 -7.58
CA PRO A 25 -8.39 12.22 -8.31
C PRO A 25 -9.57 12.02 -7.37
N THR A 26 -10.73 11.70 -7.94
CA THR A 26 -11.94 11.48 -7.16
C THR A 26 -12.13 10.01 -6.84
N THR A 27 -11.38 9.15 -7.53
CA THR A 27 -11.47 7.71 -7.32
C THR A 27 -11.41 7.37 -5.83
N GLU A 28 -11.82 6.15 -5.49
CA GLU A 28 -11.81 5.70 -4.11
C GLU A 28 -10.74 4.63 -3.89
N ASN A 29 -9.57 4.84 -4.46
CA ASN A 29 -8.47 3.89 -4.33
C ASN A 29 -7.19 4.59 -3.86
N LEU A 30 -6.41 3.90 -3.04
CA LEU A 30 -5.16 4.45 -2.52
C LEU A 30 -3.97 3.84 -3.24
N TYR A 31 -3.02 4.69 -3.64
CA TYR A 31 -1.83 4.24 -4.33
C TYR A 31 -0.59 4.44 -3.46
N PHE A 32 0.45 3.64 -3.71
CA PHE A 32 1.68 3.73 -2.96
C PHE A 32 2.88 3.34 -3.82
N GLN A 33 4.07 3.77 -3.41
CA GLN A 33 5.29 3.46 -4.14
C GLN A 33 6.42 3.10 -3.20
N GLY A 34 7.23 2.11 -3.59
CA GLY A 34 8.34 1.68 -2.75
C GLY A 34 8.67 0.21 -2.93
N SER A 35 9.08 -0.15 -4.15
CA SER A 35 9.42 -1.54 -4.45
C SER A 35 10.70 -1.95 -3.72
N SER A 36 10.94 -3.26 -3.67
CA SER A 36 12.13 -3.78 -3.01
C SER A 36 12.89 -4.73 -3.93
N GLY A 37 12.92 -4.40 -5.22
CA GLY A 37 13.62 -5.24 -6.18
C GLY A 37 12.78 -5.52 -7.41
N SER A 38 12.15 -6.69 -7.43
CA SER A 38 11.31 -7.09 -8.55
C SER A 38 9.84 -7.15 -8.15
N SER A 39 8.97 -7.35 -9.14
CA SER A 39 7.54 -7.42 -8.89
C SER A 39 7.18 -8.67 -8.09
N GLY A 40 7.94 -9.74 -8.32
CA GLY A 40 7.70 -10.99 -7.62
C GLY A 40 7.92 -10.87 -6.12
N ASP A 41 9.17 -10.64 -5.73
CA ASP A 41 9.52 -10.51 -4.31
C ASP A 41 8.41 -9.79 -3.55
N MET A 42 7.88 -8.73 -4.14
CA MET A 42 6.82 -7.96 -3.51
C MET A 42 5.72 -8.88 -2.99
N MET A 43 5.29 -9.82 -3.83
CA MET A 43 4.24 -10.76 -3.45
C MET A 43 4.58 -11.43 -2.12
N ARG A 44 5.86 -11.69 -1.90
CA ARG A 44 6.31 -12.34 -0.67
C ARG A 44 6.46 -11.32 0.46
N GLU A 45 7.10 -10.19 0.15
CA GLU A 45 7.30 -9.15 1.13
C GLU A 45 5.97 -8.68 1.73
N ILE A 46 4.96 -8.55 0.87
CA ILE A 46 3.64 -8.11 1.30
C ILE A 46 3.07 -9.07 2.35
N ARG A 47 2.95 -10.34 1.97
CA ARG A 47 2.41 -11.35 2.87
C ARG A 47 2.97 -11.17 4.28
N LYS A 48 4.28 -11.08 4.39
CA LYS A 48 4.93 -10.90 5.68
C LYS A 48 4.16 -9.92 6.55
N VAL A 49 3.99 -8.69 6.05
CA VAL A 49 3.26 -7.66 6.77
C VAL A 49 1.86 -8.13 7.14
N LEU A 50 1.15 -8.70 6.16
CA LEU A 50 -0.20 -9.19 6.38
C LEU A 50 -0.26 -10.13 7.58
N GLY A 51 0.49 -11.22 7.50
CA GLY A 51 0.51 -12.19 8.59
C GLY A 51 0.87 -11.55 9.91
N ALA A 52 1.73 -10.54 9.88
CA ALA A 52 2.15 -9.84 11.08
C ALA A 52 0.95 -9.19 11.79
N ASN A 53 0.09 -8.56 11.01
CA ASN A 53 -1.10 -7.90 11.55
C ASN A 53 -2.30 -8.84 11.55
N ASN A 54 -2.04 -10.12 11.80
CA ASN A 54 -3.10 -11.12 11.84
C ASN A 54 -4.05 -10.95 10.65
N CYS A 55 -3.49 -10.66 9.49
CA CYS A 55 -4.28 -10.46 8.28
C CYS A 55 -4.12 -11.64 7.33
N ASP A 56 -5.24 -12.20 6.90
CA ASP A 56 -5.23 -13.33 5.98
C ASP A 56 -5.13 -12.86 4.53
N TYR A 57 -4.49 -13.67 3.70
CA TYR A 57 -4.32 -13.33 2.28
C TYR A 57 -4.49 -14.57 1.41
N GLU A 58 -5.18 -14.39 0.29
CA GLU A 58 -5.41 -15.50 -0.64
C GLU A 58 -5.03 -15.10 -2.07
N GLN A 59 -3.95 -15.70 -2.57
CA GLN A 59 -3.48 -15.39 -3.92
C GLN A 59 -4.44 -15.96 -4.97
N ARG A 60 -5.00 -15.07 -5.78
CA ARG A 60 -5.94 -15.47 -6.82
C ARG A 60 -5.22 -15.61 -8.16
N GLU A 61 -4.39 -14.63 -8.49
CA GLU A 61 -3.65 -14.65 -9.74
C GLU A 61 -2.15 -14.59 -9.50
N ARG A 62 -1.37 -14.64 -10.57
CA ARG A 62 0.08 -14.60 -10.48
C ARG A 62 0.54 -13.32 -9.79
N PHE A 63 -0.09 -12.20 -10.15
CA PHE A 63 0.25 -10.91 -9.57
C PHE A 63 -0.95 -10.30 -8.85
N LEU A 64 -1.67 -11.13 -8.11
CA LEU A 64 -2.84 -10.67 -7.37
C LEU A 64 -2.96 -11.39 -6.03
N LEU A 65 -3.44 -10.69 -5.01
CA LEU A 65 -3.60 -11.26 -3.69
C LEU A 65 -4.81 -10.66 -2.98
N PHE A 66 -5.62 -11.52 -2.37
CA PHE A 66 -6.81 -11.08 -1.66
C PHE A 66 -6.50 -10.84 -0.18
N CYS A 67 -6.19 -9.59 0.16
CA CYS A 67 -5.87 -9.22 1.52
C CYS A 67 -7.13 -8.88 2.31
N VAL A 68 -7.19 -9.35 3.55
CA VAL A 68 -8.35 -9.08 4.41
C VAL A 68 -7.92 -8.88 5.86
N HIS A 69 -8.61 -7.96 6.54
CA HIS A 69 -8.31 -7.67 7.93
C HIS A 69 -9.56 -7.79 8.80
N GLY A 70 -9.62 -8.84 9.61
CA GLY A 70 -10.77 -9.04 10.47
C GLY A 70 -10.39 -9.07 11.94
N ASP A 71 -10.37 -7.90 12.57
CA ASP A 71 -10.03 -7.79 13.98
C ASP A 71 -10.69 -8.90 14.79
N GLY A 72 -11.89 -9.31 14.36
CA GLY A 72 -12.60 -10.36 15.07
C GLY A 72 -13.94 -10.68 14.41
N HIS A 73 -14.58 -9.66 13.88
CA HIS A 73 -15.88 -9.84 13.23
C HIS A 73 -16.05 -8.85 12.07
N ALA A 74 -17.20 -8.91 11.40
CA ALA A 74 -17.48 -8.02 10.29
C ALA A 74 -17.51 -6.57 10.73
N GLU A 75 -17.95 -6.34 11.97
CA GLU A 75 -18.02 -4.99 12.51
C GLU A 75 -16.77 -4.19 12.15
N ASN A 76 -15.61 -4.81 12.31
CA ASN A 76 -14.35 -4.16 12.01
C ASN A 76 -13.56 -4.96 10.97
N LEU A 77 -14.26 -5.47 9.98
CA LEU A 77 -13.62 -6.26 8.92
C LEU A 77 -13.42 -5.43 7.66
N VAL A 78 -12.34 -5.72 6.94
CA VAL A 78 -12.04 -4.99 5.71
C VAL A 78 -11.39 -5.91 4.67
N GLN A 79 -11.98 -5.94 3.48
CA GLN A 79 -11.47 -6.78 2.40
C GLN A 79 -10.91 -5.93 1.27
N TRP A 80 -9.70 -6.26 0.80
CA TRP A 80 -9.07 -5.53 -0.28
C TRP A 80 -8.08 -6.42 -1.04
N GLU A 81 -8.01 -6.23 -2.35
CA GLU A 81 -7.11 -7.01 -3.18
C GLU A 81 -5.91 -6.18 -3.64
N MET A 82 -4.72 -6.59 -3.23
CA MET A 82 -3.50 -5.88 -3.61
C MET A 82 -2.88 -6.49 -4.85
N GLU A 83 -2.91 -5.74 -5.95
CA GLU A 83 -2.34 -6.19 -7.21
C GLU A 83 -1.04 -5.48 -7.52
N VAL A 84 -0.03 -6.24 -7.92
CA VAL A 84 1.27 -5.68 -8.25
C VAL A 84 1.39 -5.41 -9.74
N CYS A 85 1.61 -4.15 -10.10
CA CYS A 85 1.76 -3.77 -11.50
C CYS A 85 2.90 -2.77 -11.68
N LYS A 86 3.16 -2.39 -12.93
CA LYS A 86 4.22 -1.45 -13.23
C LYS A 86 3.70 -0.30 -14.07
N LEU A 87 4.15 0.91 -13.77
CA LEU A 87 3.73 2.11 -14.50
C LEU A 87 4.82 3.16 -14.49
N PRO A 88 4.91 3.94 -15.59
CA PRO A 88 5.91 5.00 -15.73
C PRO A 88 5.64 6.18 -14.81
N ARG A 89 4.38 6.34 -14.41
CA ARG A 89 3.99 7.43 -13.53
C ARG A 89 5.06 7.67 -12.47
N LEU A 90 5.37 6.64 -11.70
CA LEU A 90 6.37 6.74 -10.64
C LEU A 90 7.59 5.87 -10.97
N SER A 91 7.81 5.62 -12.25
CA SER A 91 8.93 4.80 -12.69
C SER A 91 9.18 3.66 -11.71
N LEU A 92 8.11 3.18 -11.09
CA LEU A 92 8.22 2.08 -10.13
C LEU A 92 6.92 1.27 -10.09
N ASN A 93 6.94 0.18 -9.33
CA ASN A 93 5.76 -0.68 -9.20
C ASN A 93 4.52 0.15 -8.92
N GLY A 94 3.36 -0.51 -8.91
CA GLY A 94 2.11 0.19 -8.66
C GLY A 94 1.20 -0.58 -7.71
N VAL A 95 1.35 -0.31 -6.42
CA VAL A 95 0.54 -0.98 -5.40
C VAL A 95 -0.68 -0.15 -5.04
N ARG A 96 -1.85 -0.62 -5.47
CA ARG A 96 -3.10 0.09 -5.19
C ARG A 96 -3.96 -0.71 -4.21
N PHE A 97 -4.72 0.01 -3.38
CA PHE A 97 -5.59 -0.63 -2.40
C PHE A 97 -7.06 -0.47 -2.80
N LYS A 98 -7.71 -1.59 -3.09
CA LYS A 98 -9.12 -1.58 -3.47
C LYS A 98 -10.00 -2.07 -2.34
N ARG A 99 -10.91 -1.22 -1.88
CA ARG A 99 -11.81 -1.57 -0.80
C ARG A 99 -13.01 -2.38 -1.32
N ILE A 100 -12.98 -3.68 -1.08
CA ILE A 100 -14.06 -4.56 -1.54
C ILE A 100 -15.27 -4.45 -0.61
N SER A 101 -15.02 -4.50 0.69
CA SER A 101 -16.09 -4.41 1.68
C SER A 101 -15.53 -4.09 3.06
N GLY A 102 -16.41 -3.66 3.97
CA GLY A 102 -15.99 -3.33 5.31
C GLY A 102 -16.05 -1.84 5.60
N THR A 103 -15.34 -1.40 6.62
CA THR A 103 -15.33 0.01 7.00
C THR A 103 -14.15 0.74 6.37
N SER A 104 -14.35 2.00 6.02
CA SER A 104 -13.31 2.81 5.41
C SER A 104 -12.17 3.07 6.40
N ILE A 105 -12.53 3.55 7.58
CA ILE A 105 -11.55 3.83 8.62
C ILE A 105 -10.44 2.79 8.63
N ALA A 106 -10.81 1.55 8.92
CA ALA A 106 -9.84 0.46 8.96
C ALA A 106 -9.06 0.37 7.65
N PHE A 107 -9.75 0.53 6.54
CA PHE A 107 -9.13 0.48 5.22
C PHE A 107 -7.87 1.33 5.18
N LYS A 108 -7.99 2.57 5.67
CA LYS A 108 -6.86 3.49 5.69
C LYS A 108 -5.94 3.20 6.86
N ASN A 109 -6.53 3.03 8.05
CA ASN A 109 -5.76 2.75 9.25
C ASN A 109 -4.78 1.61 9.01
N ILE A 110 -5.19 0.64 8.20
CA ILE A 110 -4.34 -0.51 7.89
C ILE A 110 -3.46 -0.23 6.68
N ALA A 111 -3.95 0.61 5.77
CA ALA A 111 -3.20 0.97 4.58
C ALA A 111 -1.97 1.79 4.93
N SER A 112 -2.09 2.64 5.94
CA SER A 112 -0.99 3.50 6.37
C SER A 112 0.14 2.66 6.97
N LYS A 113 -0.24 1.60 7.67
CA LYS A 113 0.73 0.71 8.30
C LYS A 113 1.52 -0.07 7.25
N ILE A 114 0.80 -0.89 6.48
CA ILE A 114 1.42 -1.70 5.44
C ILE A 114 2.49 -0.90 4.70
N ALA A 115 2.24 0.39 4.50
CA ALA A 115 3.18 1.26 3.82
C ALA A 115 4.46 1.44 4.62
N ASN A 116 4.32 1.58 5.93
CA ASN A 116 5.46 1.75 6.81
C ASN A 116 6.41 0.56 6.72
N GLU A 117 5.84 -0.64 6.72
CA GLU A 117 6.63 -1.87 6.63
C GLU A 117 7.24 -2.02 5.25
N LEU A 118 6.45 -1.75 4.22
CA LEU A 118 6.92 -1.86 2.84
C LEU A 118 7.66 -0.59 2.41
N LYS A 119 8.11 0.18 3.40
CA LYS A 119 8.84 1.42 3.13
C LYS A 119 8.25 2.14 1.91
N LEU A 120 6.93 2.10 1.80
CA LEU A 120 6.24 2.75 0.68
C LEU A 120 6.05 4.24 0.96
N SER A 121 5.47 4.94 0.00
CA SER A 121 5.23 6.37 0.13
C SER A 121 4.46 6.68 1.41
N GLY A 122 3.35 5.96 1.61
CA GLY A 122 2.54 6.17 2.79
C GLY A 122 1.88 7.54 2.81
N PRO A 123 0.95 7.76 1.87
CA PRO A 123 0.22 9.03 1.75
C PRO A 123 -0.75 9.25 2.91
N SER A 124 -0.23 9.78 4.01
CA SER A 124 -1.06 10.04 5.19
C SER A 124 -0.99 11.51 5.60
N SER A 125 -2.02 11.97 6.29
CA SER A 125 -2.08 13.36 6.75
C SER A 125 -0.90 13.69 7.65
N GLY A 126 -0.62 12.79 8.60
CA GLY A 126 0.47 13.01 9.52
C GLY A 126 0.29 12.27 10.84
N MET A 1 49.18 -2.52 33.36
CA MET A 1 48.88 -2.91 31.97
C MET A 1 47.68 -2.14 31.43
N LYS A 2 47.93 -1.30 30.44
CA LYS A 2 46.87 -0.50 29.83
C LYS A 2 47.14 -0.27 28.35
N ASP A 3 46.10 0.12 27.61
CA ASP A 3 46.24 0.37 26.18
C ASP A 3 45.09 1.25 25.67
N HIS A 4 45.27 1.81 24.49
CA HIS A 4 44.24 2.67 23.89
C HIS A 4 44.34 2.63 22.37
N LEU A 5 43.26 2.20 21.72
CA LEU A 5 43.21 2.12 20.27
C LEU A 5 42.07 2.98 19.72
N ILE A 6 42.43 4.04 19.01
CA ILE A 6 41.45 4.93 18.42
C ILE A 6 41.71 5.14 16.93
N HIS A 7 40.82 4.62 16.10
CA HIS A 7 40.95 4.75 14.65
C HIS A 7 39.61 4.56 13.97
N ASN A 8 39.20 5.56 13.19
CA ASN A 8 37.94 5.51 12.47
C ASN A 8 37.79 6.69 11.52
N VAL A 9 37.58 6.41 10.24
CA VAL A 9 37.42 7.45 9.24
C VAL A 9 36.27 7.14 8.30
N HIS A 10 35.20 7.94 8.41
CA HIS A 10 34.02 7.75 7.57
C HIS A 10 33.21 9.03 7.49
N LYS A 11 33.09 9.58 6.28
CA LYS A 11 32.33 10.81 6.06
C LYS A 11 30.84 10.52 5.98
N GLU A 12 30.04 11.49 6.41
CA GLU A 12 28.58 11.33 6.38
C GLU A 12 27.92 12.64 5.98
N GLU A 13 26.86 12.53 5.16
CA GLU A 13 26.13 13.71 4.70
C GLU A 13 24.79 13.82 5.40
N HIS A 14 24.08 14.92 5.15
CA HIS A 14 22.77 15.15 5.77
C HIS A 14 22.01 16.24 5.02
N ALA A 15 21.00 15.83 4.25
CA ALA A 15 20.20 16.77 3.49
C ALA A 15 18.83 16.20 3.17
N HIS A 16 17.78 16.88 3.63
CA HIS A 16 16.40 16.42 3.40
C HIS A 16 15.41 17.51 3.78
N ALA A 17 14.13 17.23 3.55
CA ALA A 17 13.07 18.19 3.87
C ALA A 17 11.71 17.51 3.89
N HIS A 18 10.72 18.20 4.43
CA HIS A 18 9.36 17.66 4.52
C HIS A 18 8.47 18.28 3.45
N ASN A 19 8.40 17.64 2.29
CA ASN A 19 7.58 18.13 1.19
C ASN A 19 6.32 17.28 1.02
N LYS A 20 5.21 17.79 1.54
CA LYS A 20 3.93 17.08 1.46
C LYS A 20 2.83 18.00 0.96
N ASP A 21 2.85 18.32 -0.32
CA ASP A 21 1.85 19.19 -0.92
C ASP A 21 1.31 18.59 -2.22
N TYR A 22 0.32 17.71 -2.08
CA TYR A 22 -0.29 17.05 -3.23
C TYR A 22 -1.80 17.27 -3.24
N ASP A 23 -2.44 16.91 -4.35
CA ASP A 23 -3.87 17.05 -4.49
C ASP A 23 -4.51 15.76 -4.98
N ILE A 24 -5.00 14.96 -4.05
CA ILE A 24 -5.63 13.69 -4.39
C ILE A 24 -7.16 13.78 -4.28
N PRO A 25 -7.86 13.23 -5.28
CA PRO A 25 -9.32 13.24 -5.30
C PRO A 25 -9.93 12.32 -4.25
N THR A 26 -11.23 12.07 -4.36
CA THR A 26 -11.93 11.22 -3.41
C THR A 26 -12.10 9.80 -3.96
N THR A 27 -11.03 9.28 -4.56
CA THR A 27 -11.05 7.94 -5.13
C THR A 27 -10.79 6.88 -4.07
N GLU A 28 -11.50 5.77 -4.14
CA GLU A 28 -11.35 4.69 -3.18
C GLU A 28 -10.18 3.79 -3.57
N ASN A 29 -9.08 4.39 -4.00
CA ASN A 29 -7.90 3.65 -4.40
C ASN A 29 -6.62 4.35 -3.96
N LEU A 30 -5.81 3.66 -3.17
CA LEU A 30 -4.56 4.23 -2.66
C LEU A 30 -3.38 3.67 -3.44
N TYR A 31 -2.57 4.56 -3.99
CA TYR A 31 -1.39 4.16 -4.76
C TYR A 31 -0.10 4.48 -3.99
N PHE A 32 0.70 3.46 -3.75
CA PHE A 32 1.96 3.62 -3.03
C PHE A 32 3.14 3.24 -3.91
N GLN A 33 4.35 3.60 -3.47
CA GLN A 33 5.56 3.30 -4.22
C GLN A 33 6.71 2.96 -3.27
N GLY A 34 7.48 1.94 -3.63
CA GLY A 34 8.60 1.53 -2.79
C GLY A 34 8.72 0.02 -2.68
N SER A 35 9.35 -0.59 -3.67
CA SER A 35 9.53 -2.04 -3.68
C SER A 35 10.88 -2.43 -3.10
N SER A 36 11.03 -3.71 -2.76
CA SER A 36 12.28 -4.20 -2.19
C SER A 36 13.07 -5.00 -3.23
N GLY A 37 13.03 -4.54 -4.47
CA GLY A 37 13.74 -5.22 -5.54
C GLY A 37 12.94 -5.29 -6.82
N SER A 38 12.29 -6.43 -7.05
CA SER A 38 11.48 -6.63 -8.24
C SER A 38 10.00 -6.66 -7.90
N SER A 39 9.16 -6.76 -8.94
CA SER A 39 7.72 -6.78 -8.75
C SER A 39 7.29 -8.04 -7.99
N GLY A 40 7.98 -9.14 -8.27
CA GLY A 40 7.66 -10.40 -7.61
C GLY A 40 7.74 -10.30 -6.10
N ASP A 41 8.85 -9.77 -5.60
CA ASP A 41 9.05 -9.62 -4.16
C ASP A 41 7.77 -9.14 -3.49
N MET A 42 7.15 -8.12 -4.05
CA MET A 42 5.91 -7.57 -3.51
C MET A 42 5.01 -8.69 -2.99
N MET A 43 4.62 -9.59 -3.87
CA MET A 43 3.76 -10.70 -3.50
C MET A 43 4.24 -11.36 -2.21
N ARG A 44 5.56 -11.42 -2.04
CA ARG A 44 6.15 -12.03 -0.86
C ARG A 44 6.15 -11.05 0.31
N GLU A 45 6.89 -9.95 0.16
CA GLU A 45 6.97 -8.94 1.20
C GLU A 45 5.60 -8.62 1.77
N ILE A 46 4.67 -8.24 0.90
CA ILE A 46 3.31 -7.91 1.32
C ILE A 46 2.79 -8.94 2.32
N ARG A 47 2.65 -10.18 1.86
CA ARG A 47 2.16 -11.25 2.72
C ARG A 47 2.77 -11.17 4.12
N LYS A 48 4.09 -10.98 4.16
CA LYS A 48 4.79 -10.88 5.44
C LYS A 48 4.07 -9.95 6.39
N VAL A 49 3.78 -8.74 5.93
CA VAL A 49 3.08 -7.74 6.75
C VAL A 49 1.77 -8.31 7.28
N LEU A 50 0.97 -8.88 6.39
CA LEU A 50 -0.32 -9.45 6.77
C LEU A 50 -0.16 -10.42 7.93
N GLY A 51 0.63 -11.47 7.71
CA GLY A 51 0.86 -12.46 8.74
C GLY A 51 1.24 -11.83 10.08
N ALA A 52 2.06 -10.79 10.02
CA ALA A 52 2.50 -10.10 11.22
C ALA A 52 1.31 -9.51 11.98
N ASN A 53 0.37 -8.95 11.25
CA ASN A 53 -0.82 -8.36 11.85
C ASN A 53 -1.99 -9.34 11.87
N ASN A 54 -1.68 -10.59 12.20
CA ASN A 54 -2.69 -11.64 12.26
C ASN A 54 -3.69 -11.48 11.10
N CYS A 55 -3.19 -11.18 9.92
CA CYS A 55 -4.02 -11.00 8.75
C CYS A 55 -3.91 -12.19 7.81
N ASP A 56 -5.02 -12.55 7.16
CA ASP A 56 -5.03 -13.67 6.23
C ASP A 56 -4.95 -13.19 4.79
N TYR A 57 -4.59 -14.10 3.89
CA TYR A 57 -4.48 -13.76 2.47
C TYR A 57 -4.70 -14.99 1.60
N GLU A 58 -5.29 -14.78 0.43
CA GLU A 58 -5.56 -15.87 -0.50
C GLU A 58 -5.22 -15.47 -1.94
N GLN A 59 -4.12 -16.01 -2.44
CA GLN A 59 -3.67 -15.70 -3.80
C GLN A 59 -4.73 -16.12 -4.82
N ARG A 60 -5.38 -15.13 -5.43
CA ARG A 60 -6.41 -15.39 -6.42
C ARG A 60 -5.80 -15.56 -7.81
N GLU A 61 -5.00 -14.59 -8.22
CA GLU A 61 -4.35 -14.63 -9.53
C GLU A 61 -2.83 -14.58 -9.39
N ARG A 62 -2.14 -14.68 -10.51
CA ARG A 62 -0.68 -14.65 -10.52
C ARG A 62 -0.16 -13.40 -9.80
N PHE A 63 -0.80 -12.26 -10.06
CA PHE A 63 -0.41 -11.01 -9.43
C PHE A 63 -1.59 -10.38 -8.68
N LEU A 64 -2.32 -11.22 -7.95
CA LEU A 64 -3.47 -10.75 -7.18
C LEU A 64 -3.57 -11.49 -5.85
N LEU A 65 -3.49 -10.74 -4.76
CA LEU A 65 -3.57 -11.33 -3.42
C LEU A 65 -4.69 -10.67 -2.61
N PHE A 66 -5.58 -11.49 -2.07
CA PHE A 66 -6.69 -10.99 -1.27
C PHE A 66 -6.23 -10.63 0.14
N CYS A 67 -5.89 -9.35 0.33
CA CYS A 67 -5.44 -8.88 1.63
C CYS A 67 -6.62 -8.52 2.52
N VAL A 68 -6.76 -9.24 3.62
CA VAL A 68 -7.85 -9.00 4.56
C VAL A 68 -7.33 -8.92 5.99
N HIS A 69 -7.93 -8.02 6.78
CA HIS A 69 -7.52 -7.84 8.17
C HIS A 69 -8.65 -8.26 9.12
N GLY A 70 -8.30 -8.99 10.16
CA GLY A 70 -9.29 -9.44 11.13
C GLY A 70 -8.86 -9.20 12.55
N ASP A 71 -9.14 -8.00 13.07
CA ASP A 71 -8.77 -7.65 14.43
C ASP A 71 -9.51 -8.53 15.43
N GLY A 72 -10.78 -8.82 15.14
CA GLY A 72 -11.58 -9.64 16.03
C GLY A 72 -12.79 -10.21 15.34
N HIS A 73 -13.57 -9.35 14.70
CA HIS A 73 -14.77 -9.78 13.99
C HIS A 73 -15.04 -8.89 12.78
N ALA A 74 -16.15 -9.16 12.09
CA ALA A 74 -16.52 -8.39 10.91
C ALA A 74 -16.46 -6.90 11.19
N GLU A 75 -16.96 -6.50 12.37
CA GLU A 75 -16.96 -5.10 12.76
C GLU A 75 -15.63 -4.43 12.44
N ASN A 76 -14.54 -5.10 12.78
CA ASN A 76 -13.20 -4.58 12.53
C ASN A 76 -12.52 -5.35 11.41
N LEU A 77 -13.30 -5.78 10.43
CA LEU A 77 -12.76 -6.53 9.30
C LEU A 77 -12.79 -5.70 8.02
N VAL A 78 -11.73 -5.81 7.22
CA VAL A 78 -11.64 -5.07 5.98
C VAL A 78 -11.00 -5.92 4.88
N GLN A 79 -11.61 -5.89 3.69
CA GLN A 79 -11.10 -6.67 2.56
C GLN A 79 -10.58 -5.74 1.47
N TRP A 80 -9.36 -6.01 1.00
CA TRP A 80 -8.74 -5.19 -0.04
C TRP A 80 -7.76 -6.02 -0.86
N GLU A 81 -7.96 -6.06 -2.18
CA GLU A 81 -7.09 -6.81 -3.07
C GLU A 81 -5.88 -5.98 -3.48
N MET A 82 -4.70 -6.46 -3.12
CA MET A 82 -3.46 -5.77 -3.46
C MET A 82 -2.86 -6.30 -4.75
N GLU A 83 -3.09 -5.58 -5.85
CA GLU A 83 -2.57 -5.99 -7.15
C GLU A 83 -1.31 -5.21 -7.50
N VAL A 84 -0.32 -5.92 -8.05
CA VAL A 84 0.93 -5.30 -8.44
C VAL A 84 0.87 -4.74 -9.86
N CYS A 85 0.55 -3.45 -9.96
CA CYS A 85 0.45 -2.79 -11.25
C CYS A 85 1.83 -2.41 -11.79
N LYS A 86 1.86 -1.77 -12.95
CA LYS A 86 3.11 -1.35 -13.56
C LYS A 86 3.01 0.07 -14.10
N LEU A 87 3.65 1.01 -13.40
CA LEU A 87 3.63 2.41 -13.81
C LEU A 87 3.82 2.54 -15.32
N PRO A 88 3.39 3.69 -15.87
CA PRO A 88 3.52 3.96 -17.31
C PRO A 88 4.96 4.17 -17.75
N ARG A 89 5.72 4.90 -16.92
CA ARG A 89 7.12 5.17 -17.22
C ARG A 89 8.03 4.14 -16.55
N LEU A 90 7.49 2.96 -16.28
CA LEU A 90 8.25 1.91 -15.63
C LEU A 90 9.24 2.48 -14.63
N SER A 91 8.86 3.59 -14.00
CA SER A 91 9.72 4.25 -13.01
C SER A 91 9.81 3.41 -11.74
N LEU A 92 8.77 2.64 -11.47
CA LEU A 92 8.74 1.79 -10.28
C LEU A 92 7.72 0.66 -10.44
N ASN A 93 7.58 -0.16 -9.41
CA ASN A 93 6.63 -1.27 -9.43
C ASN A 93 5.21 -0.77 -9.23
N GLY A 94 5.03 0.14 -8.29
CA GLY A 94 3.70 0.67 -8.01
C GLY A 94 2.78 -0.35 -7.37
N VAL A 95 2.03 0.10 -6.38
CA VAL A 95 1.10 -0.79 -5.68
C VAL A 95 -0.23 -0.08 -5.40
N ARG A 96 -1.28 -0.50 -6.09
CA ARG A 96 -2.60 0.08 -5.92
C ARG A 96 -3.47 -0.78 -5.02
N PHE A 97 -4.34 -0.15 -4.26
CA PHE A 97 -5.24 -0.87 -3.36
C PHE A 97 -6.69 -0.73 -3.80
N LYS A 98 -7.50 -1.72 -3.46
CA LYS A 98 -8.92 -1.71 -3.81
C LYS A 98 -9.79 -2.05 -2.62
N ARG A 99 -10.81 -1.24 -2.38
CA ARG A 99 -11.73 -1.46 -1.27
C ARG A 99 -12.78 -2.51 -1.63
N ILE A 100 -12.61 -3.72 -1.12
CA ILE A 100 -13.55 -4.80 -1.39
C ILE A 100 -14.84 -4.61 -0.60
N SER A 101 -14.71 -4.37 0.70
CA SER A 101 -15.86 -4.18 1.58
C SER A 101 -15.42 -3.81 2.99
N GLY A 102 -16.36 -3.32 3.79
CA GLY A 102 -16.05 -2.93 5.15
C GLY A 102 -16.11 -1.43 5.35
N THR A 103 -15.56 -0.96 6.47
CA THR A 103 -15.56 0.47 6.78
C THR A 103 -14.30 1.13 6.24
N SER A 104 -14.45 2.37 5.76
CA SER A 104 -13.34 3.12 5.21
C SER A 104 -12.24 3.31 6.26
N ILE A 105 -12.65 3.75 7.45
CA ILE A 105 -11.70 3.97 8.54
C ILE A 105 -10.62 2.88 8.57
N ALA A 106 -11.04 1.66 8.87
CA ALA A 106 -10.11 0.54 8.93
C ALA A 106 -9.26 0.47 7.67
N PHE A 107 -9.89 0.69 6.52
CA PHE A 107 -9.19 0.65 5.24
C PHE A 107 -7.92 1.49 5.29
N LYS A 108 -8.05 2.73 5.76
CA LYS A 108 -6.92 3.64 5.86
C LYS A 108 -6.05 3.30 7.06
N ASN A 109 -6.69 3.11 8.21
CA ASN A 109 -5.97 2.78 9.44
C ASN A 109 -5.00 1.63 9.21
N ILE A 110 -5.45 0.63 8.46
CA ILE A 110 -4.62 -0.53 8.16
C ILE A 110 -3.73 -0.27 6.94
N ALA A 111 -4.20 0.58 6.04
CA ALA A 111 -3.44 0.92 4.84
C ALA A 111 -2.10 1.55 5.20
N SER A 112 -2.12 2.43 6.19
CA SER A 112 -0.91 3.11 6.64
C SER A 112 0.15 2.10 7.09
N LYS A 113 -0.28 1.12 7.86
CA LYS A 113 0.62 0.09 8.37
C LYS A 113 1.25 -0.69 7.22
N ILE A 114 0.41 -1.28 6.38
CA ILE A 114 0.88 -2.05 5.23
C ILE A 114 1.92 -1.28 4.44
N ALA A 115 1.62 -0.01 4.17
CA ALA A 115 2.53 0.85 3.41
C ALA A 115 3.87 1.00 4.14
N ASN A 116 3.80 1.44 5.39
CA ASN A 116 5.02 1.63 6.20
C ASN A 116 5.85 0.36 6.23
N GLU A 117 5.21 -0.75 6.58
CA GLU A 117 5.89 -2.04 6.64
C GLU A 117 6.58 -2.36 5.32
N LEU A 118 5.90 -2.03 4.22
CA LEU A 118 6.44 -2.29 2.89
C LEU A 118 7.42 -1.20 2.47
N LYS A 119 7.93 -0.46 3.46
CA LYS A 119 8.88 0.62 3.19
C LYS A 119 8.40 1.47 2.01
N LEU A 120 7.11 1.70 1.93
CA LEU A 120 6.54 2.51 0.85
C LEU A 120 6.44 3.97 1.25
N SER A 121 6.35 4.85 0.27
CA SER A 121 6.26 6.28 0.51
C SER A 121 5.36 6.57 1.72
N GLY A 122 4.09 6.21 1.60
CA GLY A 122 3.15 6.42 2.69
C GLY A 122 2.55 7.81 2.65
N PRO A 123 1.62 8.03 1.71
CA PRO A 123 0.94 9.33 1.56
C PRO A 123 -0.01 9.63 2.71
N SER A 124 0.25 10.74 3.41
CA SER A 124 -0.58 11.14 4.53
C SER A 124 -1.72 12.05 4.07
N SER A 125 -2.95 11.59 4.28
CA SER A 125 -4.12 12.37 3.89
C SER A 125 -5.04 12.61 5.08
N GLY A 126 -4.70 13.61 5.89
CA GLY A 126 -5.50 13.92 7.05
C GLY A 126 -5.76 12.71 7.92
N MET A 1 5.65 -23.07 -7.97
CA MET A 1 6.53 -23.59 -9.00
C MET A 1 6.31 -22.88 -10.33
N LYS A 2 7.22 -21.99 -10.69
CA LYS A 2 7.12 -21.24 -11.93
C LYS A 2 8.50 -20.91 -12.49
N ASP A 3 8.73 -21.29 -13.74
CA ASP A 3 10.01 -21.04 -14.40
C ASP A 3 10.09 -19.60 -14.88
N HIS A 4 10.55 -18.70 -14.01
CA HIS A 4 10.67 -17.29 -14.36
C HIS A 4 11.64 -16.58 -13.41
N LEU A 5 12.75 -16.11 -13.96
CA LEU A 5 13.76 -15.41 -13.17
C LEU A 5 14.50 -14.38 -14.01
N ILE A 6 14.41 -13.13 -13.61
CA ILE A 6 15.09 -12.05 -14.34
C ILE A 6 16.57 -12.00 -14.00
N HIS A 7 17.40 -12.34 -14.99
CA HIS A 7 18.85 -12.35 -14.80
C HIS A 7 19.50 -11.25 -15.63
N ASN A 8 19.68 -10.09 -15.03
CA ASN A 8 20.30 -8.95 -15.71
C ASN A 8 20.70 -7.86 -14.72
N VAL A 9 21.99 -7.52 -14.71
CA VAL A 9 22.49 -6.49 -13.81
C VAL A 9 23.24 -5.40 -14.58
N HIS A 10 22.60 -4.24 -14.73
CA HIS A 10 23.20 -3.13 -15.45
C HIS A 10 22.52 -1.81 -15.06
N LYS A 11 23.06 -0.71 -15.58
CA LYS A 11 22.51 0.61 -15.29
C LYS A 11 22.03 0.70 -13.85
N GLU A 12 22.91 0.32 -12.92
CA GLU A 12 22.57 0.35 -11.50
C GLU A 12 23.05 1.66 -10.86
N GLU A 13 22.09 2.50 -10.48
CA GLU A 13 22.42 3.78 -9.85
C GLU A 13 21.96 3.80 -8.40
N HIS A 14 22.75 4.45 -7.54
CA HIS A 14 22.43 4.55 -6.12
C HIS A 14 22.29 6.01 -5.70
N ALA A 15 21.11 6.59 -5.97
CA ALA A 15 20.85 7.98 -5.61
C ALA A 15 19.37 8.19 -5.34
N HIS A 16 19.07 8.93 -4.27
CA HIS A 16 17.69 9.22 -3.89
C HIS A 16 17.53 10.67 -3.46
N ALA A 17 16.32 11.18 -3.55
CA ALA A 17 16.04 12.56 -3.16
C ALA A 17 14.69 12.67 -2.44
N HIS A 18 14.54 13.71 -1.63
CA HIS A 18 13.31 13.93 -0.88
C HIS A 18 12.37 14.85 -1.64
N ASN A 19 11.43 14.25 -2.38
CA ASN A 19 10.47 15.01 -3.16
C ASN A 19 9.05 14.79 -2.65
N LYS A 20 8.58 15.69 -1.81
CA LYS A 20 7.23 15.59 -1.25
C LYS A 20 6.19 16.15 -2.22
N ASP A 21 5.85 15.35 -3.22
CA ASP A 21 4.87 15.77 -4.22
C ASP A 21 3.87 14.65 -4.50
N TYR A 22 2.82 14.57 -3.67
CA TYR A 22 1.80 13.54 -3.83
C TYR A 22 0.41 14.15 -3.79
N ASP A 23 0.07 14.75 -2.66
CA ASP A 23 -1.25 15.37 -2.49
C ASP A 23 -2.36 14.43 -2.91
N ILE A 24 -2.18 13.14 -2.62
CA ILE A 24 -3.18 12.14 -2.97
C ILE A 24 -4.59 12.67 -2.79
N PRO A 25 -5.47 12.36 -3.76
CA PRO A 25 -6.86 12.81 -3.73
C PRO A 25 -7.68 12.10 -2.65
N THR A 26 -8.99 12.17 -2.74
CA THR A 26 -9.87 11.54 -1.78
C THR A 26 -10.71 10.44 -2.43
N THR A 27 -10.10 9.73 -3.38
CA THR A 27 -10.79 8.64 -4.08
C THR A 27 -10.98 7.44 -3.17
N GLU A 28 -11.74 6.46 -3.65
CA GLU A 28 -12.00 5.24 -2.88
C GLU A 28 -10.87 4.23 -3.06
N ASN A 29 -9.67 4.73 -3.33
CA ASN A 29 -8.51 3.88 -3.53
C ASN A 29 -7.23 4.56 -3.06
N LEU A 30 -6.33 3.79 -2.47
CA LEU A 30 -5.06 4.32 -1.99
C LEU A 30 -3.90 3.87 -2.85
N TYR A 31 -3.06 4.81 -3.26
CA TYR A 31 -1.91 4.51 -4.10
C TYR A 31 -0.64 4.38 -3.25
N PHE A 32 0.24 3.48 -3.66
CA PHE A 32 1.50 3.27 -2.95
C PHE A 32 2.63 2.97 -3.92
N GLN A 33 3.83 3.42 -3.57
CA GLN A 33 5.00 3.21 -4.41
C GLN A 33 6.23 2.86 -3.57
N GLY A 34 7.10 2.02 -4.12
CA GLY A 34 8.30 1.62 -3.39
C GLY A 34 8.64 0.16 -3.60
N SER A 35 9.09 -0.17 -4.81
CA SER A 35 9.45 -1.54 -5.14
C SER A 35 10.64 -2.01 -4.31
N SER A 36 10.80 -3.32 -4.20
CA SER A 36 11.90 -3.89 -3.42
C SER A 36 12.71 -4.87 -4.27
N GLY A 37 12.72 -4.65 -5.58
CA GLY A 37 13.46 -5.52 -6.48
C GLY A 37 12.65 -5.90 -7.70
N SER A 38 12.06 -7.09 -7.67
CA SER A 38 11.26 -7.58 -8.79
C SER A 38 9.78 -7.68 -8.40
N SER A 39 8.92 -7.71 -9.40
CA SER A 39 7.48 -7.80 -9.17
C SER A 39 7.15 -9.02 -8.32
N GLY A 40 8.01 -10.03 -8.38
CA GLY A 40 7.80 -11.23 -7.61
C GLY A 40 7.94 -11.01 -6.11
N ASP A 41 9.14 -10.63 -5.69
CA ASP A 41 9.41 -10.39 -4.28
C ASP A 41 8.19 -9.79 -3.59
N MET A 42 7.64 -8.72 -4.18
CA MET A 42 6.47 -8.06 -3.61
C MET A 42 5.50 -9.08 -3.04
N MET A 43 4.88 -9.87 -3.92
CA MET A 43 3.93 -10.88 -3.49
C MET A 43 4.32 -11.48 -2.15
N ARG A 44 5.63 -11.59 -1.93
CA ARG A 44 6.15 -12.16 -0.68
C ARG A 44 6.30 -11.07 0.39
N GLU A 45 7.14 -10.08 0.09
CA GLU A 45 7.37 -8.98 1.03
C GLU A 45 6.07 -8.52 1.66
N ILE A 46 5.02 -8.42 0.83
CA ILE A 46 3.72 -7.98 1.32
C ILE A 46 3.19 -8.92 2.40
N ARG A 47 2.86 -10.14 2.01
CA ARG A 47 2.35 -11.13 2.95
C ARG A 47 3.01 -10.98 4.32
N LYS A 48 4.33 -10.86 4.32
CA LYS A 48 5.08 -10.71 5.56
C LYS A 48 4.34 -9.80 6.54
N VAL A 49 3.90 -8.65 6.05
CA VAL A 49 3.18 -7.69 6.88
C VAL A 49 1.86 -8.27 7.36
N LEU A 50 1.13 -8.91 6.45
CA LEU A 50 -0.16 -9.52 6.78
C LEU A 50 -0.01 -10.50 7.94
N GLY A 51 0.79 -11.54 7.72
CA GLY A 51 1.00 -12.54 8.75
C GLY A 51 1.35 -11.93 10.09
N ALA A 52 2.09 -10.81 10.06
CA ALA A 52 2.49 -10.13 11.29
C ALA A 52 1.29 -9.51 11.98
N ASN A 53 0.37 -8.96 11.19
CA ASN A 53 -0.83 -8.33 11.73
C ASN A 53 -2.00 -9.30 11.76
N ASN A 54 -1.70 -10.56 12.05
CA ASN A 54 -2.73 -11.60 12.11
C ASN A 54 -3.70 -11.46 10.94
N CYS A 55 -3.18 -11.18 9.76
CA CYS A 55 -4.00 -11.02 8.57
C CYS A 55 -3.91 -12.24 7.67
N ASP A 56 -4.84 -12.34 6.72
CA ASP A 56 -4.85 -13.47 5.79
C ASP A 56 -4.78 -12.98 4.35
N TYR A 57 -4.29 -13.85 3.46
CA TYR A 57 -4.17 -13.50 2.04
C TYR A 57 -4.52 -14.68 1.16
N GLU A 58 -5.11 -14.40 0.01
CA GLU A 58 -5.51 -15.45 -0.93
C GLU A 58 -5.09 -15.08 -2.35
N GLN A 59 -4.06 -15.75 -2.85
CA GLN A 59 -3.58 -15.51 -4.20
C GLN A 59 -4.66 -15.80 -5.24
N ARG A 60 -5.06 -14.75 -5.96
CA ARG A 60 -6.09 -14.89 -6.98
C ARG A 60 -5.47 -15.23 -8.33
N GLU A 61 -4.36 -14.59 -8.66
CA GLU A 61 -3.68 -14.82 -9.92
C GLU A 61 -2.16 -14.79 -9.73
N ARG A 62 -1.43 -14.90 -10.82
CA ARG A 62 0.03 -14.89 -10.79
C ARG A 62 0.54 -13.65 -10.04
N PHE A 63 -0.01 -12.49 -10.38
CA PHE A 63 0.38 -11.23 -9.76
C PHE A 63 -0.80 -10.58 -9.05
N LEU A 64 -1.52 -11.37 -8.25
CA LEU A 64 -2.68 -10.87 -7.52
C LEU A 64 -2.79 -11.55 -6.15
N LEU A 65 -3.17 -10.78 -5.14
CA LEU A 65 -3.33 -11.31 -3.79
C LEU A 65 -4.47 -10.61 -3.06
N PHE A 66 -5.40 -11.40 -2.53
CA PHE A 66 -6.54 -10.86 -1.81
C PHE A 66 -6.21 -10.70 -0.32
N CYS A 67 -5.95 -9.46 0.09
CA CYS A 67 -5.63 -9.17 1.48
C CYS A 67 -6.89 -8.87 2.28
N VAL A 68 -6.98 -9.46 3.47
CA VAL A 68 -8.14 -9.26 4.33
C VAL A 68 -7.73 -9.22 5.80
N HIS A 69 -8.09 -8.14 6.48
CA HIS A 69 -7.77 -7.98 7.89
C HIS A 69 -8.95 -8.38 8.78
N GLY A 70 -8.68 -9.24 9.75
CA GLY A 70 -9.73 -9.70 10.66
C GLY A 70 -9.31 -9.61 12.11
N ASP A 71 -9.38 -8.41 12.68
CA ASP A 71 -9.02 -8.21 14.08
C ASP A 71 -9.74 -9.20 14.99
N GLY A 72 -11.03 -9.40 14.72
CA GLY A 72 -11.81 -10.33 15.53
C GLY A 72 -13.19 -10.56 14.96
N HIS A 73 -13.80 -9.50 14.44
CA HIS A 73 -15.13 -9.59 13.86
C HIS A 73 -15.28 -8.65 12.66
N ALA A 74 -16.49 -8.58 12.12
CA ALA A 74 -16.75 -7.73 10.97
C ALA A 74 -16.51 -6.26 11.31
N GLU A 75 -16.70 -5.91 12.58
CA GLU A 75 -16.49 -4.54 13.04
C GLU A 75 -15.13 -4.01 12.59
N ASN A 76 -14.11 -4.84 12.77
CA ASN A 76 -12.75 -4.46 12.40
C ASN A 76 -12.25 -5.29 11.22
N LEU A 77 -13.18 -5.67 10.34
CA LEU A 77 -12.85 -6.47 9.16
C LEU A 77 -12.79 -5.59 7.91
N VAL A 78 -11.91 -5.96 6.98
CA VAL A 78 -11.78 -5.20 5.73
C VAL A 78 -11.17 -6.07 4.64
N GLN A 79 -11.80 -6.06 3.47
CA GLN A 79 -11.33 -6.86 2.34
C GLN A 79 -10.80 -5.96 1.23
N TRP A 80 -9.54 -6.17 0.85
CA TRP A 80 -8.92 -5.38 -0.20
C TRP A 80 -7.94 -6.22 -1.01
N GLU A 81 -7.91 -5.99 -2.32
CA GLU A 81 -7.01 -6.73 -3.21
C GLU A 81 -5.72 -5.96 -3.43
N MET A 82 -4.59 -6.64 -3.24
CA MET A 82 -3.29 -6.02 -3.43
C MET A 82 -2.51 -6.72 -4.53
N GLU A 83 -2.71 -6.26 -5.77
CA GLU A 83 -2.03 -6.84 -6.92
C GLU A 83 -0.83 -5.98 -7.34
N VAL A 84 0.19 -6.63 -7.86
CA VAL A 84 1.40 -5.93 -8.30
C VAL A 84 1.30 -5.55 -9.78
N CYS A 85 0.94 -4.29 -10.03
CA CYS A 85 0.81 -3.80 -11.38
C CYS A 85 2.08 -4.06 -12.18
N LYS A 86 2.08 -3.63 -13.44
CA LYS A 86 3.25 -3.82 -14.31
C LYS A 86 3.39 -2.66 -15.27
N LEU A 87 4.48 -1.90 -15.13
CA LEU A 87 4.74 -0.76 -15.99
C LEU A 87 5.41 -1.18 -17.29
N PRO A 88 5.30 -0.35 -18.32
CA PRO A 88 5.89 -0.62 -19.63
C PRO A 88 7.42 -0.54 -19.61
N ARG A 89 7.94 0.32 -18.74
CA ARG A 89 9.38 0.50 -18.61
C ARG A 89 9.91 -0.18 -17.35
N LEU A 90 9.06 -0.99 -16.72
CA LEU A 90 9.44 -1.70 -15.50
C LEU A 90 10.19 -0.77 -14.55
N SER A 91 9.85 0.51 -14.59
CA SER A 91 10.50 1.49 -13.73
C SER A 91 10.23 1.18 -12.26
N LEU A 92 9.12 0.52 -11.99
CA LEU A 92 8.75 0.16 -10.63
C LEU A 92 7.50 -0.71 -10.61
N ASN A 93 7.02 -1.04 -9.42
CA ASN A 93 5.83 -1.87 -9.26
C ASN A 93 4.66 -1.05 -8.72
N GLY A 94 3.54 -1.09 -9.44
CA GLY A 94 2.37 -0.35 -9.00
C GLY A 94 1.53 -1.11 -8.00
N VAL A 95 1.43 -0.57 -6.79
CA VAL A 95 0.65 -1.21 -5.73
C VAL A 95 -0.51 -0.33 -5.30
N ARG A 96 -1.72 -0.71 -5.71
CA ARG A 96 -2.92 0.05 -5.36
C ARG A 96 -3.77 -0.72 -4.36
N PHE A 97 -4.64 0.00 -3.66
CA PHE A 97 -5.52 -0.61 -2.67
C PHE A 97 -6.98 -0.38 -3.02
N LYS A 98 -7.73 -1.47 -3.15
CA LYS A 98 -9.15 -1.38 -3.48
C LYS A 98 -10.01 -1.88 -2.32
N ARG A 99 -10.94 -1.04 -1.88
CA ARG A 99 -11.82 -1.39 -0.78
C ARG A 99 -12.98 -2.25 -1.26
N ILE A 100 -12.93 -3.54 -0.96
CA ILE A 100 -13.97 -4.47 -1.37
C ILE A 100 -15.16 -4.41 -0.41
N SER A 101 -14.88 -4.51 0.88
CA SER A 101 -15.94 -4.47 1.89
C SER A 101 -15.40 -3.92 3.21
N GLY A 102 -16.31 -3.45 4.06
CA GLY A 102 -15.91 -2.91 5.34
C GLY A 102 -16.02 -1.39 5.39
N THR A 103 -15.59 -0.80 6.49
CA THR A 103 -15.64 0.65 6.65
C THR A 103 -14.44 1.32 6.00
N SER A 104 -14.56 2.63 5.75
CA SER A 104 -13.49 3.38 5.12
C SER A 104 -12.36 3.65 6.12
N ILE A 105 -12.72 4.24 7.26
CA ILE A 105 -11.74 4.56 8.29
C ILE A 105 -10.70 3.45 8.41
N ALA A 106 -11.15 2.26 8.77
CA ALA A 106 -10.25 1.12 8.91
C ALA A 106 -9.42 0.91 7.66
N PHE A 107 -10.03 1.12 6.50
CA PHE A 107 -9.34 0.95 5.23
C PHE A 107 -8.04 1.77 5.20
N LYS A 108 -8.13 3.03 5.63
CA LYS A 108 -6.97 3.90 5.67
C LYS A 108 -6.11 3.63 6.89
N ASN A 109 -6.74 3.52 8.05
CA ASN A 109 -6.02 3.25 9.29
C ASN A 109 -5.03 2.11 9.11
N ILE A 110 -5.49 1.04 8.47
CA ILE A 110 -4.65 -0.13 8.23
C ILE A 110 -3.73 0.10 7.03
N ALA A 111 -4.30 0.57 5.94
CA ALA A 111 -3.53 0.84 4.72
C ALA A 111 -2.23 1.55 5.05
N SER A 112 -2.24 2.34 6.12
CA SER A 112 -1.05 3.09 6.53
C SER A 112 0.06 2.14 6.96
N LYS A 113 -0.25 1.28 7.93
CA LYS A 113 0.74 0.32 8.44
C LYS A 113 1.40 -0.43 7.29
N ILE A 114 0.60 -1.22 6.57
CA ILE A 114 1.11 -1.99 5.44
C ILE A 114 2.16 -1.21 4.66
N ALA A 115 1.83 0.03 4.31
CA ALA A 115 2.75 0.89 3.57
C ALA A 115 4.05 1.08 4.33
N ASN A 116 3.97 1.71 5.50
CA ASN A 116 5.14 1.96 6.32
C ASN A 116 6.01 0.70 6.43
N GLU A 117 5.36 -0.45 6.58
CA GLU A 117 6.08 -1.71 6.69
C GLU A 117 6.72 -2.10 5.35
N LEU A 118 5.98 -1.89 4.27
CA LEU A 118 6.47 -2.21 2.93
C LEU A 118 7.36 -1.09 2.40
N LYS A 119 7.66 -0.13 3.26
CA LYS A 119 8.51 1.00 2.88
C LYS A 119 7.96 1.69 1.63
N LEU A 120 6.64 1.69 1.49
CA LEU A 120 5.99 2.32 0.35
C LEU A 120 5.74 3.80 0.61
N SER A 121 5.15 4.47 -0.37
CA SER A 121 4.85 5.90 -0.25
C SER A 121 4.25 6.21 1.12
N GLY A 122 3.20 5.48 1.48
CA GLY A 122 2.54 5.70 2.76
C GLY A 122 1.74 6.97 2.79
N PRO A 123 0.62 6.99 2.04
CA PRO A 123 -0.27 8.15 1.97
C PRO A 123 -1.03 8.39 3.27
N SER A 124 -0.82 9.56 3.87
CA SER A 124 -1.48 9.91 5.12
C SER A 124 -1.23 11.38 5.47
N SER A 125 -2.32 12.10 5.75
CA SER A 125 -2.22 13.51 6.09
C SER A 125 -1.76 13.69 7.53
N GLY A 126 -0.45 13.63 7.74
CA GLY A 126 0.10 13.78 9.07
C GLY A 126 -0.11 12.56 9.93
N MET A 1 16.52 -1.86 40.34
CA MET A 1 16.72 -2.26 38.95
C MET A 1 16.29 -1.14 38.01
N LYS A 2 17.20 -0.21 37.73
CA LYS A 2 16.90 0.91 36.84
C LYS A 2 17.96 1.02 35.75
N ASP A 3 17.92 0.11 34.78
CA ASP A 3 18.87 0.10 33.68
C ASP A 3 18.22 0.64 32.40
N HIS A 4 18.37 1.94 32.16
CA HIS A 4 17.79 2.56 30.97
C HIS A 4 18.89 3.15 30.09
N LEU A 5 18.83 2.84 28.80
CA LEU A 5 19.82 3.34 27.85
C LEU A 5 19.14 3.94 26.63
N ILE A 6 17.96 4.50 26.82
CA ILE A 6 17.20 5.11 25.73
C ILE A 6 16.87 6.57 26.05
N HIS A 7 17.04 7.43 25.06
CA HIS A 7 16.75 8.86 25.23
C HIS A 7 15.63 9.30 24.29
N ASN A 8 14.49 9.66 24.88
CA ASN A 8 13.34 10.10 24.08
C ASN A 8 13.19 11.62 24.16
N VAL A 9 14.31 12.33 24.08
CA VAL A 9 14.29 13.78 24.14
C VAL A 9 15.27 14.38 23.13
N HIS A 10 14.74 15.05 22.11
CA HIS A 10 15.57 15.67 21.09
C HIS A 10 14.79 16.77 20.36
N LYS A 11 15.52 17.64 19.67
CA LYS A 11 14.90 18.73 18.91
C LYS A 11 14.44 18.26 17.54
N GLU A 12 13.62 19.06 16.88
CA GLU A 12 13.12 18.72 15.57
C GLU A 12 14.11 19.12 14.48
N GLU A 13 13.88 18.64 13.26
CA GLU A 13 14.76 18.94 12.14
C GLU A 13 14.56 20.38 11.68
N HIS A 14 15.63 20.97 11.13
CA HIS A 14 15.57 22.35 10.65
C HIS A 14 15.65 22.38 9.13
N ALA A 15 14.91 21.50 8.49
CA ALA A 15 14.88 21.43 7.02
C ALA A 15 13.56 20.85 6.52
N HIS A 16 13.16 21.28 5.33
CA HIS A 16 11.91 20.80 4.73
C HIS A 16 11.75 21.35 3.32
N ALA A 17 10.72 20.88 2.63
CA ALA A 17 10.45 21.32 1.26
C ALA A 17 8.96 21.62 1.07
N HIS A 18 8.63 22.90 1.05
CA HIS A 18 7.24 23.32 0.86
C HIS A 18 6.84 23.28 -0.60
N ASN A 19 6.14 22.22 -0.98
CA ASN A 19 5.70 22.05 -2.37
C ASN A 19 4.28 21.48 -2.42
N LYS A 20 3.52 21.90 -3.42
CA LYS A 20 2.16 21.42 -3.59
C LYS A 20 2.06 20.43 -4.75
N ASP A 21 2.37 19.16 -4.46
CA ASP A 21 2.31 18.12 -5.48
C ASP A 21 1.58 16.90 -4.94
N TYR A 22 0.25 16.91 -5.04
CA TYR A 22 -0.57 15.81 -4.56
C TYR A 22 -1.65 15.45 -5.59
N ASP A 23 -2.45 16.45 -5.95
CA ASP A 23 -3.53 16.24 -6.92
C ASP A 23 -4.19 14.89 -6.71
N ILE A 24 -4.59 14.61 -5.48
CA ILE A 24 -5.24 13.35 -5.15
C ILE A 24 -6.47 13.11 -6.03
N PRO A 25 -6.62 11.87 -6.51
CA PRO A 25 -7.75 11.49 -7.38
C PRO A 25 -9.06 11.46 -6.61
N THR A 26 -10.08 10.83 -7.21
CA THR A 26 -11.39 10.75 -6.60
C THR A 26 -11.79 9.29 -6.36
N THR A 27 -11.14 8.38 -7.08
CA THR A 27 -11.43 6.96 -6.96
C THR A 27 -11.20 6.48 -5.53
N GLU A 28 -12.02 5.52 -5.10
CA GLU A 28 -11.90 4.98 -3.75
C GLU A 28 -10.80 3.93 -3.68
N ASN A 29 -9.62 4.29 -4.18
CA ASN A 29 -8.47 3.39 -4.17
C ASN A 29 -7.20 4.12 -3.78
N LEU A 30 -6.34 3.44 -3.03
CA LEU A 30 -5.07 4.03 -2.59
C LEU A 30 -3.91 3.48 -3.41
N TYR A 31 -2.95 4.35 -3.72
CA TYR A 31 -1.78 3.95 -4.49
C TYR A 31 -0.49 4.26 -3.73
N PHE A 32 0.20 3.19 -3.31
CA PHE A 32 1.45 3.34 -2.58
C PHE A 32 2.66 3.17 -3.50
N GLN A 33 3.82 3.56 -3.00
CA GLN A 33 5.05 3.45 -3.78
C GLN A 33 6.22 2.98 -2.91
N GLY A 34 7.12 2.22 -3.51
CA GLY A 34 8.27 1.71 -2.77
C GLY A 34 8.57 0.26 -3.10
N SER A 35 8.87 -0.01 -4.36
CA SER A 35 9.18 -1.36 -4.80
C SER A 35 10.46 -1.88 -4.14
N SER A 36 10.40 -3.10 -3.64
CA SER A 36 11.54 -3.71 -2.97
C SER A 36 12.36 -4.56 -3.95
N GLY A 37 12.54 -4.04 -5.16
CA GLY A 37 13.30 -4.76 -6.17
C GLY A 37 12.51 -4.98 -7.44
N SER A 38 11.78 -6.10 -7.49
CA SER A 38 10.98 -6.43 -8.66
C SER A 38 9.49 -6.35 -8.34
N SER A 39 8.66 -6.56 -9.36
CA SER A 39 7.21 -6.50 -9.19
C SER A 39 6.70 -7.73 -8.46
N GLY A 40 7.36 -8.88 -8.71
CA GLY A 40 6.95 -10.11 -8.07
C GLY A 40 7.34 -10.15 -6.60
N ASP A 41 8.62 -9.90 -6.33
CA ASP A 41 9.13 -9.92 -4.96
C ASP A 41 8.14 -9.26 -4.01
N MET A 42 7.47 -8.21 -4.50
CA MET A 42 6.49 -7.48 -3.69
C MET A 42 5.49 -8.44 -3.05
N MET A 43 4.80 -9.21 -3.90
CA MET A 43 3.81 -10.17 -3.43
C MET A 43 4.38 -11.04 -2.30
N ARG A 44 5.69 -11.22 -2.33
CA ARG A 44 6.37 -12.03 -1.31
C ARG A 44 6.59 -11.23 -0.04
N GLU A 45 7.25 -10.09 -0.17
CA GLU A 45 7.53 -9.23 0.97
C GLU A 45 6.25 -8.83 1.68
N ILE A 46 5.27 -8.37 0.91
CA ILE A 46 3.98 -7.96 1.46
C ILE A 46 3.47 -8.97 2.48
N ARG A 47 3.24 -10.20 2.01
CA ARG A 47 2.74 -11.26 2.87
C ARG A 47 3.41 -11.20 4.24
N LYS A 48 4.68 -10.83 4.27
CA LYS A 48 5.43 -10.72 5.52
C LYS A 48 4.67 -9.89 6.54
N VAL A 49 4.22 -8.71 6.13
CA VAL A 49 3.47 -7.82 7.01
C VAL A 49 2.13 -8.43 7.37
N LEU A 50 1.30 -8.67 6.36
CA LEU A 50 -0.03 -9.24 6.58
C LEU A 50 0.00 -10.26 7.71
N GLY A 51 0.78 -11.32 7.54
CA GLY A 51 0.87 -12.36 8.55
C GLY A 51 1.35 -11.81 9.88
N ALA A 52 2.13 -10.74 9.84
CA ALA A 52 2.66 -10.12 11.05
C ALA A 52 1.57 -9.33 11.77
N ASN A 53 0.68 -8.72 11.01
CA ASN A 53 -0.41 -7.93 11.58
C ASN A 53 -1.70 -8.75 11.64
N ASN A 54 -1.55 -10.03 11.94
CA ASN A 54 -2.71 -10.92 12.03
C ASN A 54 -3.67 -10.69 10.88
N CYS A 55 -3.12 -10.61 9.67
CA CYS A 55 -3.93 -10.39 8.47
C CYS A 55 -3.97 -11.64 7.60
N ASP A 56 -5.05 -11.80 6.86
CA ASP A 56 -5.22 -12.96 5.98
C ASP A 56 -5.13 -12.55 4.52
N TYR A 57 -4.56 -13.42 3.69
CA TYR A 57 -4.42 -13.15 2.27
C TYR A 57 -4.61 -14.42 1.44
N GLU A 58 -5.33 -14.29 0.34
CA GLU A 58 -5.59 -15.43 -0.54
C GLU A 58 -5.17 -15.12 -1.97
N GLN A 59 -4.03 -15.67 -2.39
CA GLN A 59 -3.52 -15.46 -3.73
C GLN A 59 -4.48 -16.01 -4.77
N ARG A 60 -5.17 -15.12 -5.48
CA ARG A 60 -6.12 -15.53 -6.51
C ARG A 60 -5.43 -15.69 -7.85
N GLU A 61 -4.48 -14.81 -8.14
CA GLU A 61 -3.74 -14.86 -9.40
C GLU A 61 -2.24 -14.67 -9.16
N ARG A 62 -1.48 -14.61 -10.24
CA ARG A 62 -0.04 -14.43 -10.15
C ARG A 62 0.30 -13.16 -9.39
N PHE A 63 -0.39 -12.07 -9.74
CA PHE A 63 -0.15 -10.78 -9.09
C PHE A 63 -1.43 -10.27 -8.42
N LEU A 64 -2.21 -11.19 -7.86
CA LEU A 64 -3.45 -10.84 -7.19
C LEU A 64 -3.58 -11.55 -5.85
N LEU A 65 -3.76 -10.79 -4.79
CA LEU A 65 -3.90 -11.35 -3.45
C LEU A 65 -5.09 -10.73 -2.72
N PHE A 66 -5.99 -11.59 -2.23
CA PHE A 66 -7.17 -11.12 -1.51
C PHE A 66 -6.85 -10.90 -0.04
N CYS A 67 -6.50 -9.66 0.30
CA CYS A 67 -6.17 -9.31 1.68
C CYS A 67 -7.44 -9.01 2.48
N VAL A 68 -7.45 -9.44 3.74
CA VAL A 68 -8.59 -9.21 4.62
C VAL A 68 -8.17 -9.19 6.08
N HIS A 69 -8.44 -8.08 6.75
CA HIS A 69 -8.09 -7.93 8.16
C HIS A 69 -9.34 -8.04 9.04
N GLY A 70 -9.16 -8.59 10.24
CA GLY A 70 -10.27 -8.75 11.16
C GLY A 70 -10.04 -9.87 12.16
N ASP A 71 -9.72 -9.48 13.40
CA ASP A 71 -9.47 -10.45 14.46
C ASP A 71 -10.66 -11.42 14.60
N GLY A 72 -11.82 -10.99 14.12
CA GLY A 72 -13.01 -11.81 14.21
C GLY A 72 -14.27 -11.00 14.48
N HIS A 73 -14.28 -9.77 13.98
CA HIS A 73 -15.44 -8.89 14.18
C HIS A 73 -15.65 -8.01 12.95
N ALA A 74 -16.86 -8.05 12.39
CA ALA A 74 -17.19 -7.25 11.22
C ALA A 74 -17.00 -5.76 11.50
N GLU A 75 -17.12 -5.39 12.78
CA GLU A 75 -16.96 -3.99 13.17
C GLU A 75 -15.57 -3.47 12.79
N ASN A 76 -14.61 -4.38 12.72
CA ASN A 76 -13.25 -4.01 12.36
C ASN A 76 -12.72 -4.89 11.21
N LEU A 77 -13.64 -5.38 10.40
CA LEU A 77 -13.27 -6.23 9.26
C LEU A 77 -13.21 -5.41 7.98
N VAL A 78 -12.18 -5.68 7.17
CA VAL A 78 -12.01 -4.98 5.91
C VAL A 78 -11.44 -5.90 4.84
N GLN A 79 -12.06 -5.89 3.66
CA GLN A 79 -11.62 -6.73 2.55
C GLN A 79 -11.03 -5.88 1.43
N TRP A 80 -9.82 -6.24 1.00
CA TRP A 80 -9.15 -5.51 -0.06
C TRP A 80 -8.20 -6.42 -0.83
N GLU A 81 -8.11 -6.20 -2.14
CA GLU A 81 -7.24 -7.01 -2.99
C GLU A 81 -5.98 -6.24 -3.37
N MET A 82 -4.82 -6.78 -2.98
CA MET A 82 -3.55 -6.15 -3.28
C MET A 82 -2.95 -6.70 -4.57
N GLU A 83 -3.09 -5.94 -5.65
CA GLU A 83 -2.56 -6.35 -6.94
C GLU A 83 -1.45 -5.43 -7.41
N VAL A 84 -0.28 -5.99 -7.66
CA VAL A 84 0.87 -5.21 -8.12
C VAL A 84 0.65 -4.68 -9.53
N CYS A 85 0.19 -3.44 -9.62
CA CYS A 85 -0.07 -2.81 -10.92
C CYS A 85 1.24 -2.40 -11.59
N LYS A 86 1.26 -2.45 -12.91
CA LYS A 86 2.44 -2.10 -13.68
C LYS A 86 2.20 -0.84 -14.51
N LEU A 87 2.88 0.24 -14.15
CA LEU A 87 2.73 1.51 -14.87
C LEU A 87 2.85 1.30 -16.37
N PRO A 88 2.18 2.18 -17.14
CA PRO A 88 2.20 2.11 -18.61
C PRO A 88 3.55 2.47 -19.20
N ARG A 89 4.31 3.29 -18.46
CA ARG A 89 5.63 3.71 -18.90
C ARG A 89 6.73 3.04 -18.08
N LEU A 90 6.34 2.01 -17.32
CA LEU A 90 7.30 1.29 -16.49
C LEU A 90 8.17 2.25 -15.69
N SER A 91 7.61 3.40 -15.34
CA SER A 91 8.33 4.41 -14.57
C SER A 91 8.69 3.88 -13.18
N LEU A 92 7.90 2.91 -12.70
CA LEU A 92 8.13 2.33 -11.39
C LEU A 92 7.18 1.16 -11.13
N ASN A 93 7.22 0.61 -9.93
CA ASN A 93 6.37 -0.50 -9.57
C ASN A 93 5.72 -0.27 -8.21
N GLY A 94 4.59 0.43 -8.20
CA GLY A 94 3.90 0.71 -6.97
C GLY A 94 2.80 -0.29 -6.67
N VAL A 95 2.40 -0.40 -5.41
CA VAL A 95 1.36 -1.33 -5.01
C VAL A 95 0.01 -0.63 -4.90
N ARG A 96 -0.91 -0.99 -5.79
CA ARG A 96 -2.24 -0.40 -5.80
C ARG A 96 -3.18 -1.16 -4.87
N PHE A 97 -3.99 -0.41 -4.13
CA PHE A 97 -4.95 -1.01 -3.19
C PHE A 97 -6.37 -0.94 -3.74
N LYS A 98 -7.22 -1.85 -3.29
CA LYS A 98 -8.60 -1.90 -3.73
C LYS A 98 -9.52 -2.38 -2.61
N ARG A 99 -10.46 -1.53 -2.22
CA ARG A 99 -11.40 -1.88 -1.16
C ARG A 99 -12.58 -2.67 -1.71
N ILE A 100 -12.66 -3.95 -1.31
CA ILE A 100 -13.72 -4.82 -1.76
C ILE A 100 -14.94 -4.72 -0.84
N SER A 101 -14.70 -4.35 0.41
CA SER A 101 -15.78 -4.22 1.38
C SER A 101 -15.24 -3.65 2.70
N GLY A 102 -16.16 -3.31 3.60
CA GLY A 102 -15.77 -2.76 4.88
C GLY A 102 -15.97 -1.26 4.96
N THR A 103 -15.23 -0.62 5.85
CA THR A 103 -15.34 0.83 6.03
C THR A 103 -14.06 1.53 5.56
N SER A 104 -14.22 2.74 5.05
CA SER A 104 -13.08 3.52 4.57
C SER A 104 -12.06 3.75 5.68
N ILE A 105 -12.52 4.34 6.78
CA ILE A 105 -11.65 4.61 7.92
C ILE A 105 -10.65 3.47 8.13
N ALA A 106 -11.16 2.31 8.52
CA ALA A 106 -10.31 1.16 8.75
C ALA A 106 -9.43 0.86 7.53
N PHE A 107 -10.05 0.90 6.35
CA PHE A 107 -9.33 0.63 5.11
C PHE A 107 -8.04 1.45 5.05
N LYS A 108 -8.07 2.65 5.61
CA LYS A 108 -6.91 3.53 5.61
C LYS A 108 -6.05 3.29 6.86
N ASN A 109 -6.71 3.25 8.02
CA ASN A 109 -6.00 3.03 9.28
C ASN A 109 -5.04 1.86 9.16
N ILE A 110 -5.48 0.79 8.51
CA ILE A 110 -4.65 -0.39 8.32
C ILE A 110 -3.67 -0.21 7.17
N ALA A 111 -4.08 0.57 6.18
CA ALA A 111 -3.23 0.83 5.02
C ALA A 111 -1.92 1.50 5.43
N SER A 112 -1.99 2.32 6.49
CA SER A 112 -0.81 3.02 6.98
C SER A 112 0.26 2.04 7.43
N LYS A 113 -0.14 1.06 8.23
CA LYS A 113 0.78 0.05 8.73
C LYS A 113 1.45 -0.70 7.58
N ILE A 114 0.66 -1.44 6.82
CA ILE A 114 1.18 -2.20 5.69
C ILE A 114 2.26 -1.42 4.95
N ALA A 115 2.01 -0.13 4.74
CA ALA A 115 2.97 0.72 4.04
C ALA A 115 4.25 0.88 4.85
N ASN A 116 4.14 1.56 5.99
CA ASN A 116 5.30 1.78 6.85
C ASN A 116 6.17 0.53 6.93
N GLU A 117 5.53 -0.63 6.97
CA GLU A 117 6.24 -1.90 7.04
C GLU A 117 6.91 -2.22 5.71
N LEU A 118 6.20 -1.96 4.62
CA LEU A 118 6.73 -2.23 3.28
C LEU A 118 7.58 -1.07 2.79
N LYS A 119 8.06 -0.25 3.73
CA LYS A 119 8.90 0.88 3.41
C LYS A 119 8.35 1.63 2.19
N LEU A 120 7.02 1.67 2.08
CA LEU A 120 6.38 2.35 0.96
C LEU A 120 6.23 3.84 1.26
N SER A 121 5.61 4.56 0.33
CA SER A 121 5.41 6.00 0.48
C SER A 121 4.64 6.30 1.76
N GLY A 122 3.46 5.73 1.89
CA GLY A 122 2.64 5.95 3.08
C GLY A 122 1.86 7.24 3.00
N PRO A 123 0.81 7.24 2.16
CA PRO A 123 -0.05 8.41 1.96
C PRO A 123 -0.91 8.70 3.20
N SER A 124 -1.13 9.98 3.47
CA SER A 124 -1.93 10.39 4.62
C SER A 124 -3.10 11.25 4.18
N SER A 125 -4.21 11.16 4.91
CA SER A 125 -5.41 11.94 4.59
C SER A 125 -6.08 12.44 5.87
N GLY A 126 -6.24 13.75 5.96
CA GLY A 126 -6.88 14.34 7.13
C GLY A 126 -5.90 14.50 8.29
N MET A 1 38.58 2.43 0.05
CA MET A 1 38.63 2.60 -1.40
C MET A 1 37.77 1.57 -2.11
N LYS A 2 37.95 0.31 -1.73
CA LYS A 2 37.17 -0.79 -2.33
C LYS A 2 35.94 -1.10 -1.50
N ASP A 3 34.80 -0.59 -1.93
CA ASP A 3 33.53 -0.81 -1.23
C ASP A 3 32.35 -0.54 -2.15
N HIS A 4 31.43 -1.50 -2.22
CA HIS A 4 30.24 -1.35 -3.05
C HIS A 4 28.99 -1.23 -2.20
N LEU A 5 28.67 -0.01 -1.79
CA LEU A 5 27.49 0.24 -0.96
C LEU A 5 26.66 1.37 -1.55
N ILE A 6 25.40 1.07 -1.85
CA ILE A 6 24.49 2.07 -2.42
C ILE A 6 23.84 2.90 -1.32
N HIS A 7 24.53 3.95 -0.89
CA HIS A 7 24.03 4.83 0.15
C HIS A 7 23.75 6.24 -0.40
N ASN A 8 22.59 6.40 -1.01
CA ASN A 8 22.20 7.69 -1.58
C ASN A 8 20.89 8.18 -0.98
N VAL A 9 20.89 8.40 0.34
CA VAL A 9 19.71 8.88 1.03
C VAL A 9 19.82 10.36 1.37
N HIS A 10 20.14 11.17 0.36
CA HIS A 10 20.28 12.60 0.55
C HIS A 10 19.27 13.37 -0.30
N LYS A 11 18.09 13.61 0.26
CA LYS A 11 17.03 14.32 -0.45
C LYS A 11 16.28 15.26 0.49
N GLU A 12 16.21 16.53 0.12
CA GLU A 12 15.51 17.52 0.94
C GLU A 12 14.66 18.43 0.07
N GLU A 13 13.48 18.80 0.58
CA GLU A 13 12.56 19.67 -0.15
C GLU A 13 12.25 20.92 0.66
N HIS A 14 12.26 22.07 0.00
CA HIS A 14 11.97 23.34 0.65
C HIS A 14 10.64 23.92 0.16
N ALA A 15 9.55 23.40 0.72
CA ALA A 15 8.21 23.86 0.35
C ALA A 15 7.18 23.47 1.40
N HIS A 16 5.94 23.92 1.21
CA HIS A 16 4.87 23.63 2.15
C HIS A 16 4.79 22.13 2.43
N ALA A 17 3.98 21.76 3.42
CA ALA A 17 3.81 20.36 3.79
C ALA A 17 3.36 19.53 2.59
N HIS A 18 3.21 18.23 2.81
CA HIS A 18 2.80 17.32 1.74
C HIS A 18 1.30 17.02 1.84
N ASN A 19 0.49 17.85 1.19
CA ASN A 19 -0.96 17.67 1.20
C ASN A 19 -1.49 17.42 -0.21
N LYS A 20 -1.81 16.15 -0.49
CA LYS A 20 -2.32 15.78 -1.80
C LYS A 20 -3.83 16.02 -1.88
N ASP A 21 -4.21 17.29 -1.90
CA ASP A 21 -5.63 17.65 -1.97
C ASP A 21 -5.86 18.72 -3.04
N TYR A 22 -5.93 18.29 -4.30
CA TYR A 22 -6.14 19.20 -5.41
C TYR A 22 -7.31 18.73 -6.28
N ASP A 23 -7.06 17.69 -7.07
CA ASP A 23 -8.08 17.15 -7.95
C ASP A 23 -8.20 15.63 -7.78
N ILE A 24 -8.42 15.19 -6.55
CA ILE A 24 -8.55 13.77 -6.26
C ILE A 24 -9.91 13.25 -6.67
N PRO A 25 -9.93 12.06 -7.30
CA PRO A 25 -11.17 11.41 -7.76
C PRO A 25 -12.03 10.93 -6.60
N THR A 26 -13.22 10.44 -6.92
CA THR A 26 -14.14 9.94 -5.90
C THR A 26 -14.04 8.42 -5.77
N THR A 27 -12.85 7.89 -6.01
CA THR A 27 -12.63 6.45 -5.92
C THR A 27 -11.97 6.08 -4.59
N GLU A 28 -12.05 4.81 -4.23
CA GLU A 28 -11.47 4.33 -2.99
C GLU A 28 -10.21 3.52 -3.25
N ASN A 29 -9.43 3.94 -4.24
CA ASN A 29 -8.20 3.25 -4.60
C ASN A 29 -6.98 4.07 -4.21
N LEU A 30 -6.13 3.50 -3.37
CA LEU A 30 -4.92 4.18 -2.92
C LEU A 30 -3.70 3.67 -3.67
N TYR A 31 -2.70 4.54 -3.82
CA TYR A 31 -1.47 4.17 -4.52
C TYR A 31 -0.24 4.52 -3.69
N PHE A 32 0.68 3.58 -3.59
CA PHE A 32 1.91 3.78 -2.81
C PHE A 32 3.14 3.53 -3.67
N GLN A 33 4.31 3.76 -3.09
CA GLN A 33 5.57 3.56 -3.81
C GLN A 33 6.65 3.02 -2.87
N GLY A 34 7.29 1.94 -3.28
CA GLY A 34 8.34 1.34 -2.47
C GLY A 34 8.61 -0.11 -2.85
N SER A 35 9.12 -0.31 -4.06
CA SER A 35 9.43 -1.65 -4.55
C SER A 35 10.79 -2.11 -4.04
N SER A 36 10.87 -3.37 -3.64
CA SER A 36 12.11 -3.94 -3.13
C SER A 36 12.88 -4.65 -4.24
N GLY A 37 12.81 -4.09 -5.44
CA GLY A 37 13.50 -4.67 -6.58
C GLY A 37 12.56 -5.02 -7.72
N SER A 38 12.04 -6.24 -7.72
CA SER A 38 11.14 -6.68 -8.76
C SER A 38 9.69 -6.59 -8.30
N SER A 39 8.76 -6.70 -9.25
CA SER A 39 7.33 -6.61 -8.95
C SER A 39 6.84 -7.90 -8.29
N GLY A 40 7.58 -8.98 -8.49
CA GLY A 40 7.21 -10.26 -7.90
C GLY A 40 7.49 -10.32 -6.41
N ASP A 41 8.71 -9.98 -6.03
CA ASP A 41 9.11 -10.00 -4.63
C ASP A 41 8.01 -9.38 -3.75
N MET A 42 7.40 -8.31 -4.24
CA MET A 42 6.35 -7.63 -3.50
C MET A 42 5.33 -8.63 -2.96
N MET A 43 4.90 -9.54 -3.81
CA MET A 43 3.93 -10.57 -3.41
C MET A 43 4.45 -11.38 -2.23
N ARG A 44 5.77 -11.47 -2.13
CA ARG A 44 6.41 -12.22 -1.05
C ARG A 44 6.61 -11.34 0.18
N GLU A 45 6.94 -10.08 -0.05
CA GLU A 45 7.18 -9.14 1.04
C GLU A 45 5.87 -8.77 1.73
N ILE A 46 4.91 -8.30 0.94
CA ILE A 46 3.60 -7.92 1.47
C ILE A 46 3.14 -8.90 2.55
N ARG A 47 2.83 -10.12 2.14
CA ARG A 47 2.38 -11.15 3.07
C ARG A 47 3.08 -11.00 4.42
N LYS A 48 4.36 -10.67 4.39
CA LYS A 48 5.14 -10.50 5.61
C LYS A 48 4.35 -9.69 6.65
N VAL A 49 3.85 -8.54 6.23
CA VAL A 49 3.08 -7.68 7.12
C VAL A 49 1.76 -8.33 7.51
N LEU A 50 1.08 -8.92 6.53
CA LEU A 50 -0.20 -9.59 6.77
C LEU A 50 -0.09 -10.59 7.91
N GLY A 51 0.78 -11.59 7.73
CA GLY A 51 0.96 -12.59 8.76
C GLY A 51 1.26 -11.99 10.12
N ALA A 52 1.95 -10.86 10.12
CA ALA A 52 2.31 -10.18 11.37
C ALA A 52 1.06 -9.63 12.06
N ASN A 53 0.13 -9.10 11.28
CA ASN A 53 -1.10 -8.54 11.81
C ASN A 53 -2.24 -9.56 11.74
N ASN A 54 -1.91 -10.83 11.95
CA ASN A 54 -2.89 -11.89 11.90
C ASN A 54 -3.85 -11.70 10.72
N CYS A 55 -3.31 -11.25 9.60
CA CYS A 55 -4.11 -11.02 8.40
C CYS A 55 -3.95 -12.17 7.42
N ASP A 56 -5.07 -12.63 6.87
CA ASP A 56 -5.06 -13.73 5.91
C ASP A 56 -4.98 -13.20 4.48
N TYR A 57 -4.61 -14.08 3.55
CA TYR A 57 -4.49 -13.70 2.15
C TYR A 57 -4.82 -14.87 1.24
N GLU A 58 -5.56 -14.60 0.17
CA GLU A 58 -5.94 -15.64 -0.78
C GLU A 58 -5.50 -15.27 -2.20
N GLN A 59 -4.45 -15.95 -2.67
CA GLN A 59 -3.92 -15.68 -4.01
C GLN A 59 -4.97 -16.00 -5.07
N ARG A 60 -5.40 -14.97 -5.79
CA ARG A 60 -6.40 -15.13 -6.85
C ARG A 60 -5.74 -15.40 -8.18
N GLU A 61 -4.78 -14.55 -8.55
CA GLU A 61 -4.06 -14.69 -9.81
C GLU A 61 -2.56 -14.75 -9.58
N ARG A 62 -1.81 -14.83 -10.67
CA ARG A 62 -0.35 -14.90 -10.60
C ARG A 62 0.20 -13.72 -9.80
N PHE A 63 -0.20 -12.50 -10.19
CA PHE A 63 0.26 -11.29 -9.52
C PHE A 63 -0.90 -10.62 -8.79
N LEU A 64 -1.72 -11.42 -8.13
CA LEU A 64 -2.86 -10.90 -7.38
C LEU A 64 -3.08 -11.70 -6.09
N LEU A 65 -3.55 -11.02 -5.06
CA LEU A 65 -3.81 -11.65 -3.77
C LEU A 65 -4.92 -10.93 -3.01
N PHE A 66 -5.83 -11.70 -2.44
CA PHE A 66 -6.95 -11.14 -1.69
C PHE A 66 -6.57 -10.94 -0.22
N CYS A 67 -6.16 -9.71 0.11
CA CYS A 67 -5.77 -9.39 1.48
C CYS A 67 -7.00 -9.12 2.35
N VAL A 68 -6.94 -9.56 3.60
CA VAL A 68 -8.05 -9.37 4.53
C VAL A 68 -7.54 -9.26 5.97
N HIS A 69 -8.01 -8.24 6.68
CA HIS A 69 -7.61 -8.02 8.07
C HIS A 69 -8.72 -8.44 9.02
N GLY A 70 -8.37 -9.27 10.01
CA GLY A 70 -9.35 -9.72 10.98
C GLY A 70 -8.90 -9.48 12.41
N ASP A 71 -8.90 -8.21 12.82
CA ASP A 71 -8.49 -7.84 14.16
C ASP A 71 -9.23 -8.69 15.20
N GLY A 72 -10.51 -8.93 14.95
CA GLY A 72 -11.31 -9.72 15.87
C GLY A 72 -12.51 -10.36 15.20
N HIS A 73 -13.33 -9.53 14.55
CA HIS A 73 -14.52 -10.01 13.87
C HIS A 73 -14.85 -9.13 12.66
N ALA A 74 -15.94 -9.46 11.98
CA ALA A 74 -16.37 -8.71 10.81
C ALA A 74 -16.46 -7.22 11.12
N GLU A 75 -16.84 -6.90 12.34
CA GLU A 75 -16.97 -5.51 12.76
C GLU A 75 -15.71 -4.71 12.43
N ASN A 76 -14.55 -5.33 12.68
CA ASN A 76 -13.27 -4.68 12.40
C ASN A 76 -12.55 -5.38 11.27
N LEU A 77 -13.31 -6.05 10.40
CA LEU A 77 -12.73 -6.76 9.27
C LEU A 77 -12.71 -5.87 8.03
N VAL A 78 -11.63 -5.98 7.25
CA VAL A 78 -11.48 -5.19 6.04
C VAL A 78 -10.89 -6.01 4.91
N GLN A 79 -11.57 -6.04 3.78
CA GLN A 79 -11.11 -6.80 2.62
C GLN A 79 -10.59 -5.87 1.52
N TRP A 80 -9.39 -6.13 1.05
CA TRP A 80 -8.78 -5.31 0.01
C TRP A 80 -7.87 -6.15 -0.89
N GLU A 81 -8.07 -6.05 -2.19
CA GLU A 81 -7.27 -6.80 -3.16
C GLU A 81 -5.97 -6.07 -3.48
N MET A 82 -4.85 -6.76 -3.30
CA MET A 82 -3.55 -6.17 -3.57
C MET A 82 -3.02 -6.61 -4.93
N GLU A 83 -3.10 -5.72 -5.91
CA GLU A 83 -2.65 -6.01 -7.26
C GLU A 83 -1.30 -5.34 -7.54
N VAL A 84 -0.30 -6.15 -7.87
CA VAL A 84 1.04 -5.63 -8.15
C VAL A 84 1.17 -5.24 -9.62
N CYS A 85 1.15 -3.93 -9.89
CA CYS A 85 1.27 -3.43 -11.25
C CYS A 85 2.62 -2.77 -11.47
N LYS A 86 3.00 -2.61 -12.73
CA LYS A 86 4.27 -1.99 -13.08
C LYS A 86 4.06 -0.59 -13.66
N LEU A 87 5.00 0.30 -13.39
CA LEU A 87 4.92 1.68 -13.89
C LEU A 87 5.77 1.85 -15.15
N PRO A 88 5.47 2.92 -15.91
CA PRO A 88 6.20 3.22 -17.15
C PRO A 88 7.62 3.69 -16.89
N ARG A 89 8.09 3.48 -15.65
CA ARG A 89 9.44 3.88 -15.28
C ARG A 89 10.05 2.87 -14.30
N LEU A 90 11.02 2.12 -14.79
CA LEU A 90 11.69 1.11 -13.97
C LEU A 90 11.79 1.57 -12.51
N SER A 91 11.86 2.88 -12.32
CA SER A 91 11.96 3.46 -10.98
C SER A 91 11.22 2.59 -9.97
N LEU A 92 10.10 2.02 -10.39
CA LEU A 92 9.29 1.16 -9.52
C LEU A 92 8.14 0.53 -10.30
N ASN A 93 7.36 -0.30 -9.61
CA ASN A 93 6.23 -0.97 -10.23
C ASN A 93 4.92 -0.32 -9.82
N GLY A 94 4.80 0.00 -8.54
CA GLY A 94 3.59 0.63 -8.04
C GLY A 94 2.66 -0.36 -7.37
N VAL A 95 2.04 0.06 -6.27
CA VAL A 95 1.11 -0.79 -5.55
C VAL A 95 -0.19 -0.07 -5.23
N ARG A 96 -1.26 -0.48 -5.89
CA ARG A 96 -2.57 0.13 -5.69
C ARG A 96 -3.43 -0.70 -4.74
N PHE A 97 -4.37 -0.04 -4.07
CA PHE A 97 -5.24 -0.72 -3.12
C PHE A 97 -6.69 -0.72 -3.62
N LYS A 98 -7.34 -1.86 -3.54
CA LYS A 98 -8.73 -2.00 -3.98
C LYS A 98 -9.62 -2.44 -2.83
N ARG A 99 -10.40 -1.51 -2.30
CA ARG A 99 -11.31 -1.81 -1.20
C ARG A 99 -12.37 -2.82 -1.63
N ILE A 100 -12.69 -3.76 -0.74
CA ILE A 100 -13.69 -4.77 -1.02
C ILE A 100 -14.88 -4.65 -0.08
N SER A 101 -14.59 -4.57 1.21
CA SER A 101 -15.65 -4.45 2.22
C SER A 101 -15.13 -3.70 3.46
N GLY A 102 -16.04 -3.43 4.39
CA GLY A 102 -15.66 -2.73 5.60
C GLY A 102 -15.73 -1.23 5.44
N THR A 103 -15.57 -0.51 6.56
CA THR A 103 -15.63 0.95 6.54
C THR A 103 -14.34 1.54 5.97
N SER A 104 -14.42 2.76 5.47
CA SER A 104 -13.27 3.44 4.90
C SER A 104 -12.21 3.69 5.96
N ILE A 105 -12.62 4.28 7.07
CA ILE A 105 -11.71 4.58 8.16
C ILE A 105 -10.70 3.47 8.36
N ALA A 106 -11.19 2.28 8.71
CA ALA A 106 -10.33 1.12 8.93
C ALA A 106 -9.42 0.90 7.73
N PHE A 107 -9.95 1.10 6.53
CA PHE A 107 -9.19 0.93 5.30
C PHE A 107 -7.90 1.75 5.34
N LYS A 108 -8.04 3.02 5.68
CA LYS A 108 -6.88 3.92 5.75
C LYS A 108 -6.05 3.64 6.99
N ASN A 109 -6.73 3.44 8.12
CA ASN A 109 -6.06 3.17 9.38
C ASN A 109 -5.08 2.00 9.24
N ILE A 110 -5.51 0.97 8.52
CA ILE A 110 -4.67 -0.21 8.31
C ILE A 110 -3.76 -0.01 7.10
N ALA A 111 -4.21 0.78 6.14
CA ALA A 111 -3.43 1.05 4.93
C ALA A 111 -2.11 1.71 5.28
N SER A 112 -2.11 2.52 6.34
CA SER A 112 -0.90 3.22 6.76
C SER A 112 0.18 2.23 7.18
N LYS A 113 -0.19 1.29 8.04
CA LYS A 113 0.74 0.28 8.53
C LYS A 113 1.33 -0.51 7.37
N ILE A 114 0.49 -1.27 6.67
CA ILE A 114 0.92 -2.08 5.54
C ILE A 114 1.96 -1.33 4.71
N ALA A 115 1.76 -0.02 4.55
CA ALA A 115 2.68 0.81 3.79
C ALA A 115 4.00 0.97 4.51
N ASN A 116 3.94 1.52 5.72
CA ASN A 116 5.15 1.73 6.52
C ASN A 116 5.98 0.46 6.62
N GLU A 117 5.31 -0.65 6.95
CA GLU A 117 5.99 -1.93 7.07
C GLU A 117 6.67 -2.32 5.76
N LEU A 118 5.99 -2.04 4.64
CA LEU A 118 6.52 -2.37 3.33
C LEU A 118 7.43 -1.25 2.81
N LYS A 119 7.94 -0.44 3.74
CA LYS A 119 8.82 0.67 3.39
C LYS A 119 8.27 1.43 2.19
N LEU A 120 6.95 1.59 2.14
CA LEU A 120 6.30 2.31 1.05
C LEU A 120 6.24 3.80 1.35
N SER A 121 5.87 4.58 0.33
CA SER A 121 5.77 6.03 0.48
C SER A 121 4.93 6.39 1.71
N GLY A 122 3.79 5.72 1.85
CA GLY A 122 2.92 5.98 2.98
C GLY A 122 2.32 7.37 2.95
N PRO A 123 1.32 7.57 2.08
CA PRO A 123 0.64 8.85 1.92
C PRO A 123 -0.21 9.21 3.14
N SER A 124 0.09 10.36 3.75
CA SER A 124 -0.64 10.81 4.93
C SER A 124 -2.02 11.35 4.53
N SER A 125 -3.06 10.64 4.93
CA SER A 125 -4.43 11.05 4.62
C SER A 125 -5.25 11.23 5.89
N GLY A 126 -5.70 12.45 6.13
CA GLY A 126 -6.49 12.72 7.31
C GLY A 126 -7.83 13.35 6.98
N MET A 1 -20.03 -1.99 -11.67
CA MET A 1 -19.32 -0.83 -12.20
C MET A 1 -18.20 -1.25 -13.14
N LYS A 2 -18.13 -0.61 -14.30
CA LYS A 2 -17.12 -0.93 -15.30
C LYS A 2 -16.39 0.34 -15.75
N ASP A 3 -15.08 0.22 -15.94
CA ASP A 3 -14.27 1.36 -16.38
C ASP A 3 -13.24 0.91 -17.42
N HIS A 4 -12.74 1.87 -18.19
CA HIS A 4 -11.75 1.59 -19.22
C HIS A 4 -10.51 2.46 -19.04
N LEU A 5 -9.35 1.91 -19.39
CA LEU A 5 -8.09 2.64 -19.25
C LEU A 5 -7.32 2.63 -20.58
N ILE A 6 -7.27 3.78 -21.23
CA ILE A 6 -6.57 3.91 -22.49
C ILE A 6 -5.24 4.65 -22.31
N HIS A 7 -4.19 4.13 -22.95
CA HIS A 7 -2.87 4.74 -22.86
C HIS A 7 -1.88 4.02 -23.78
N ASN A 8 -0.72 4.65 -23.99
CA ASN A 8 0.31 4.07 -24.84
C ASN A 8 1.57 4.92 -24.82
N VAL A 9 2.68 4.30 -24.43
CA VAL A 9 3.96 5.01 -24.35
C VAL A 9 5.08 4.15 -24.94
N HIS A 10 5.56 4.53 -26.12
CA HIS A 10 6.64 3.81 -26.79
C HIS A 10 7.86 4.70 -26.97
N LYS A 11 8.01 5.68 -26.09
CA LYS A 11 9.14 6.61 -26.16
C LYS A 11 10.09 6.38 -25.00
N GLU A 12 11.39 6.43 -25.29
CA GLU A 12 12.42 6.23 -24.27
C GLU A 12 13.23 7.49 -24.06
N GLU A 13 12.70 8.42 -23.27
CA GLU A 13 13.39 9.67 -22.98
C GLU A 13 13.76 9.77 -21.51
N HIS A 14 15.04 10.00 -21.25
CA HIS A 14 15.54 10.12 -19.87
C HIS A 14 15.16 11.47 -19.28
N ALA A 15 13.86 11.68 -19.07
CA ALA A 15 13.38 12.93 -18.50
C ALA A 15 12.73 12.70 -17.14
N HIS A 16 12.77 13.72 -16.29
CA HIS A 16 12.20 13.63 -14.96
C HIS A 16 11.80 15.01 -14.44
N ALA A 17 10.93 15.03 -13.43
CA ALA A 17 10.47 16.28 -12.85
C ALA A 17 10.11 16.10 -11.37
N HIS A 18 10.59 17.03 -10.54
CA HIS A 18 10.32 16.96 -9.10
C HIS A 18 9.17 17.90 -8.73
N ASN A 19 7.96 17.35 -8.70
CA ASN A 19 6.78 18.14 -8.36
C ASN A 19 5.64 17.23 -7.90
N LYS A 20 4.79 17.76 -7.01
CA LYS A 20 3.66 17.00 -6.50
C LYS A 20 2.34 17.62 -6.94
N ASP A 21 2.13 17.68 -8.26
CA ASP A 21 0.90 18.25 -8.80
C ASP A 21 0.30 17.33 -9.86
N TYR A 22 -0.37 16.27 -9.40
CA TYR A 22 -0.98 15.31 -10.32
C TYR A 22 -2.50 15.30 -10.14
N ASP A 23 -3.19 14.69 -11.10
CA ASP A 23 -4.64 14.63 -11.06
C ASP A 23 -5.10 13.34 -10.38
N ILE A 24 -5.01 13.31 -9.06
CA ILE A 24 -5.41 12.13 -8.29
C ILE A 24 -6.93 11.97 -8.28
N PRO A 25 -7.40 10.73 -8.47
CA PRO A 25 -8.83 10.42 -8.48
C PRO A 25 -9.47 10.56 -7.09
N THR A 26 -10.80 10.64 -7.08
CA THR A 26 -11.54 10.78 -5.82
C THR A 26 -12.26 9.49 -5.46
N THR A 27 -11.72 8.36 -5.92
CA THR A 27 -12.32 7.07 -5.65
C THR A 27 -11.74 6.45 -4.38
N GLU A 28 -12.23 5.26 -4.03
CA GLU A 28 -11.74 4.56 -2.84
C GLU A 28 -10.61 3.62 -3.18
N ASN A 29 -9.43 4.19 -3.44
CA ASN A 29 -8.26 3.39 -3.78
C ASN A 29 -6.97 4.12 -3.39
N LEU A 30 -6.13 3.44 -2.63
CA LEU A 30 -4.87 4.03 -2.18
C LEU A 30 -3.70 3.53 -3.04
N TYR A 31 -2.63 4.31 -3.08
CA TYR A 31 -1.45 3.94 -3.85
C TYR A 31 -0.18 4.10 -3.03
N PHE A 32 0.82 3.28 -3.33
CA PHE A 32 2.10 3.34 -2.62
C PHE A 32 3.23 2.80 -3.49
N GLN A 33 4.46 3.11 -3.10
CA GLN A 33 5.63 2.67 -3.84
C GLN A 33 6.76 2.27 -2.89
N GLY A 34 7.34 1.09 -3.13
CA GLY A 34 8.42 0.63 -2.28
C GLY A 34 8.76 -0.84 -2.53
N SER A 35 8.90 -1.21 -3.80
CA SER A 35 9.21 -2.58 -4.16
C SER A 35 10.62 -2.95 -3.73
N SER A 36 10.85 -4.24 -3.51
CA SER A 36 12.16 -4.73 -3.09
C SER A 36 12.90 -5.37 -4.26
N GLY A 37 12.77 -4.76 -5.44
CA GLY A 37 13.45 -5.29 -6.61
C GLY A 37 12.50 -5.45 -7.79
N SER A 38 11.98 -6.66 -7.96
CA SER A 38 11.06 -6.95 -9.05
C SER A 38 9.62 -7.01 -8.56
N SER A 39 8.67 -6.94 -9.49
CA SER A 39 7.26 -6.99 -9.15
C SER A 39 6.92 -8.26 -8.37
N GLY A 40 7.72 -9.30 -8.58
CA GLY A 40 7.49 -10.56 -7.89
C GLY A 40 7.66 -10.43 -6.38
N ASP A 41 8.85 -10.05 -5.96
CA ASP A 41 9.15 -9.89 -4.54
C ASP A 41 7.93 -9.35 -3.79
N MET A 42 7.35 -8.28 -4.32
CA MET A 42 6.18 -7.67 -3.71
C MET A 42 5.24 -8.73 -3.13
N MET A 43 4.71 -9.57 -4.01
CA MET A 43 3.80 -10.63 -3.58
C MET A 43 4.25 -11.23 -2.25
N ARG A 44 5.55 -11.37 -2.08
CA ARG A 44 6.11 -11.94 -0.86
C ARG A 44 6.28 -10.86 0.21
N GLU A 45 7.10 -9.86 -0.09
CA GLU A 45 7.36 -8.77 0.84
C GLU A 45 6.06 -8.32 1.52
N ILE A 46 4.95 -8.43 0.79
CA ILE A 46 3.65 -8.04 1.32
C ILE A 46 3.21 -8.97 2.45
N ARG A 47 3.05 -10.25 2.12
CA ARG A 47 2.63 -11.24 3.10
C ARG A 47 3.39 -11.04 4.42
N LYS A 48 4.64 -10.60 4.32
CA LYS A 48 5.47 -10.36 5.49
C LYS A 48 4.72 -9.52 6.53
N VAL A 49 4.02 -8.50 6.06
CA VAL A 49 3.26 -7.63 6.95
C VAL A 49 1.93 -8.26 7.34
N LEU A 50 1.29 -8.92 6.38
CA LEU A 50 0.01 -9.57 6.63
C LEU A 50 0.12 -10.60 7.74
N GLY A 51 0.98 -11.59 7.55
CA GLY A 51 1.17 -12.61 8.57
C GLY A 51 1.69 -12.05 9.87
N ALA A 52 2.07 -10.78 9.86
CA ALA A 52 2.59 -10.13 11.06
C ALA A 52 1.47 -9.43 11.83
N ASN A 53 0.48 -8.93 11.10
CA ASN A 53 -0.65 -8.24 11.71
C ASN A 53 -1.84 -9.18 11.86
N ASN A 54 -1.57 -10.47 11.81
CA ASN A 54 -2.62 -11.48 11.94
C ASN A 54 -3.65 -11.35 10.83
N CYS A 55 -3.18 -10.94 9.65
CA CYS A 55 -4.06 -10.77 8.49
C CYS A 55 -4.03 -12.01 7.60
N ASP A 56 -5.12 -12.23 6.87
CA ASP A 56 -5.22 -13.38 5.98
C ASP A 56 -5.18 -12.94 4.51
N TYR A 57 -4.45 -13.70 3.70
CA TYR A 57 -4.33 -13.39 2.28
C TYR A 57 -4.63 -14.61 1.43
N GLU A 58 -5.40 -14.40 0.36
CA GLU A 58 -5.77 -15.48 -0.54
C GLU A 58 -5.40 -15.14 -1.99
N GLN A 59 -4.33 -15.75 -2.48
CA GLN A 59 -3.87 -15.51 -3.84
C GLN A 59 -4.90 -16.01 -4.85
N ARG A 60 -5.48 -15.08 -5.60
CA ARG A 60 -6.48 -15.42 -6.61
C ARG A 60 -5.82 -15.63 -7.97
N GLU A 61 -4.99 -14.68 -8.38
CA GLU A 61 -4.31 -14.75 -9.65
C GLU A 61 -2.80 -14.70 -9.47
N ARG A 62 -2.07 -14.66 -10.58
CA ARG A 62 -0.61 -14.61 -10.54
C ARG A 62 -0.12 -13.42 -9.72
N PHE A 63 -0.49 -12.22 -10.15
CA PHE A 63 -0.09 -11.00 -9.46
C PHE A 63 -1.28 -10.38 -8.71
N LEU A 64 -2.02 -11.22 -7.99
CA LEU A 64 -3.17 -10.75 -7.24
C LEU A 64 -3.29 -11.49 -5.90
N LEU A 65 -3.70 -10.77 -4.87
CA LEU A 65 -3.85 -11.35 -3.54
C LEU A 65 -5.01 -10.69 -2.79
N PHE A 66 -5.86 -11.52 -2.19
CA PHE A 66 -7.00 -11.02 -1.43
C PHE A 66 -6.64 -10.79 0.03
N CYS A 67 -6.25 -9.56 0.35
CA CYS A 67 -5.88 -9.21 1.71
C CYS A 67 -7.11 -8.89 2.56
N VAL A 68 -7.10 -9.35 3.79
CA VAL A 68 -8.22 -9.12 4.70
C VAL A 68 -7.76 -9.10 6.15
N HIS A 69 -8.12 -8.04 6.88
CA HIS A 69 -7.74 -7.90 8.28
C HIS A 69 -8.96 -8.06 9.19
N GLY A 70 -9.02 -9.19 9.88
CA GLY A 70 -10.14 -9.45 10.78
C GLY A 70 -9.70 -10.03 12.11
N ASP A 71 -10.45 -9.72 13.16
CA ASP A 71 -10.13 -10.21 14.50
C ASP A 71 -11.30 -10.97 15.09
N GLY A 72 -12.48 -10.36 15.03
CA GLY A 72 -13.67 -10.99 15.57
C GLY A 72 -14.87 -10.08 15.56
N HIS A 73 -14.91 -9.16 14.59
CA HIS A 73 -16.02 -8.22 14.47
C HIS A 73 -16.12 -7.68 13.04
N ALA A 74 -17.24 -7.03 12.73
CA ALA A 74 -17.45 -6.47 11.41
C ALA A 74 -17.05 -5.00 11.37
N GLU A 75 -16.56 -4.49 12.50
CA GLU A 75 -16.14 -3.10 12.58
C GLU A 75 -14.67 -2.95 12.26
N ASN A 76 -13.89 -3.97 12.58
CA ASN A 76 -12.45 -3.96 12.33
C ASN A 76 -12.11 -4.78 11.09
N LEU A 77 -13.11 -5.46 10.54
CA LEU A 77 -12.92 -6.29 9.35
C LEU A 77 -12.82 -5.42 8.11
N VAL A 78 -11.93 -5.80 7.19
CA VAL A 78 -11.75 -5.06 5.95
C VAL A 78 -11.23 -5.97 4.83
N GLN A 79 -11.89 -5.92 3.69
CA GLN A 79 -11.49 -6.74 2.55
C GLN A 79 -10.99 -5.87 1.39
N TRP A 80 -9.77 -6.14 0.94
CA TRP A 80 -9.19 -5.39 -0.16
C TRP A 80 -8.25 -6.26 -0.99
N GLU A 81 -8.19 -5.99 -2.29
CA GLU A 81 -7.33 -6.75 -3.19
C GLU A 81 -6.02 -6.01 -3.45
N MET A 82 -4.91 -6.69 -3.19
CA MET A 82 -3.58 -6.11 -3.40
C MET A 82 -2.98 -6.58 -4.71
N GLU A 83 -3.08 -5.76 -5.74
CA GLU A 83 -2.54 -6.10 -7.05
C GLU A 83 -1.19 -5.43 -7.28
N VAL A 84 -0.18 -6.23 -7.56
CA VAL A 84 1.17 -5.71 -7.79
C VAL A 84 1.24 -4.97 -9.12
N CYS A 85 1.09 -3.65 -9.07
CA CYS A 85 1.13 -2.82 -10.26
C CYS A 85 2.54 -2.29 -10.50
N LYS A 86 2.76 -1.70 -11.67
CA LYS A 86 4.06 -1.15 -12.03
C LYS A 86 3.97 0.35 -12.28
N LEU A 87 5.09 1.05 -12.10
CA LEU A 87 5.13 2.49 -12.31
C LEU A 87 5.68 2.82 -13.70
N PRO A 88 5.41 4.05 -14.17
CA PRO A 88 5.87 4.51 -15.48
C PRO A 88 7.38 4.71 -15.53
N ARG A 89 8.08 4.23 -14.50
CA ARG A 89 9.52 4.36 -14.43
C ARG A 89 10.15 3.11 -13.82
N LEU A 90 10.88 2.36 -14.65
CA LEU A 90 11.53 1.13 -14.20
C LEU A 90 12.01 1.27 -12.76
N SER A 91 12.33 2.51 -12.37
CA SER A 91 12.80 2.77 -11.01
C SER A 91 12.27 1.73 -10.03
N LEU A 92 10.98 1.42 -10.15
CA LEU A 92 10.35 0.43 -9.27
C LEU A 92 8.90 0.18 -9.69
N ASN A 93 8.21 -0.65 -8.92
CA ASN A 93 6.82 -0.97 -9.22
C ASN A 93 5.88 -0.23 -8.26
N GLY A 94 4.60 -0.14 -8.66
CA GLY A 94 3.63 0.55 -7.84
C GLY A 94 2.58 -0.39 -7.28
N VAL A 95 2.28 -0.23 -6.00
CA VAL A 95 1.28 -1.07 -5.33
C VAL A 95 -0.04 -0.33 -5.16
N ARG A 96 -1.05 -0.73 -5.92
CA ARG A 96 -2.36 -0.11 -5.85
C ARG A 96 -3.28 -0.87 -4.91
N PHE A 97 -4.15 -0.15 -4.22
CA PHE A 97 -5.08 -0.75 -3.28
C PHE A 97 -6.51 -0.70 -3.82
N LYS A 98 -7.29 -1.73 -3.54
CA LYS A 98 -8.68 -1.80 -3.99
C LYS A 98 -9.59 -2.28 -2.86
N ARG A 99 -10.58 -1.46 -2.51
CA ARG A 99 -11.52 -1.80 -1.45
C ARG A 99 -12.62 -2.72 -1.98
N ILE A 100 -12.96 -3.74 -1.20
CA ILE A 100 -13.99 -4.68 -1.58
C ILE A 100 -15.15 -4.67 -0.60
N SER A 101 -14.83 -4.45 0.68
CA SER A 101 -15.84 -4.41 1.73
C SER A 101 -15.25 -3.90 3.04
N GLY A 102 -16.13 -3.44 3.94
CA GLY A 102 -15.67 -2.93 5.22
C GLY A 102 -15.75 -1.42 5.30
N THR A 103 -15.53 -0.88 6.49
CA THR A 103 -15.58 0.56 6.69
C THR A 103 -14.33 1.24 6.14
N SER A 104 -14.52 2.41 5.53
CA SER A 104 -13.41 3.16 4.96
C SER A 104 -12.33 3.41 6.00
N ILE A 105 -12.73 3.95 7.15
CA ILE A 105 -11.79 4.24 8.23
C ILE A 105 -10.73 3.15 8.34
N ALA A 106 -11.17 1.93 8.66
CA ALA A 106 -10.26 0.81 8.80
C ALA A 106 -9.37 0.66 7.56
N PHE A 107 -9.98 0.81 6.39
CA PHE A 107 -9.27 0.69 5.13
C PHE A 107 -7.98 1.51 5.15
N LYS A 108 -8.12 2.82 5.35
CA LYS A 108 -6.99 3.72 5.39
C LYS A 108 -6.14 3.46 6.64
N ASN A 109 -6.80 3.32 7.78
CA ASN A 109 -6.11 3.07 9.04
C ASN A 109 -5.11 1.92 8.89
N ILE A 110 -5.53 0.87 8.20
CA ILE A 110 -4.68 -0.29 7.98
C ILE A 110 -3.74 -0.08 6.79
N ALA A 111 -4.14 0.82 5.90
CA ALA A 111 -3.34 1.13 4.72
C ALA A 111 -2.03 1.81 5.11
N SER A 112 -2.05 2.54 6.22
CA SER A 112 -0.87 3.25 6.69
C SER A 112 0.20 2.27 7.17
N LYS A 113 -0.23 1.27 7.94
CA LYS A 113 0.68 0.27 8.46
C LYS A 113 1.34 -0.51 7.33
N ILE A 114 0.52 -1.23 6.56
CA ILE A 114 1.03 -2.03 5.44
C ILE A 114 2.15 -1.29 4.71
N ALA A 115 1.96 0.00 4.48
CA ALA A 115 2.95 0.81 3.79
C ALA A 115 4.22 0.93 4.62
N ASN A 116 4.13 1.62 5.75
CA ASN A 116 5.29 1.80 6.63
C ASN A 116 6.06 0.49 6.79
N GLU A 117 5.33 -0.60 7.00
CA GLU A 117 5.95 -1.90 7.16
C GLU A 117 6.65 -2.34 5.89
N LEU A 118 6.10 -1.96 4.75
CA LEU A 118 6.68 -2.31 3.46
C LEU A 118 7.62 -1.22 2.97
N LYS A 119 8.06 -0.36 3.89
CA LYS A 119 8.97 0.73 3.54
C LYS A 119 8.47 1.48 2.33
N LEU A 120 7.16 1.47 2.11
CA LEU A 120 6.55 2.16 0.97
C LEU A 120 6.56 3.67 1.19
N SER A 121 6.08 4.40 0.19
CA SER A 121 6.03 5.86 0.27
C SER A 121 5.29 6.31 1.52
N GLY A 122 4.00 5.97 1.60
CA GLY A 122 3.20 6.35 2.74
C GLY A 122 2.53 7.70 2.57
N PRO A 123 1.54 7.75 1.65
CA PRO A 123 0.81 8.98 1.37
C PRO A 123 -0.10 9.40 2.51
N SER A 124 -0.75 10.55 2.38
CA SER A 124 -1.65 11.06 3.41
C SER A 124 -2.39 12.30 2.92
N SER A 125 -3.70 12.31 3.12
CA SER A 125 -4.53 13.44 2.71
C SER A 125 -5.15 14.14 3.91
N GLY A 126 -5.48 15.41 3.74
CA GLY A 126 -6.07 16.18 4.83
C GLY A 126 -7.58 16.15 4.78
N MET A 1 25.77 6.28 -31.08
CA MET A 1 25.06 5.37 -30.19
C MET A 1 26.04 4.52 -29.40
N LYS A 2 25.86 4.47 -28.08
CA LYS A 2 26.73 3.68 -27.21
C LYS A 2 26.06 3.41 -25.87
N ASP A 3 25.76 2.15 -25.61
CA ASP A 3 25.11 1.76 -24.35
C ASP A 3 26.14 1.48 -23.28
N HIS A 4 26.34 2.44 -22.38
CA HIS A 4 27.30 2.30 -21.30
C HIS A 4 26.59 2.14 -19.96
N LEU A 5 27.38 1.94 -18.90
CA LEU A 5 26.83 1.77 -17.56
C LEU A 5 25.58 2.62 -17.38
N ILE A 6 24.63 2.12 -16.59
CA ILE A 6 23.40 2.83 -16.31
C ILE A 6 23.39 3.44 -14.91
N HIS A 7 22.57 4.46 -14.71
CA HIS A 7 22.46 5.12 -13.42
C HIS A 7 23.81 5.73 -13.02
N ASN A 8 24.35 6.56 -13.89
CA ASN A 8 25.64 7.21 -13.63
C ASN A 8 25.42 8.58 -12.97
N VAL A 9 24.36 8.69 -12.18
CA VAL A 9 24.05 9.94 -11.49
C VAL A 9 23.61 9.67 -10.05
N HIS A 10 24.49 10.01 -9.10
CA HIS A 10 24.19 9.81 -7.69
C HIS A 10 24.63 11.02 -6.87
N LYS A 11 23.67 11.63 -6.17
CA LYS A 11 23.95 12.80 -5.34
C LYS A 11 24.25 12.40 -3.91
N GLU A 12 24.86 13.30 -3.15
CA GLU A 12 25.21 13.03 -1.76
C GLU A 12 24.17 13.66 -0.83
N GLU A 13 23.01 13.03 -0.74
CA GLU A 13 21.94 13.53 0.12
C GLU A 13 21.18 12.38 0.78
N HIS A 14 20.30 12.71 1.71
CA HIS A 14 19.51 11.70 2.41
C HIS A 14 18.46 11.09 1.48
N ALA A 15 17.57 11.95 0.97
CA ALA A 15 16.51 11.50 0.07
C ALA A 15 15.79 12.68 -0.56
N HIS A 16 15.94 12.83 -1.87
CA HIS A 16 15.30 13.93 -2.59
C HIS A 16 13.82 13.63 -2.81
N ALA A 17 13.04 14.68 -3.01
CA ALA A 17 11.60 14.55 -3.24
C ALA A 17 11.27 14.64 -4.72
N HIS A 18 10.38 13.76 -5.18
CA HIS A 18 9.98 13.74 -6.58
C HIS A 18 8.90 14.79 -6.85
N ASN A 19 8.77 15.75 -5.95
CA ASN A 19 7.78 16.81 -6.09
C ASN A 19 6.37 16.23 -6.05
N LYS A 20 6.06 15.49 -4.99
CA LYS A 20 4.75 14.89 -4.83
C LYS A 20 3.92 15.64 -3.80
N ASP A 21 3.48 16.84 -4.15
CA ASP A 21 2.68 17.66 -3.24
C ASP A 21 1.50 18.27 -3.97
N TYR A 22 0.42 17.50 -4.09
CA TYR A 22 -0.78 17.97 -4.76
C TYR A 22 -2.01 17.81 -3.88
N ASP A 23 -3.17 18.21 -4.38
CA ASP A 23 -4.42 18.11 -3.64
C ASP A 23 -5.18 16.85 -4.01
N ILE A 24 -4.60 15.70 -3.72
CA ILE A 24 -5.23 14.42 -4.02
C ILE A 24 -6.61 14.32 -3.39
N PRO A 25 -7.56 13.80 -4.16
CA PRO A 25 -8.95 13.62 -3.70
C PRO A 25 -9.08 12.53 -2.63
N THR A 26 -10.31 12.14 -2.34
CA THR A 26 -10.57 11.11 -1.34
C THR A 26 -11.15 9.86 -1.98
N THR A 27 -10.61 9.48 -3.13
CA THR A 27 -11.08 8.30 -3.85
C THR A 27 -10.98 7.05 -2.98
N GLU A 28 -11.69 6.00 -3.37
CA GLU A 28 -11.68 4.75 -2.62
C GLU A 28 -10.52 3.87 -3.06
N ASN A 29 -9.36 4.48 -3.27
CA ASN A 29 -8.17 3.75 -3.68
C ASN A 29 -6.90 4.46 -3.22
N LEU A 30 -6.00 3.70 -2.60
CA LEU A 30 -4.75 4.25 -2.10
C LEU A 30 -3.59 3.90 -3.04
N TYR A 31 -2.83 4.91 -3.42
CA TYR A 31 -1.68 4.72 -4.31
C TYR A 31 -0.37 4.81 -3.54
N PHE A 32 0.40 3.74 -3.58
CA PHE A 32 1.69 3.71 -2.88
C PHE A 32 2.84 3.51 -3.87
N GLN A 33 4.01 4.00 -3.50
CA GLN A 33 5.19 3.90 -4.35
C GLN A 33 6.43 3.55 -3.53
N GLY A 34 6.95 2.34 -3.73
CA GLY A 34 8.13 1.91 -3.00
C GLY A 34 8.51 0.47 -3.31
N SER A 35 9.16 0.27 -4.45
CA SER A 35 9.57 -1.07 -4.86
C SER A 35 10.77 -1.54 -4.04
N SER A 36 10.64 -2.73 -3.45
CA SER A 36 11.70 -3.29 -2.64
C SER A 36 12.63 -4.17 -3.47
N GLY A 37 12.74 -3.84 -4.75
CA GLY A 37 13.60 -4.60 -5.64
C GLY A 37 12.90 -4.97 -6.94
N SER A 38 12.28 -6.15 -6.96
CA SER A 38 11.58 -6.62 -8.16
C SER A 38 10.08 -6.71 -7.90
N SER A 39 9.30 -6.79 -8.97
CA SER A 39 7.86 -6.88 -8.86
C SER A 39 7.44 -8.17 -8.17
N GLY A 40 8.21 -9.23 -8.40
CA GLY A 40 7.91 -10.52 -7.79
C GLY A 40 8.11 -10.51 -6.29
N ASP A 41 9.34 -10.22 -5.86
CA ASP A 41 9.64 -10.18 -4.43
C ASP A 41 8.50 -9.56 -3.64
N MET A 42 7.91 -8.51 -4.19
CA MET A 42 6.79 -7.83 -3.54
C MET A 42 5.77 -8.83 -3.03
N MET A 43 5.15 -9.57 -3.95
CA MET A 43 4.15 -10.57 -3.59
C MET A 43 4.49 -11.22 -2.26
N ARG A 44 5.77 -11.51 -2.05
CA ARG A 44 6.22 -12.14 -0.81
C ARG A 44 6.31 -11.12 0.31
N GLU A 45 7.15 -10.11 0.13
CA GLU A 45 7.34 -9.06 1.13
C GLU A 45 5.99 -8.63 1.71
N ILE A 46 4.97 -8.59 0.86
CA ILE A 46 3.64 -8.18 1.29
C ILE A 46 3.05 -9.20 2.26
N ARG A 47 2.92 -10.45 1.80
CA ARG A 47 2.37 -11.51 2.63
C ARG A 47 2.95 -11.46 4.05
N LYS A 48 4.24 -11.12 4.13
CA LYS A 48 4.92 -11.03 5.43
C LYS A 48 4.16 -10.10 6.38
N VAL A 49 3.92 -8.87 5.94
CA VAL A 49 3.21 -7.90 6.76
C VAL A 49 1.89 -8.46 7.26
N LEU A 50 1.07 -8.94 6.32
CA LEU A 50 -0.23 -9.51 6.67
C LEU A 50 -0.11 -10.47 7.85
N GLY A 51 0.68 -11.53 7.68
CA GLY A 51 0.87 -12.50 8.73
C GLY A 51 1.25 -11.85 10.05
N ALA A 52 2.09 -10.82 9.98
CA ALA A 52 2.54 -10.11 11.18
C ALA A 52 1.37 -9.50 11.92
N ASN A 53 0.40 -8.97 11.17
CA ASN A 53 -0.78 -8.34 11.76
C ASN A 53 -1.94 -9.32 11.81
N ASN A 54 -1.65 -10.56 12.21
CA ASN A 54 -2.68 -11.59 12.30
C ASN A 54 -3.71 -11.43 11.19
N CYS A 55 -3.24 -11.12 10.00
CA CYS A 55 -4.12 -10.94 8.85
C CYS A 55 -4.06 -12.14 7.91
N ASP A 56 -5.18 -12.44 7.25
CA ASP A 56 -5.24 -13.56 6.33
C ASP A 56 -5.18 -13.08 4.88
N TYR A 57 -4.95 -14.01 3.96
CA TYR A 57 -4.86 -13.67 2.54
C TYR A 57 -5.02 -14.92 1.68
N GLU A 58 -5.67 -14.76 0.53
CA GLU A 58 -5.89 -15.87 -0.39
C GLU A 58 -5.42 -15.52 -1.80
N GLN A 59 -4.27 -16.05 -2.18
CA GLN A 59 -3.71 -15.78 -3.51
C GLN A 59 -4.67 -16.26 -4.60
N ARG A 60 -5.26 -15.32 -5.31
CA ARG A 60 -6.19 -15.64 -6.39
C ARG A 60 -5.46 -15.84 -7.71
N GLU A 61 -4.68 -14.84 -8.11
CA GLU A 61 -3.92 -14.90 -9.35
C GLU A 61 -2.42 -14.82 -9.07
N ARG A 62 -1.63 -14.90 -10.14
CA ARG A 62 -0.17 -14.85 -10.02
C ARG A 62 0.26 -13.54 -9.35
N PHE A 63 -0.16 -12.43 -9.93
CA PHE A 63 0.19 -11.11 -9.40
C PHE A 63 -0.99 -10.49 -8.66
N LEU A 64 -1.74 -11.33 -7.95
CA LEU A 64 -2.90 -10.87 -7.19
C LEU A 64 -2.97 -11.55 -5.83
N LEU A 65 -3.46 -10.83 -4.84
CA LEU A 65 -3.58 -11.37 -3.49
C LEU A 65 -4.74 -10.70 -2.74
N PHE A 66 -5.61 -11.52 -2.17
CA PHE A 66 -6.77 -11.01 -1.43
C PHE A 66 -6.37 -10.65 0.00
N CYS A 67 -6.02 -9.38 0.22
CA CYS A 67 -5.62 -8.91 1.54
C CYS A 67 -6.84 -8.61 2.41
N VAL A 68 -6.90 -9.22 3.58
CA VAL A 68 -8.01 -9.02 4.50
C VAL A 68 -7.52 -8.99 5.95
N HIS A 69 -7.98 -7.99 6.69
CA HIS A 69 -7.59 -7.85 8.10
C HIS A 69 -8.77 -8.16 9.02
N GLY A 70 -8.48 -8.79 10.15
CA GLY A 70 -9.52 -9.15 11.10
C GLY A 70 -9.21 -8.68 12.50
N ASP A 71 -10.21 -8.14 13.18
CA ASP A 71 -10.04 -7.65 14.54
C ASP A 71 -11.05 -8.29 15.48
N GLY A 72 -12.32 -8.26 15.10
CA GLY A 72 -13.36 -8.84 15.92
C GLY A 72 -14.61 -9.17 15.13
N HIS A 73 -15.06 -8.21 14.32
CA HIS A 73 -16.26 -8.40 13.50
C HIS A 73 -16.13 -7.65 12.18
N ALA A 74 -17.13 -7.80 11.32
CA ALA A 74 -17.14 -7.14 10.02
C ALA A 74 -16.69 -5.69 10.16
N GLU A 75 -17.33 -4.96 11.06
CA GLU A 75 -16.99 -3.55 11.29
C GLU A 75 -15.49 -3.33 11.21
N ASN A 76 -14.73 -4.21 11.86
CA ASN A 76 -13.28 -4.11 11.87
C ASN A 76 -12.67 -4.80 10.64
N LEU A 77 -13.34 -5.85 10.18
CA LEU A 77 -12.87 -6.60 9.02
C LEU A 77 -12.87 -5.71 7.77
N VAL A 78 -11.78 -5.77 7.01
CA VAL A 78 -11.65 -4.98 5.80
C VAL A 78 -11.03 -5.80 4.67
N GLN A 79 -11.75 -5.91 3.56
CA GLN A 79 -11.26 -6.67 2.41
C GLN A 79 -10.74 -5.73 1.33
N TRP A 80 -9.52 -5.99 0.86
CA TRP A 80 -8.90 -5.18 -0.17
C TRP A 80 -7.91 -5.99 -0.99
N GLU A 81 -8.11 -6.02 -2.30
CA GLU A 81 -7.22 -6.77 -3.19
C GLU A 81 -6.00 -5.95 -3.54
N MET A 82 -4.82 -6.51 -3.29
CA MET A 82 -3.57 -5.83 -3.59
C MET A 82 -2.94 -6.37 -4.87
N GLU A 83 -3.12 -5.64 -5.97
CA GLU A 83 -2.58 -6.05 -7.26
C GLU A 83 -1.29 -5.31 -7.57
N VAL A 84 -0.26 -6.04 -7.97
CA VAL A 84 1.03 -5.44 -8.31
C VAL A 84 1.09 -5.02 -9.77
N CYS A 85 0.78 -3.76 -10.03
CA CYS A 85 0.79 -3.24 -11.40
C CYS A 85 2.14 -3.50 -12.05
N LYS A 86 2.28 -3.04 -13.29
CA LYS A 86 3.52 -3.22 -14.05
C LYS A 86 3.87 -1.95 -14.81
N LEU A 87 5.18 -1.65 -14.88
CA LEU A 87 5.65 -0.47 -15.58
C LEU A 87 6.24 -0.84 -16.94
N PRO A 88 6.35 0.16 -17.83
CA PRO A 88 6.89 -0.04 -19.18
C PRO A 88 8.39 -0.32 -19.16
N ARG A 89 9.13 0.50 -18.42
CA ARG A 89 10.57 0.34 -18.32
C ARG A 89 10.97 -0.22 -16.96
N LEU A 90 10.16 -1.15 -16.45
CA LEU A 90 10.43 -1.77 -15.15
C LEU A 90 10.81 -0.72 -14.12
N SER A 91 10.24 0.47 -14.25
CA SER A 91 10.53 1.56 -13.32
C SER A 91 10.29 1.13 -11.88
N LEU A 92 9.20 0.39 -11.66
CA LEU A 92 8.87 -0.09 -10.33
C LEU A 92 7.64 -1.00 -10.38
N ASN A 93 7.17 -1.42 -9.21
CA ASN A 93 6.01 -2.31 -9.12
C ASN A 93 4.82 -1.56 -8.52
N GLY A 94 4.02 -0.93 -9.38
CA GLY A 94 2.86 -0.20 -8.92
C GLY A 94 2.03 -1.00 -7.93
N VAL A 95 1.57 -0.34 -6.87
CA VAL A 95 0.76 -1.00 -5.85
C VAL A 95 -0.51 -0.21 -5.57
N ARG A 96 -1.64 -0.70 -6.07
CA ARG A 96 -2.92 -0.03 -5.87
C ARG A 96 -3.74 -0.75 -4.79
N PHE A 97 -4.64 -0.01 -4.16
CA PHE A 97 -5.49 -0.57 -3.12
C PHE A 97 -6.97 -0.37 -3.45
N LYS A 98 -7.71 -1.47 -3.50
CA LYS A 98 -9.14 -1.43 -3.81
C LYS A 98 -9.97 -1.86 -2.61
N ARG A 99 -11.07 -1.17 -2.37
CA ARG A 99 -11.95 -1.49 -1.25
C ARG A 99 -12.98 -2.55 -1.65
N ILE A 100 -12.82 -3.76 -1.12
CA ILE A 100 -13.72 -4.85 -1.42
C ILE A 100 -14.93 -4.84 -0.49
N SER A 101 -14.68 -4.62 0.80
CA SER A 101 -15.74 -4.59 1.80
C SER A 101 -15.23 -4.06 3.12
N GLY A 102 -16.13 -3.90 4.09
CA GLY A 102 -15.75 -3.41 5.40
C GLY A 102 -16.04 -1.93 5.56
N THR A 103 -15.10 -1.20 6.14
CA THR A 103 -15.27 0.23 6.36
C THR A 103 -14.11 1.02 5.78
N SER A 104 -14.33 2.30 5.52
CA SER A 104 -13.29 3.16 4.96
C SER A 104 -12.23 3.49 6.01
N ILE A 105 -12.66 4.07 7.12
CA ILE A 105 -11.75 4.42 8.20
C ILE A 105 -10.68 3.36 8.39
N ALA A 106 -11.11 2.15 8.75
CA ALA A 106 -10.20 1.04 8.97
C ALA A 106 -9.38 0.75 7.70
N PHE A 107 -10.04 0.78 6.56
CA PHE A 107 -9.39 0.52 5.28
C PHE A 107 -8.14 1.37 5.13
N LYS A 108 -8.21 2.61 5.61
CA LYS A 108 -7.08 3.54 5.53
C LYS A 108 -6.16 3.37 6.74
N ASN A 109 -6.75 3.43 7.93
CA ASN A 109 -5.97 3.29 9.16
C ASN A 109 -5.02 2.09 9.07
N ILE A 110 -5.50 1.01 8.45
CA ILE A 110 -4.70 -0.19 8.30
C ILE A 110 -3.75 -0.08 7.11
N ALA A 111 -4.16 0.69 6.11
CA ALA A 111 -3.36 0.89 4.92
C ALA A 111 -2.02 1.51 5.26
N SER A 112 -2.02 2.41 6.24
CA SER A 112 -0.80 3.09 6.66
C SER A 112 0.24 2.10 7.16
N LYS A 113 -0.21 1.15 7.97
CA LYS A 113 0.67 0.12 8.52
C LYS A 113 1.33 -0.69 7.40
N ILE A 114 0.50 -1.31 6.57
CA ILE A 114 1.01 -2.11 5.46
C ILE A 114 2.06 -1.35 4.67
N ALA A 115 1.72 -0.14 4.26
CA ALA A 115 2.65 0.70 3.49
C ALA A 115 3.95 0.91 4.24
N ASN A 116 3.84 1.43 5.47
CA ASN A 116 5.01 1.69 6.30
C ASN A 116 5.95 0.49 6.31
N GLU A 117 5.38 -0.70 6.53
CA GLU A 117 6.18 -1.93 6.56
C GLU A 117 6.88 -2.15 5.23
N LEU A 118 6.17 -1.87 4.14
CA LEU A 118 6.73 -2.05 2.80
C LEU A 118 7.53 -0.82 2.38
N LYS A 119 8.06 -0.10 3.36
CA LYS A 119 8.85 1.10 3.10
C LYS A 119 8.31 1.86 1.88
N LEU A 120 6.99 1.87 1.75
CA LEU A 120 6.34 2.56 0.63
C LEU A 120 6.32 4.06 0.86
N SER A 121 5.75 4.79 -0.09
CA SER A 121 5.66 6.25 0.00
C SER A 121 4.97 6.66 1.30
N GLY A 122 3.72 6.25 1.46
CA GLY A 122 2.97 6.59 2.65
C GLY A 122 2.18 7.87 2.50
N PRO A 123 1.15 7.84 1.66
CA PRO A 123 0.29 9.00 1.41
C PRO A 123 -0.57 9.37 2.61
N SER A 124 -0.60 8.48 3.59
CA SER A 124 -1.39 8.70 4.80
C SER A 124 -0.92 9.95 5.54
N SER A 125 0.31 9.89 6.05
CA SER A 125 0.89 11.01 6.79
C SER A 125 1.35 12.11 5.82
N GLY A 126 0.43 13.01 5.49
CA GLY A 126 0.76 14.09 4.58
C GLY A 126 -0.46 14.92 4.21
N MET A 1 10.44 -19.70 -8.58
CA MET A 1 11.67 -19.85 -9.36
C MET A 1 12.87 -19.36 -8.57
N LYS A 2 12.76 -18.18 -7.97
CA LYS A 2 13.83 -17.60 -7.18
C LYS A 2 15.11 -17.49 -8.01
N ASP A 3 14.96 -17.07 -9.26
CA ASP A 3 16.10 -16.92 -10.16
C ASP A 3 17.04 -15.83 -9.65
N HIS A 4 18.29 -16.20 -9.39
CA HIS A 4 19.29 -15.26 -8.91
C HIS A 4 19.90 -14.49 -10.06
N LEU A 5 20.31 -13.24 -9.79
CA LEU A 5 20.91 -12.40 -10.80
C LEU A 5 21.90 -11.41 -10.17
N ILE A 6 23.11 -11.37 -10.71
CA ILE A 6 24.15 -10.49 -10.20
C ILE A 6 24.75 -9.65 -11.32
N HIS A 7 24.35 -8.39 -11.40
CA HIS A 7 24.86 -7.49 -12.43
C HIS A 7 24.68 -6.03 -12.00
N ASN A 8 25.74 -5.24 -12.17
CA ASN A 8 25.71 -3.83 -11.80
C ASN A 8 25.72 -2.95 -13.04
N VAL A 9 24.61 -2.24 -13.26
CA VAL A 9 24.49 -1.35 -14.41
C VAL A 9 24.85 0.09 -14.04
N HIS A 10 25.96 0.23 -13.32
CA HIS A 10 26.43 1.56 -12.90
C HIS A 10 25.34 2.30 -12.15
N LYS A 11 24.65 1.60 -11.25
CA LYS A 11 23.58 2.19 -10.46
C LYS A 11 23.99 3.55 -9.93
N GLU A 12 23.10 4.53 -10.04
CA GLU A 12 23.36 5.88 -9.57
C GLU A 12 22.11 6.50 -8.95
N GLU A 13 22.32 7.46 -8.04
CA GLU A 13 21.22 8.13 -7.38
C GLU A 13 20.41 8.97 -8.37
N HIS A 14 19.17 8.56 -8.61
CA HIS A 14 18.29 9.27 -9.53
C HIS A 14 17.05 9.79 -8.82
N ALA A 15 17.19 10.92 -8.13
CA ALA A 15 16.06 11.51 -7.40
C ALA A 15 15.75 12.90 -7.93
N HIS A 16 14.47 13.28 -7.86
CA HIS A 16 14.04 14.59 -8.33
C HIS A 16 13.12 15.26 -7.32
N ALA A 17 12.99 16.57 -7.42
CA ALA A 17 12.14 17.33 -6.50
C ALA A 17 10.85 16.58 -6.21
N HIS A 18 10.79 15.96 -5.03
CA HIS A 18 9.60 15.20 -4.64
C HIS A 18 8.38 16.12 -4.56
N ASN A 19 7.53 16.04 -5.58
CA ASN A 19 6.32 16.86 -5.63
C ASN A 19 5.08 15.99 -5.81
N LYS A 20 4.27 15.90 -4.76
CA LYS A 20 3.05 15.10 -4.80
C LYS A 20 1.86 15.92 -4.31
N ASP A 21 1.39 16.84 -5.14
CA ASP A 21 0.25 17.68 -4.80
C ASP A 21 -0.72 17.79 -5.97
N TYR A 22 -1.62 16.81 -6.07
CA TYR A 22 -2.62 16.78 -7.14
C TYR A 22 -4.03 16.70 -6.58
N ASP A 23 -5.00 16.58 -7.47
CA ASP A 23 -6.40 16.49 -7.06
C ASP A 23 -6.78 15.04 -6.74
N ILE A 24 -6.20 14.50 -5.67
CA ILE A 24 -6.48 13.12 -5.27
C ILE A 24 -7.92 12.74 -5.58
N PRO A 25 -8.12 11.53 -6.11
CA PRO A 25 -9.44 11.00 -6.46
C PRO A 25 -10.29 10.72 -5.23
N THR A 26 -11.49 11.29 -5.21
CA THR A 26 -12.41 11.09 -4.09
C THR A 26 -12.70 9.61 -3.87
N THR A 27 -12.48 8.81 -4.91
CA THR A 27 -12.72 7.37 -4.82
C THR A 27 -11.95 6.76 -3.66
N GLU A 28 -12.25 5.50 -3.35
CA GLU A 28 -11.58 4.80 -2.27
C GLU A 28 -10.46 3.91 -2.79
N ASN A 29 -9.38 4.56 -3.23
CA ASN A 29 -8.22 3.83 -3.76
C ASN A 29 -6.91 4.47 -3.30
N LEU A 30 -6.11 3.70 -2.57
CA LEU A 30 -4.83 4.19 -2.07
C LEU A 30 -3.69 3.71 -2.95
N TYR A 31 -2.79 4.64 -3.29
CA TYR A 31 -1.64 4.30 -4.13
C TYR A 31 -0.35 4.42 -3.33
N PHE A 32 0.48 3.38 -3.43
CA PHE A 32 1.76 3.36 -2.72
C PHE A 32 2.91 3.00 -3.66
N GLN A 33 4.13 3.32 -3.25
CA GLN A 33 5.31 3.03 -4.06
C GLN A 33 6.45 2.52 -3.20
N GLY A 34 7.11 1.47 -3.67
CA GLY A 34 8.23 0.89 -2.93
C GLY A 34 8.52 -0.54 -3.33
N SER A 35 8.72 -0.76 -4.62
CA SER A 35 9.01 -2.09 -5.13
C SER A 35 10.39 -2.56 -4.69
N SER A 36 10.57 -3.88 -4.65
CA SER A 36 11.85 -4.45 -4.23
C SER A 36 12.58 -5.06 -5.42
N GLY A 37 12.44 -4.43 -6.58
CA GLY A 37 13.10 -4.92 -7.79
C GLY A 37 12.11 -5.49 -8.80
N SER A 38 11.70 -6.73 -8.59
CA SER A 38 10.76 -7.39 -9.49
C SER A 38 9.38 -7.50 -8.85
N SER A 39 8.39 -7.83 -9.67
CA SER A 39 7.01 -7.96 -9.19
C SER A 39 6.89 -9.12 -8.22
N GLY A 40 7.80 -10.09 -8.35
CA GLY A 40 7.77 -11.25 -7.47
C GLY A 40 7.99 -10.89 -6.02
N ASP A 41 9.15 -10.32 -5.72
CA ASP A 41 9.47 -9.93 -4.35
C ASP A 41 8.31 -9.17 -3.72
N MET A 42 7.75 -8.22 -4.46
CA MET A 42 6.64 -7.42 -3.97
C MET A 42 5.68 -8.26 -3.14
N MET A 43 5.33 -9.44 -3.67
CA MET A 43 4.43 -10.34 -2.97
C MET A 43 5.00 -10.75 -1.61
N ARG A 44 6.05 -11.55 -1.64
CA ARG A 44 6.69 -12.02 -0.41
C ARG A 44 6.83 -10.87 0.59
N GLU A 45 7.23 -9.71 0.10
CA GLU A 45 7.41 -8.54 0.95
C GLU A 45 6.08 -8.11 1.57
N ILE A 46 5.06 -7.96 0.73
CA ILE A 46 3.74 -7.57 1.19
C ILE A 46 3.23 -8.51 2.28
N ARG A 47 3.00 -9.76 1.91
CA ARG A 47 2.51 -10.76 2.85
C ARG A 47 3.23 -10.63 4.20
N LYS A 48 4.55 -10.47 4.14
CA LYS A 48 5.36 -10.34 5.36
C LYS A 48 4.61 -9.54 6.42
N VAL A 49 3.82 -8.57 5.99
CA VAL A 49 3.04 -7.75 6.91
C VAL A 49 1.77 -8.45 7.35
N LEU A 50 1.07 -9.05 6.38
CA LEU A 50 -0.17 -9.77 6.66
C LEU A 50 0.04 -10.80 7.76
N GLY A 51 0.89 -11.78 7.49
CA GLY A 51 1.17 -12.82 8.46
C GLY A 51 1.63 -12.26 9.79
N ALA A 52 2.29 -11.10 9.75
CA ALA A 52 2.78 -10.46 10.96
C ALA A 52 1.64 -9.86 11.78
N ASN A 53 0.68 -9.26 11.08
CA ASN A 53 -0.47 -8.64 11.73
C ASN A 53 -1.63 -9.62 11.82
N ASN A 54 -1.32 -10.90 12.05
CA ASN A 54 -2.35 -11.93 12.16
C ASN A 54 -3.42 -11.72 11.10
N CYS A 55 -3.01 -11.52 9.86
CA CYS A 55 -3.95 -11.32 8.76
C CYS A 55 -3.97 -12.52 7.83
N ASP A 56 -4.96 -12.58 6.95
CA ASP A 56 -5.10 -13.68 6.00
C ASP A 56 -5.23 -13.15 4.58
N TYR A 57 -4.92 -14.00 3.61
CA TYR A 57 -5.00 -13.63 2.21
C TYR A 57 -5.07 -14.86 1.31
N GLU A 58 -5.82 -14.74 0.21
CA GLU A 58 -5.97 -15.85 -0.73
C GLU A 58 -5.48 -15.46 -2.11
N GLN A 59 -4.55 -16.25 -2.65
CA GLN A 59 -3.98 -15.99 -3.97
C GLN A 59 -5.00 -16.32 -5.06
N ARG A 60 -5.61 -15.28 -5.63
CA ARG A 60 -6.60 -15.47 -6.69
C ARG A 60 -5.91 -15.76 -8.03
N GLU A 61 -4.79 -15.09 -8.28
CA GLU A 61 -4.05 -15.27 -9.52
C GLU A 61 -2.55 -15.24 -9.25
N ARG A 62 -1.77 -15.29 -10.33
CA ARG A 62 -0.31 -15.28 -10.22
C ARG A 62 0.16 -14.06 -9.44
N PHE A 63 -0.27 -12.87 -9.89
CA PHE A 63 0.12 -11.63 -9.23
C PHE A 63 -1.10 -10.96 -8.60
N LEU A 64 -1.93 -11.75 -7.93
CA LEU A 64 -3.13 -11.24 -7.28
C LEU A 64 -3.39 -11.98 -5.97
N LEU A 65 -3.70 -11.22 -4.93
CA LEU A 65 -3.99 -11.80 -3.62
C LEU A 65 -5.09 -11.03 -2.90
N PHE A 66 -5.99 -11.76 -2.26
CA PHE A 66 -7.09 -11.14 -1.53
C PHE A 66 -6.67 -10.75 -0.11
N CYS A 67 -6.22 -9.51 0.04
CA CYS A 67 -5.78 -9.02 1.34
C CYS A 67 -6.96 -8.75 2.26
N VAL A 68 -6.96 -9.37 3.44
CA VAL A 68 -8.03 -9.20 4.40
C VAL A 68 -7.51 -9.23 5.82
N HIS A 69 -7.95 -8.28 6.63
CA HIS A 69 -7.53 -8.20 8.03
C HIS A 69 -8.65 -8.63 8.97
N GLY A 70 -8.34 -9.55 9.88
CA GLY A 70 -9.34 -10.03 10.82
C GLY A 70 -8.88 -9.90 12.25
N ASP A 71 -9.80 -9.49 13.13
CA ASP A 71 -9.48 -9.32 14.54
C ASP A 71 -10.50 -10.04 15.41
N GLY A 72 -11.74 -10.12 14.92
CA GLY A 72 -12.79 -10.78 15.67
C GLY A 72 -14.16 -10.57 15.07
N HIS A 73 -14.40 -9.35 14.58
CA HIS A 73 -15.69 -9.02 13.98
C HIS A 73 -15.49 -8.40 12.59
N ALA A 74 -16.59 -7.95 11.99
CA ALA A 74 -16.53 -7.35 10.67
C ALA A 74 -16.26 -5.85 10.75
N GLU A 75 -16.69 -5.24 11.86
CA GLU A 75 -16.49 -3.81 12.07
C GLU A 75 -15.04 -3.42 11.79
N ASN A 76 -14.11 -4.16 12.38
CA ASN A 76 -12.69 -3.89 12.20
C ASN A 76 -12.15 -4.58 10.95
N LEU A 77 -12.86 -5.60 10.50
CA LEU A 77 -12.46 -6.35 9.31
C LEU A 77 -12.45 -5.45 8.08
N VAL A 78 -11.58 -5.77 7.12
CA VAL A 78 -11.46 -5.00 5.90
C VAL A 78 -10.93 -5.85 4.75
N GLN A 79 -11.68 -5.92 3.66
CA GLN A 79 -11.28 -6.70 2.50
C GLN A 79 -10.78 -5.80 1.38
N TRP A 80 -9.63 -6.16 0.81
CA TRP A 80 -9.03 -5.38 -0.27
C TRP A 80 -8.09 -6.23 -1.11
N GLU A 81 -8.18 -6.08 -2.43
CA GLU A 81 -7.33 -6.84 -3.34
C GLU A 81 -6.05 -6.07 -3.66
N MET A 82 -4.95 -6.80 -3.77
CA MET A 82 -3.66 -6.19 -4.08
C MET A 82 -3.02 -6.85 -5.30
N GLU A 83 -2.85 -6.07 -6.37
CA GLU A 83 -2.26 -6.58 -7.60
C GLU A 83 -1.01 -5.79 -7.96
N VAL A 84 0.12 -6.49 -8.07
CA VAL A 84 1.39 -5.85 -8.42
C VAL A 84 1.45 -5.53 -9.91
N CYS A 85 1.09 -4.30 -10.25
CA CYS A 85 1.11 -3.86 -11.64
C CYS A 85 1.83 -2.52 -11.78
N LYS A 86 2.39 -2.27 -12.95
CA LYS A 86 3.10 -1.03 -13.21
C LYS A 86 2.27 -0.09 -14.07
N LEU A 87 2.47 1.21 -13.89
CA LEU A 87 1.72 2.21 -14.65
C LEU A 87 2.65 3.34 -15.12
N PRO A 88 2.29 3.97 -16.24
CA PRO A 88 3.07 5.07 -16.82
C PRO A 88 3.00 6.33 -15.97
N ARG A 89 1.88 6.51 -15.28
CA ARG A 89 1.68 7.68 -14.43
C ARG A 89 2.95 8.01 -13.65
N LEU A 90 3.34 7.12 -12.76
CA LEU A 90 4.54 7.31 -11.95
C LEU A 90 5.68 6.43 -12.46
N SER A 91 5.57 5.97 -13.69
CA SER A 91 6.59 5.12 -14.29
C SER A 91 7.23 4.21 -13.24
N LEU A 92 6.39 3.51 -12.49
CA LEU A 92 6.88 2.60 -11.45
C LEU A 92 5.88 1.47 -11.21
N ASN A 93 6.27 0.50 -10.39
CA ASN A 93 5.42 -0.63 -10.08
C ASN A 93 4.56 -0.34 -8.85
N GLY A 94 4.33 0.94 -8.58
CA GLY A 94 3.53 1.31 -7.43
C GLY A 94 2.44 0.31 -7.13
N VAL A 95 2.18 0.11 -5.84
CA VAL A 95 1.15 -0.84 -5.42
C VAL A 95 -0.17 -0.13 -5.14
N ARG A 96 -1.18 -0.42 -5.96
CA ARG A 96 -2.49 0.19 -5.81
C ARG A 96 -3.39 -0.66 -4.91
N PHE A 97 -4.30 0.00 -4.21
CA PHE A 97 -5.21 -0.69 -3.31
C PHE A 97 -6.66 -0.57 -3.80
N LYS A 98 -7.49 -1.52 -3.39
CA LYS A 98 -8.89 -1.53 -3.80
C LYS A 98 -9.79 -2.00 -2.66
N ARG A 99 -10.73 -1.15 -2.26
CA ARG A 99 -11.65 -1.48 -1.17
C ARG A 99 -12.71 -2.47 -1.64
N ILE A 100 -12.79 -3.61 -0.96
CA ILE A 100 -13.76 -4.64 -1.31
C ILE A 100 -14.97 -4.58 -0.38
N SER A 101 -14.72 -4.50 0.92
CA SER A 101 -15.80 -4.44 1.90
C SER A 101 -15.27 -3.91 3.24
N GLY A 102 -16.20 -3.69 4.18
CA GLY A 102 -15.81 -3.18 5.48
C GLY A 102 -16.13 -1.71 5.64
N THR A 103 -15.17 -0.96 6.18
CA THR A 103 -15.35 0.47 6.39
C THR A 103 -14.16 1.26 5.86
N SER A 104 -14.38 2.55 5.63
CA SER A 104 -13.33 3.42 5.11
C SER A 104 -12.27 3.68 6.19
N ILE A 105 -12.70 4.22 7.32
CA ILE A 105 -11.79 4.51 8.42
C ILE A 105 -10.72 3.44 8.56
N ALA A 106 -11.14 2.24 8.96
CA ALA A 106 -10.21 1.12 9.11
C ALA A 106 -9.39 0.90 7.85
N PHE A 107 -10.07 0.96 6.70
CA PHE A 107 -9.41 0.76 5.41
C PHE A 107 -8.16 1.63 5.31
N LYS A 108 -8.30 2.91 5.65
CA LYS A 108 -7.19 3.85 5.58
C LYS A 108 -6.23 3.62 6.73
N ASN A 109 -6.74 3.66 7.95
CA ASN A 109 -5.92 3.45 9.14
C ASN A 109 -4.99 2.26 8.96
N ILE A 110 -5.57 1.11 8.59
CA ILE A 110 -4.79 -0.10 8.39
C ILE A 110 -3.86 0.04 7.18
N ALA A 111 -4.31 0.78 6.17
CA ALA A 111 -3.52 1.01 4.97
C ALA A 111 -2.19 1.66 5.31
N SER A 112 -2.19 2.52 6.32
CA SER A 112 -0.98 3.22 6.73
C SER A 112 0.10 2.24 7.18
N LYS A 113 -0.31 1.26 7.97
CA LYS A 113 0.61 0.24 8.47
C LYS A 113 1.25 -0.53 7.31
N ILE A 114 0.43 -1.28 6.59
CA ILE A 114 0.90 -2.06 5.45
C ILE A 114 1.97 -1.29 4.67
N ALA A 115 1.70 -0.02 4.40
CA ALA A 115 2.64 0.83 3.67
C ALA A 115 3.93 1.02 4.45
N ASN A 116 3.82 1.65 5.62
CA ASN A 116 4.97 1.90 6.46
C ASN A 116 5.84 0.65 6.60
N GLU A 117 5.21 -0.45 6.99
CA GLU A 117 5.93 -1.72 7.15
C GLU A 117 6.62 -2.11 5.85
N LEU A 118 5.97 -1.83 4.73
CA LEU A 118 6.53 -2.17 3.43
C LEU A 118 7.37 -1.02 2.87
N LYS A 119 7.89 -0.18 3.77
CA LYS A 119 8.71 0.96 3.39
C LYS A 119 8.19 1.58 2.09
N LEU A 120 6.87 1.64 1.95
CA LEU A 120 6.25 2.22 0.78
C LEU A 120 6.10 3.73 0.92
N SER A 121 5.54 4.37 -0.11
CA SER A 121 5.35 5.81 -0.10
C SER A 121 4.77 6.28 1.23
N GLY A 122 3.68 5.62 1.64
CA GLY A 122 3.04 5.98 2.90
C GLY A 122 2.47 7.39 2.88
N PRO A 123 1.43 7.60 2.04
CA PRO A 123 0.78 8.91 1.91
C PRO A 123 -0.03 9.28 3.15
N SER A 124 0.01 8.40 4.15
CA SER A 124 -0.72 8.65 5.39
C SER A 124 0.24 8.85 6.56
N SER A 125 0.04 9.93 7.31
CA SER A 125 0.89 10.25 8.45
C SER A 125 0.83 9.14 9.50
N GLY A 126 -0.39 8.83 9.93
CA GLY A 126 -0.57 7.79 10.93
C GLY A 126 0.18 6.52 10.59
N MET A 1 11.89 -24.42 4.57
CA MET A 1 11.97 -25.53 3.64
C MET A 1 12.96 -25.23 2.53
N LYS A 2 13.86 -26.18 2.26
CA LYS A 2 14.86 -26.01 1.21
C LYS A 2 14.28 -26.37 -0.15
N ASP A 3 13.72 -25.39 -0.84
CA ASP A 3 13.13 -25.60 -2.15
C ASP A 3 13.74 -24.66 -3.18
N HIS A 4 13.49 -24.94 -4.45
CA HIS A 4 14.02 -24.11 -5.53
C HIS A 4 13.39 -22.72 -5.52
N LEU A 5 14.13 -21.73 -6.01
CA LEU A 5 13.65 -20.35 -6.04
C LEU A 5 14.01 -19.69 -7.37
N ILE A 6 13.43 -18.52 -7.61
CA ILE A 6 13.68 -17.78 -8.84
C ILE A 6 14.96 -16.95 -8.73
N HIS A 7 15.78 -17.00 -9.77
CA HIS A 7 17.03 -16.25 -9.79
C HIS A 7 16.88 -14.93 -10.54
N ASN A 8 17.97 -14.20 -10.69
CA ASN A 8 17.95 -12.93 -11.40
C ASN A 8 19.36 -12.37 -11.56
N VAL A 9 19.48 -11.27 -12.30
CA VAL A 9 20.77 -10.64 -12.54
C VAL A 9 20.69 -9.14 -12.34
N HIS A 10 20.65 -8.71 -11.09
CA HIS A 10 20.57 -7.28 -10.76
C HIS A 10 21.89 -6.59 -11.04
N LYS A 11 21.82 -5.38 -11.57
CA LYS A 11 23.02 -4.61 -11.88
C LYS A 11 23.48 -3.80 -10.67
N GLU A 12 24.73 -3.34 -10.71
CA GLU A 12 25.29 -2.56 -9.61
C GLU A 12 25.10 -1.07 -9.85
N GLU A 13 25.10 -0.29 -8.77
CA GLU A 13 24.92 1.15 -8.86
C GLU A 13 25.18 1.82 -7.52
N HIS A 14 25.48 3.12 -7.56
CA HIS A 14 25.75 3.88 -6.35
C HIS A 14 25.66 5.38 -6.61
N ALA A 15 24.58 5.99 -6.14
CA ALA A 15 24.37 7.42 -6.33
C ALA A 15 23.30 7.94 -5.39
N HIS A 16 23.25 9.26 -5.22
CA HIS A 16 22.27 9.89 -4.36
C HIS A 16 21.35 10.83 -5.15
N ALA A 17 20.07 10.81 -4.81
CA ALA A 17 19.09 11.65 -5.50
C ALA A 17 17.81 11.77 -4.69
N HIS A 18 17.59 12.95 -4.11
CA HIS A 18 16.39 13.19 -3.31
C HIS A 18 15.40 14.07 -4.06
N ASN A 19 14.56 13.44 -4.88
CA ASN A 19 13.56 14.16 -5.66
C ASN A 19 12.17 13.58 -5.45
N LYS A 20 11.85 13.27 -4.20
CA LYS A 20 10.55 12.71 -3.85
C LYS A 20 9.65 13.75 -3.22
N ASP A 21 9.07 14.61 -4.05
CA ASP A 21 8.18 15.66 -3.56
C ASP A 21 6.92 15.75 -4.42
N TYR A 22 5.94 14.89 -4.12
CA TYR A 22 4.69 14.86 -4.86
C TYR A 22 3.50 14.97 -3.92
N ASP A 23 2.31 15.14 -4.49
CA ASP A 23 1.09 15.26 -3.71
C ASP A 23 -0.01 14.38 -4.27
N ILE A 24 -0.28 13.26 -3.61
CA ILE A 24 -1.30 12.33 -4.05
C ILE A 24 -2.53 12.40 -3.15
N PRO A 25 -3.72 12.39 -3.76
CA PRO A 25 -4.99 12.45 -3.03
C PRO A 25 -5.27 11.17 -2.26
N THR A 26 -6.47 11.07 -1.68
CA THR A 26 -6.85 9.90 -0.90
C THR A 26 -8.11 9.25 -1.48
N THR A 27 -8.11 9.06 -2.80
CA THR A 27 -9.25 8.44 -3.47
C THR A 27 -9.59 7.09 -2.86
N GLU A 28 -10.81 6.62 -3.11
CA GLU A 28 -11.26 5.34 -2.58
C GLU A 28 -10.12 4.32 -2.59
N ASN A 29 -9.28 4.39 -3.62
CA ASN A 29 -8.15 3.48 -3.75
C ASN A 29 -6.88 4.11 -3.22
N LEU A 30 -6.07 3.32 -2.51
CA LEU A 30 -4.82 3.80 -1.95
C LEU A 30 -3.63 3.31 -2.77
N TYR A 31 -2.73 4.23 -3.12
CA TYR A 31 -1.56 3.89 -3.90
C TYR A 31 -0.29 4.00 -3.06
N PHE A 32 0.75 3.29 -3.46
CA PHE A 32 2.02 3.31 -2.73
C PHE A 32 3.17 2.89 -3.64
N GLN A 33 4.38 3.24 -3.25
CA GLN A 33 5.58 2.90 -4.02
C GLN A 33 6.74 2.52 -3.11
N GLY A 34 7.42 1.44 -3.47
CA GLY A 34 8.55 0.98 -2.67
C GLY A 34 8.75 -0.52 -2.74
N SER A 35 9.10 -1.01 -3.93
CA SER A 35 9.31 -2.44 -4.13
C SER A 35 10.54 -2.91 -3.35
N SER A 36 10.66 -4.23 -3.21
CA SER A 36 11.78 -4.83 -2.48
C SER A 36 12.66 -5.64 -3.42
N GLY A 37 12.66 -5.28 -4.70
CA GLY A 37 13.46 -5.99 -5.67
C GLY A 37 12.78 -6.08 -7.02
N SER A 38 12.10 -7.19 -7.26
CA SER A 38 11.41 -7.41 -8.53
C SER A 38 9.89 -7.43 -8.32
N SER A 39 9.15 -7.60 -9.41
CA SER A 39 7.70 -7.64 -9.35
C SER A 39 7.22 -8.80 -8.48
N GLY A 40 8.02 -9.87 -8.44
CA GLY A 40 7.67 -11.02 -7.64
C GLY A 40 7.82 -10.78 -6.16
N ASP A 41 9.01 -10.34 -5.75
CA ASP A 41 9.29 -10.07 -4.35
C ASP A 41 8.13 -9.32 -3.70
N MET A 42 7.59 -8.34 -4.41
CA MET A 42 6.47 -7.55 -3.90
C MET A 42 5.46 -8.44 -3.18
N MET A 43 4.90 -9.39 -3.91
CA MET A 43 3.92 -10.31 -3.34
C MET A 43 4.38 -10.84 -1.99
N ARG A 44 5.51 -11.54 -1.99
CA ARG A 44 6.06 -12.09 -0.77
C ARG A 44 6.16 -11.03 0.32
N GLU A 45 6.93 -9.98 0.04
CA GLU A 45 7.11 -8.89 1.00
C GLU A 45 5.77 -8.46 1.59
N ILE A 46 4.73 -8.48 0.77
CA ILE A 46 3.40 -8.09 1.20
C ILE A 46 2.83 -9.11 2.18
N ARG A 47 2.56 -10.31 1.69
CA ARG A 47 2.01 -11.37 2.52
C ARG A 47 2.67 -11.38 3.90
N LYS A 48 3.92 -10.93 3.95
CA LYS A 48 4.67 -10.88 5.20
C LYS A 48 4.05 -9.87 6.17
N VAL A 49 3.80 -8.66 5.68
CA VAL A 49 3.22 -7.61 6.50
C VAL A 49 1.84 -8.03 7.02
N LEU A 50 1.08 -8.73 6.18
CA LEU A 50 -0.24 -9.19 6.55
C LEU A 50 -0.18 -10.14 7.75
N GLY A 51 0.58 -11.23 7.59
CA GLY A 51 0.71 -12.19 8.66
C GLY A 51 1.19 -11.57 9.95
N ALA A 52 1.88 -10.44 9.84
CA ALA A 52 2.40 -9.75 11.01
C ALA A 52 1.27 -9.07 11.80
N ASN A 53 0.33 -8.48 11.07
CA ASN A 53 -0.80 -7.81 11.71
C ASN A 53 -2.03 -8.72 11.75
N ASN A 54 -1.79 -10.00 12.01
CA ASN A 54 -2.87 -10.98 12.09
C ASN A 54 -3.83 -10.81 10.92
N CYS A 55 -3.27 -10.67 9.72
CA CYS A 55 -4.08 -10.50 8.52
C CYS A 55 -3.97 -11.72 7.61
N ASP A 56 -5.08 -12.09 6.98
CA ASP A 56 -5.12 -13.25 6.09
C ASP A 56 -5.05 -12.81 4.63
N TYR A 57 -4.51 -13.67 3.79
CA TYR A 57 -4.38 -13.36 2.36
C TYR A 57 -4.75 -14.59 1.51
N GLU A 58 -5.34 -14.33 0.35
CA GLU A 58 -5.74 -15.40 -0.55
C GLU A 58 -5.33 -15.08 -1.99
N GLN A 59 -4.27 -15.73 -2.46
CA GLN A 59 -3.78 -15.51 -3.81
C GLN A 59 -4.83 -15.93 -4.85
N ARG A 60 -5.26 -14.98 -5.66
CA ARG A 60 -6.26 -15.26 -6.69
C ARG A 60 -5.60 -15.53 -8.04
N GLU A 61 -4.64 -14.67 -8.40
CA GLU A 61 -3.93 -14.83 -9.66
C GLU A 61 -2.42 -14.74 -9.45
N ARG A 62 -1.67 -14.77 -10.54
CA ARG A 62 -0.22 -14.70 -10.47
C ARG A 62 0.24 -13.47 -9.69
N PHE A 63 -0.20 -12.30 -10.13
CA PHE A 63 0.17 -11.06 -9.46
C PHE A 63 -1.04 -10.44 -8.77
N LEU A 64 -1.80 -11.26 -8.06
CA LEU A 64 -2.98 -10.80 -7.35
C LEU A 64 -3.12 -11.50 -6.00
N LEU A 65 -3.31 -10.70 -4.95
CA LEU A 65 -3.45 -11.24 -3.60
C LEU A 65 -4.61 -10.58 -2.87
N PHE A 66 -5.52 -11.40 -2.34
CA PHE A 66 -6.68 -10.88 -1.62
C PHE A 66 -6.34 -10.67 -0.15
N CYS A 67 -6.00 -9.43 0.20
CA CYS A 67 -5.66 -9.08 1.58
C CYS A 67 -6.91 -8.77 2.38
N VAL A 68 -6.97 -9.29 3.61
CA VAL A 68 -8.11 -9.07 4.48
C VAL A 68 -7.68 -8.99 5.94
N HIS A 69 -8.27 -8.06 6.68
CA HIS A 69 -7.95 -7.88 8.09
C HIS A 69 -9.18 -8.07 8.96
N GLY A 70 -9.09 -9.00 9.91
CA GLY A 70 -10.21 -9.27 10.80
C GLY A 70 -9.90 -8.92 12.24
N ASP A 71 -10.08 -7.66 12.60
CA ASP A 71 -9.82 -7.20 13.96
C ASP A 71 -10.62 -8.02 14.96
N GLY A 72 -11.68 -8.69 14.49
CA GLY A 72 -12.50 -9.49 15.37
C GLY A 72 -13.41 -10.43 14.60
N HIS A 73 -14.24 -9.88 13.73
CA HIS A 73 -15.18 -10.67 12.93
C HIS A 73 -15.58 -9.94 11.66
N ALA A 74 -16.40 -10.57 10.84
CA ALA A 74 -16.87 -9.98 9.60
C ALA A 74 -17.44 -8.59 9.84
N GLU A 75 -17.85 -8.33 11.07
CA GLU A 75 -18.42 -7.03 11.44
C GLU A 75 -17.39 -5.92 11.27
N ASN A 76 -16.16 -6.20 11.66
CA ASN A 76 -15.09 -5.21 11.56
C ASN A 76 -13.99 -5.71 10.61
N LEU A 77 -14.35 -6.65 9.75
CA LEU A 77 -13.40 -7.20 8.79
C LEU A 77 -13.23 -6.29 7.59
N VAL A 78 -12.00 -6.14 7.12
CA VAL A 78 -11.71 -5.28 5.98
C VAL A 78 -11.07 -6.08 4.84
N GLN A 79 -11.72 -6.07 3.68
CA GLN A 79 -11.22 -6.79 2.52
C GLN A 79 -10.73 -5.82 1.45
N TRP A 80 -9.51 -6.05 0.98
CA TRP A 80 -8.91 -5.20 -0.05
C TRP A 80 -7.94 -5.99 -0.92
N GLU A 81 -8.05 -5.83 -2.23
CA GLU A 81 -7.20 -6.53 -3.17
C GLU A 81 -5.92 -5.73 -3.43
N MET A 82 -4.87 -6.43 -3.83
CA MET A 82 -3.59 -5.78 -4.12
C MET A 82 -2.92 -6.41 -5.34
N GLU A 83 -2.71 -5.60 -6.37
CA GLU A 83 -2.10 -6.07 -7.60
C GLU A 83 -0.81 -5.30 -7.90
N VAL A 84 0.14 -5.97 -8.54
CA VAL A 84 1.42 -5.35 -8.88
C VAL A 84 1.42 -4.85 -10.32
N CYS A 85 1.17 -3.55 -10.49
CA CYS A 85 1.15 -2.95 -11.81
C CYS A 85 2.43 -2.15 -12.07
N LYS A 86 2.69 -1.87 -13.34
CA LYS A 86 3.88 -1.12 -13.73
C LYS A 86 3.53 0.34 -13.99
N LEU A 87 4.49 1.23 -13.73
CA LEU A 87 4.28 2.67 -13.94
C LEU A 87 5.37 3.25 -14.83
N PRO A 88 4.96 4.03 -15.84
CA PRO A 88 5.89 4.67 -16.77
C PRO A 88 6.71 5.77 -16.11
N ARG A 89 6.03 6.63 -15.36
CA ARG A 89 6.70 7.74 -14.68
C ARG A 89 7.47 7.24 -13.46
N LEU A 90 6.74 6.87 -12.41
CA LEU A 90 7.35 6.37 -11.18
C LEU A 90 8.58 5.51 -11.50
N SER A 91 8.54 4.82 -12.63
CA SER A 91 9.65 3.97 -13.04
C SER A 91 9.90 2.87 -12.02
N LEU A 92 8.83 2.42 -11.38
CA LEU A 92 8.93 1.37 -10.36
C LEU A 92 7.60 0.64 -10.20
N ASN A 93 7.62 -0.47 -9.46
CA ASN A 93 6.42 -1.26 -9.23
C ASN A 93 5.26 -0.36 -8.82
N GLY A 94 4.04 -0.82 -9.07
CA GLY A 94 2.86 -0.05 -8.72
C GLY A 94 1.86 -0.86 -7.91
N VAL A 95 1.85 -0.62 -6.59
CA VAL A 95 0.93 -1.33 -5.70
C VAL A 95 -0.34 -0.52 -5.46
N ARG A 96 -1.45 -1.03 -5.99
CA ARG A 96 -2.74 -0.36 -5.83
C ARG A 96 -3.62 -1.10 -4.83
N PHE A 97 -4.29 -0.35 -3.98
CA PHE A 97 -5.17 -0.93 -2.96
C PHE A 97 -6.64 -0.72 -3.34
N LYS A 98 -7.34 -1.83 -3.58
CA LYS A 98 -8.76 -1.77 -3.95
C LYS A 98 -9.63 -2.26 -2.80
N ARG A 99 -10.64 -1.47 -2.44
CA ARG A 99 -11.55 -1.83 -1.37
C ARG A 99 -12.55 -2.88 -1.83
N ILE A 100 -12.85 -3.83 -0.95
CA ILE A 100 -13.80 -4.89 -1.27
C ILE A 100 -14.98 -4.88 -0.31
N SER A 101 -14.69 -4.64 0.96
CA SER A 101 -15.73 -4.61 1.99
C SER A 101 -15.16 -4.16 3.33
N GLY A 102 -16.04 -3.65 4.20
CA GLY A 102 -15.60 -3.20 5.50
C GLY A 102 -15.80 -1.70 5.70
N THR A 103 -15.18 -1.16 6.74
CA THR A 103 -15.30 0.26 7.03
C THR A 103 -14.08 1.04 6.54
N SER A 104 -14.33 2.05 5.71
CA SER A 104 -13.25 2.87 5.17
C SER A 104 -12.21 3.18 6.23
N ILE A 105 -12.67 3.77 7.34
CA ILE A 105 -11.77 4.12 8.44
C ILE A 105 -10.70 3.06 8.64
N ALA A 106 -11.13 1.82 8.87
CA ALA A 106 -10.20 0.72 9.06
C ALA A 106 -9.28 0.54 7.86
N PHE A 107 -9.84 0.72 6.66
CA PHE A 107 -9.07 0.59 5.44
C PHE A 107 -7.90 1.55 5.42
N LYS A 108 -8.19 2.84 5.62
CA LYS A 108 -7.17 3.87 5.63
C LYS A 108 -6.23 3.71 6.82
N ASN A 109 -6.82 3.49 8.00
CA ASN A 109 -6.05 3.31 9.22
C ASN A 109 -5.02 2.18 9.06
N ILE A 110 -5.49 1.04 8.58
CA ILE A 110 -4.62 -0.12 8.38
C ILE A 110 -3.77 0.05 7.12
N ALA A 111 -4.24 0.89 6.21
CA ALA A 111 -3.53 1.14 4.97
C ALA A 111 -2.22 1.87 5.22
N SER A 112 -2.13 2.54 6.36
CA SER A 112 -0.94 3.29 6.73
C SER A 112 0.16 2.34 7.24
N LYS A 113 -0.24 1.40 8.10
CA LYS A 113 0.70 0.44 8.67
C LYS A 113 1.39 -0.34 7.57
N ILE A 114 0.60 -0.99 6.72
CA ILE A 114 1.14 -1.78 5.62
C ILE A 114 2.23 -1.02 4.88
N ALA A 115 1.87 0.15 4.35
CA ALA A 115 2.82 0.98 3.61
C ALA A 115 4.10 1.20 4.42
N ASN A 116 3.94 1.56 5.68
CA ASN A 116 5.08 1.81 6.56
C ASN A 116 5.98 0.57 6.62
N GLU A 117 5.38 -0.57 6.90
CA GLU A 117 6.12 -1.82 6.98
C GLU A 117 6.83 -2.14 5.66
N LEU A 118 6.11 -1.96 4.56
CA LEU A 118 6.65 -2.22 3.24
C LEU A 118 7.64 -1.13 2.83
N LYS A 119 7.89 -0.19 3.74
CA LYS A 119 8.81 0.90 3.48
C LYS A 119 8.39 1.69 2.24
N LEU A 120 7.08 1.73 1.99
CA LEU A 120 6.55 2.44 0.84
C LEU A 120 6.39 3.92 1.14
N SER A 121 6.15 4.71 0.10
CA SER A 121 5.98 6.15 0.26
C SER A 121 5.25 6.47 1.56
N GLY A 122 4.06 5.91 1.72
CA GLY A 122 3.27 6.14 2.91
C GLY A 122 2.62 7.51 2.93
N PRO A 123 1.56 7.67 2.12
CA PRO A 123 0.82 8.93 2.01
C PRO A 123 0.04 9.26 3.29
N SER A 124 0.34 10.40 3.88
CA SER A 124 -0.34 10.83 5.11
C SER A 124 -1.83 11.03 4.86
N SER A 125 -2.65 10.38 5.70
CA SER A 125 -4.09 10.48 5.58
C SER A 125 -4.79 9.80 6.74
N GLY A 126 -5.93 10.35 7.15
CA GLY A 126 -6.67 9.78 8.27
C GLY A 126 -8.16 9.96 8.11
N MET A 1 -22.85 30.21 12.92
CA MET A 1 -23.25 29.68 11.62
C MET A 1 -22.02 29.35 10.77
N LYS A 2 -21.96 28.10 10.30
CA LYS A 2 -20.86 27.66 9.47
C LYS A 2 -21.32 26.69 8.39
N ASP A 3 -20.57 26.60 7.31
CA ASP A 3 -20.92 25.71 6.20
C ASP A 3 -21.07 24.28 6.69
N HIS A 4 -22.28 23.75 6.58
CA HIS A 4 -22.57 22.39 7.00
C HIS A 4 -23.16 21.57 5.86
N LEU A 5 -23.79 22.25 4.91
CA LEU A 5 -24.39 21.59 3.76
C LEU A 5 -23.51 20.46 3.25
N ILE A 6 -24.12 19.47 2.60
CA ILE A 6 -23.38 18.34 2.07
C ILE A 6 -23.93 17.92 0.72
N HIS A 7 -23.03 17.58 -0.21
CA HIS A 7 -23.43 17.15 -1.54
C HIS A 7 -23.05 15.70 -1.79
N ASN A 8 -23.92 14.79 -1.38
CA ASN A 8 -23.67 13.36 -1.56
C ASN A 8 -24.89 12.55 -1.11
N VAL A 9 -24.94 11.29 -1.55
CA VAL A 9 -26.04 10.41 -1.20
C VAL A 9 -25.52 9.06 -0.70
N HIS A 10 -24.52 9.11 0.18
CA HIS A 10 -23.93 7.91 0.75
C HIS A 10 -23.61 6.89 -0.35
N LYS A 11 -23.34 7.39 -1.55
CA LYS A 11 -23.01 6.53 -2.68
C LYS A 11 -21.91 7.15 -3.54
N GLU A 12 -21.00 6.31 -4.02
CA GLU A 12 -19.90 6.78 -4.86
C GLU A 12 -19.73 5.87 -6.08
N GLU A 13 -20.56 6.07 -7.08
CA GLU A 13 -20.49 5.27 -8.31
C GLU A 13 -21.44 5.81 -9.37
N HIS A 14 -21.08 5.61 -10.63
CA HIS A 14 -21.90 6.08 -11.74
C HIS A 14 -22.58 4.91 -12.45
N ALA A 15 -21.78 3.99 -12.97
CA ALA A 15 -22.31 2.83 -13.68
C ALA A 15 -21.19 1.84 -14.01
N HIS A 16 -21.58 0.66 -14.48
CA HIS A 16 -20.61 -0.37 -14.84
C HIS A 16 -21.02 -1.06 -16.14
N ALA A 17 -20.02 -1.62 -16.84
CA ALA A 17 -20.27 -2.30 -18.10
C ALA A 17 -19.25 -3.40 -18.34
N HIS A 18 -19.35 -4.06 -19.49
CA HIS A 18 -18.42 -5.14 -19.83
C HIS A 18 -17.06 -4.58 -20.23
N ASN A 19 -16.92 -3.26 -20.11
CA ASN A 19 -15.65 -2.60 -20.45
C ASN A 19 -15.13 -1.77 -19.28
N LYS A 20 -14.25 -2.38 -18.49
CA LYS A 20 -13.67 -1.69 -17.34
C LYS A 20 -12.49 -0.81 -17.76
N ASP A 21 -12.74 0.09 -18.70
CA ASP A 21 -11.70 0.99 -19.19
C ASP A 21 -12.23 2.41 -19.29
N TYR A 22 -12.58 3.00 -18.15
CA TYR A 22 -13.10 4.36 -18.12
C TYR A 22 -12.30 5.23 -17.15
N ASP A 23 -12.72 6.47 -16.99
CA ASP A 23 -12.04 7.41 -16.10
C ASP A 23 -12.61 7.31 -14.69
N ILE A 24 -12.16 6.31 -13.94
CA ILE A 24 -12.62 6.12 -12.57
C ILE A 24 -12.63 7.43 -11.80
N PRO A 25 -13.69 7.66 -11.02
CA PRO A 25 -13.84 8.87 -10.21
C PRO A 25 -12.86 8.92 -9.05
N THR A 26 -13.13 9.80 -8.09
CA THR A 26 -12.27 9.94 -6.92
C THR A 26 -12.60 8.89 -5.86
N THR A 27 -12.93 7.68 -6.32
CA THR A 27 -13.27 6.59 -5.41
C THR A 27 -12.17 6.38 -4.37
N GLU A 28 -12.51 5.69 -3.29
CA GLU A 28 -11.56 5.42 -2.22
C GLU A 28 -10.39 4.58 -2.74
N ASN A 29 -9.50 5.21 -3.50
CA ASN A 29 -8.35 4.53 -4.06
C ASN A 29 -7.05 5.07 -3.48
N LEU A 30 -6.14 4.18 -3.10
CA LEU A 30 -4.87 4.58 -2.53
C LEU A 30 -3.71 4.07 -3.39
N TYR A 31 -2.82 4.99 -3.77
CA TYR A 31 -1.67 4.65 -4.59
C TYR A 31 -0.37 4.81 -3.80
N PHE A 32 0.29 3.69 -3.53
CA PHE A 32 1.55 3.71 -2.78
C PHE A 32 2.72 3.38 -3.69
N GLN A 33 3.91 3.84 -3.30
CA GLN A 33 5.12 3.60 -4.09
C GLN A 33 6.29 3.24 -3.19
N GLY A 34 7.03 2.21 -3.57
CA GLY A 34 8.17 1.77 -2.79
C GLY A 34 8.63 0.37 -3.14
N SER A 35 9.31 0.25 -4.27
CA SER A 35 9.80 -1.05 -4.73
C SER A 35 10.94 -1.54 -3.84
N SER A 36 10.79 -2.77 -3.35
CA SER A 36 11.81 -3.37 -2.48
C SER A 36 12.64 -4.39 -3.24
N GLY A 37 12.89 -4.12 -4.52
CA GLY A 37 13.67 -5.03 -5.33
C GLY A 37 12.99 -5.36 -6.64
N SER A 38 12.30 -6.50 -6.68
CA SER A 38 11.61 -6.93 -7.88
C SER A 38 10.10 -6.93 -7.68
N SER A 39 9.35 -6.90 -8.78
CA SER A 39 7.89 -6.89 -8.71
C SER A 39 7.38 -8.16 -8.05
N GLY A 40 8.04 -9.28 -8.33
CA GLY A 40 7.63 -10.55 -7.76
C GLY A 40 7.79 -10.59 -6.24
N ASP A 41 8.95 -10.18 -5.77
CA ASP A 41 9.23 -10.17 -4.34
C ASP A 41 8.03 -9.62 -3.56
N MET A 42 7.46 -8.53 -4.04
CA MET A 42 6.31 -7.91 -3.40
C MET A 42 5.34 -8.97 -2.91
N MET A 43 4.69 -9.65 -3.85
CA MET A 43 3.73 -10.70 -3.50
C MET A 43 4.17 -11.46 -2.25
N ARG A 44 5.47 -11.72 -2.15
CA ARG A 44 6.02 -12.43 -1.01
C ARG A 44 6.13 -11.52 0.20
N GLU A 45 6.92 -10.47 0.08
CA GLU A 45 7.11 -9.51 1.17
C GLU A 45 5.77 -9.10 1.78
N ILE A 46 4.88 -8.61 0.93
CA ILE A 46 3.56 -8.19 1.37
C ILE A 46 3.00 -9.13 2.44
N ARG A 47 2.79 -10.38 2.07
CA ARG A 47 2.27 -11.37 3.00
C ARG A 47 2.91 -11.23 4.37
N LYS A 48 4.23 -11.06 4.38
CA LYS A 48 4.97 -10.91 5.63
C LYS A 48 4.27 -9.91 6.56
N VAL A 49 3.95 -8.74 6.03
CA VAL A 49 3.29 -7.70 6.80
C VAL A 49 1.93 -8.18 7.31
N LEU A 50 1.15 -8.77 6.41
CA LEU A 50 -0.17 -9.28 6.77
C LEU A 50 -0.09 -10.21 7.97
N GLY A 51 0.72 -11.26 7.84
CA GLY A 51 0.87 -12.21 8.92
C GLY A 51 1.22 -11.55 10.23
N ALA A 52 2.05 -10.51 10.18
CA ALA A 52 2.47 -9.79 11.37
C ALA A 52 1.27 -9.18 12.08
N ASN A 53 0.34 -8.63 11.30
CA ASN A 53 -0.85 -8.02 11.87
C ASN A 53 -2.02 -9.02 11.92
N ASN A 54 -1.71 -10.25 12.27
CA ASN A 54 -2.72 -11.30 12.36
C ASN A 54 -3.72 -11.18 11.21
N CYS A 55 -3.22 -10.84 10.03
CA CYS A 55 -4.07 -10.70 8.85
C CYS A 55 -4.01 -11.94 7.97
N ASP A 56 -4.96 -12.06 7.05
CA ASP A 56 -5.02 -13.19 6.14
C ASP A 56 -4.87 -12.74 4.70
N TYR A 57 -4.54 -13.69 3.82
CA TYR A 57 -4.36 -13.39 2.41
C TYR A 57 -4.55 -14.65 1.56
N GLU A 58 -5.15 -14.47 0.39
CA GLU A 58 -5.41 -15.59 -0.52
C GLU A 58 -4.98 -15.23 -1.94
N GLN A 59 -3.84 -15.77 -2.37
CA GLN A 59 -3.34 -15.51 -3.71
C GLN A 59 -4.27 -16.09 -4.77
N ARG A 60 -4.91 -15.20 -5.54
CA ARG A 60 -5.83 -15.63 -6.58
C ARG A 60 -5.11 -15.78 -7.92
N GLU A 61 -4.40 -14.73 -8.32
CA GLU A 61 -3.66 -14.75 -9.58
C GLU A 61 -2.15 -14.64 -9.33
N ARG A 62 -1.38 -14.66 -10.40
CA ARG A 62 0.07 -14.57 -10.31
C ARG A 62 0.49 -13.28 -9.61
N PHE A 63 -0.07 -12.16 -10.05
CA PHE A 63 0.25 -10.86 -9.48
C PHE A 63 -0.96 -10.28 -8.75
N LEU A 64 -1.68 -11.14 -8.03
CA LEU A 64 -2.86 -10.71 -7.28
C LEU A 64 -2.95 -11.42 -5.94
N LEU A 65 -3.43 -10.71 -4.93
CA LEU A 65 -3.56 -11.27 -3.59
C LEU A 65 -4.75 -10.65 -2.85
N PHE A 66 -5.61 -11.50 -2.30
CA PHE A 66 -6.78 -11.03 -1.57
C PHE A 66 -6.44 -10.78 -0.10
N CYS A 67 -6.14 -9.53 0.22
CA CYS A 67 -5.80 -9.16 1.58
C CYS A 67 -7.05 -8.84 2.39
N VAL A 68 -7.12 -9.38 3.61
CA VAL A 68 -8.26 -9.15 4.48
C VAL A 68 -7.83 -9.12 5.95
N HIS A 69 -8.21 -8.06 6.65
CA HIS A 69 -7.88 -7.92 8.06
C HIS A 69 -9.06 -8.30 8.94
N GLY A 70 -8.79 -9.10 9.97
CA GLY A 70 -9.84 -9.53 10.88
C GLY A 70 -9.48 -9.32 12.33
N ASP A 71 -9.60 -8.09 12.80
CA ASP A 71 -9.28 -7.76 14.19
C ASP A 71 -9.97 -8.73 15.14
N GLY A 72 -11.23 -9.02 14.88
CA GLY A 72 -11.97 -9.94 15.74
C GLY A 72 -13.17 -10.54 15.03
N HIS A 73 -13.96 -9.70 14.36
CA HIS A 73 -15.14 -10.16 13.65
C HIS A 73 -15.44 -9.25 12.46
N ALA A 74 -16.46 -9.62 11.68
CA ALA A 74 -16.84 -8.85 10.52
C ALA A 74 -16.86 -7.36 10.83
N GLU A 75 -17.44 -7.00 11.97
CA GLU A 75 -17.52 -5.60 12.38
C GLU A 75 -16.20 -4.88 12.12
N ASN A 76 -15.09 -5.51 12.51
CA ASN A 76 -13.78 -4.92 12.31
C ASN A 76 -13.01 -5.66 11.22
N LEU A 77 -13.72 -6.04 10.17
CA LEU A 77 -13.11 -6.75 9.04
C LEU A 77 -13.11 -5.90 7.79
N VAL A 78 -11.98 -5.87 7.10
CA VAL A 78 -11.85 -5.08 5.88
C VAL A 78 -11.23 -5.91 4.75
N GLN A 79 -12.00 -6.15 3.70
CA GLN A 79 -11.51 -6.93 2.57
C GLN A 79 -10.97 -6.02 1.47
N TRP A 80 -9.75 -6.30 1.01
CA TRP A 80 -9.13 -5.51 -0.04
C TRP A 80 -8.11 -6.34 -0.81
N GLU A 81 -8.02 -6.10 -2.12
CA GLU A 81 -7.09 -6.82 -2.97
C GLU A 81 -5.86 -5.97 -3.28
N MET A 82 -4.68 -6.59 -3.17
CA MET A 82 -3.43 -5.89 -3.44
C MET A 82 -2.77 -6.41 -4.72
N GLU A 83 -2.93 -5.67 -5.81
CA GLU A 83 -2.36 -6.06 -7.09
C GLU A 83 -1.08 -5.30 -7.36
N VAL A 84 -0.12 -5.96 -8.00
CA VAL A 84 1.17 -5.35 -8.32
C VAL A 84 1.14 -4.74 -9.72
N CYS A 85 0.85 -3.45 -9.79
CA CYS A 85 0.80 -2.74 -11.07
C CYS A 85 2.19 -2.63 -11.69
N LYS A 86 2.25 -2.03 -12.87
CA LYS A 86 3.53 -1.87 -13.57
C LYS A 86 3.48 -0.65 -14.49
N LEU A 87 4.52 0.17 -14.44
CA LEU A 87 4.60 1.36 -15.28
C LEU A 87 5.19 1.03 -16.64
N PRO A 88 4.85 1.86 -17.64
CA PRO A 88 5.33 1.68 -19.02
C PRO A 88 6.83 1.97 -19.15
N ARG A 89 7.46 2.32 -18.03
CA ARG A 89 8.88 2.62 -18.03
C ARG A 89 9.62 1.78 -16.98
N LEU A 90 8.85 1.15 -16.10
CA LEU A 90 9.42 0.31 -15.04
C LEU A 90 10.48 1.07 -14.27
N SER A 91 10.12 2.26 -13.77
CA SER A 91 11.04 3.08 -13.01
C SER A 91 10.83 2.89 -11.51
N LEU A 92 9.72 2.25 -11.16
CA LEU A 92 9.40 2.00 -9.76
C LEU A 92 8.11 1.20 -9.63
N ASN A 93 8.21 -0.02 -9.10
CA ASN A 93 7.04 -0.87 -8.92
C ASN A 93 5.99 -0.19 -8.05
N GLY A 94 4.76 -0.16 -8.54
CA GLY A 94 3.67 0.47 -7.80
C GLY A 94 2.75 -0.54 -7.15
N VAL A 95 1.88 -0.07 -6.26
CA VAL A 95 0.94 -0.94 -5.57
C VAL A 95 -0.38 -0.23 -5.31
N ARG A 96 -1.41 -0.64 -6.04
CA ARG A 96 -2.74 -0.04 -5.89
C ARG A 96 -3.53 -0.74 -4.78
N PHE A 97 -4.41 0.01 -4.13
CA PHE A 97 -5.23 -0.53 -3.05
C PHE A 97 -6.71 -0.32 -3.34
N LYS A 98 -7.44 -1.42 -3.52
CA LYS A 98 -8.87 -1.35 -3.79
C LYS A 98 -9.67 -1.94 -2.64
N ARG A 99 -10.75 -1.24 -2.26
CA ARG A 99 -11.60 -1.70 -1.17
C ARG A 99 -12.77 -2.51 -1.69
N ILE A 100 -12.98 -3.68 -1.10
CA ILE A 100 -14.08 -4.56 -1.51
C ILE A 100 -15.30 -4.36 -0.63
N SER A 101 -15.14 -4.56 0.67
CA SER A 101 -16.23 -4.41 1.62
C SER A 101 -15.70 -4.06 3.01
N GLY A 102 -16.51 -3.35 3.78
CA GLY A 102 -16.11 -2.97 5.12
C GLY A 102 -16.25 -1.47 5.37
N THR A 103 -15.31 -0.91 6.12
CA THR A 103 -15.33 0.51 6.42
C THR A 103 -14.00 1.18 6.06
N SER A 104 -14.07 2.29 5.35
CA SER A 104 -12.88 3.01 4.93
C SER A 104 -11.95 3.25 6.12
N ILE A 105 -12.54 3.59 7.27
CA ILE A 105 -11.75 3.85 8.48
C ILE A 105 -10.66 2.80 8.65
N ALA A 106 -11.07 1.55 8.87
CA ALA A 106 -10.11 0.47 9.04
C ALA A 106 -9.32 0.22 7.76
N PHE A 107 -9.89 0.60 6.64
CA PHE A 107 -9.24 0.41 5.34
C PHE A 107 -7.96 1.26 5.25
N LYS A 108 -8.09 2.53 5.59
CA LYS A 108 -6.96 3.45 5.55
C LYS A 108 -6.03 3.23 6.75
N ASN A 109 -6.63 3.20 7.94
CA ASN A 109 -5.87 3.01 9.17
C ASN A 109 -4.88 1.86 9.02
N ILE A 110 -5.36 0.73 8.49
CA ILE A 110 -4.51 -0.44 8.28
C ILE A 110 -3.58 -0.24 7.09
N ALA A 111 -4.05 0.53 6.11
CA ALA A 111 -3.25 0.79 4.91
C ALA A 111 -1.95 1.50 5.26
N SER A 112 -2.03 2.43 6.21
CA SER A 112 -0.85 3.19 6.63
C SER A 112 0.24 2.25 7.13
N LYS A 113 -0.16 1.20 7.84
CA LYS A 113 0.78 0.23 8.37
C LYS A 113 1.42 -0.60 7.26
N ILE A 114 0.58 -1.26 6.48
CA ILE A 114 1.05 -2.09 5.37
C ILE A 114 2.09 -1.33 4.54
N ALA A 115 1.72 -0.16 4.06
CA ALA A 115 2.61 0.67 3.25
C ALA A 115 3.95 0.86 3.97
N ASN A 116 3.91 1.50 5.13
CA ASN A 116 5.11 1.77 5.91
C ASN A 116 6.02 0.53 5.94
N GLU A 117 5.41 -0.63 6.21
CA GLU A 117 6.17 -1.88 6.27
C GLU A 117 6.77 -2.22 4.91
N LEU A 118 6.03 -1.92 3.85
CA LEU A 118 6.49 -2.20 2.49
C LEU A 118 7.34 -1.05 1.96
N LYS A 119 7.98 -0.33 2.88
CA LYS A 119 8.83 0.80 2.51
C LYS A 119 8.18 1.63 1.41
N LEU A 120 6.87 1.83 1.52
CA LEU A 120 6.13 2.61 0.54
C LEU A 120 5.96 4.05 1.01
N SER A 121 5.62 4.93 0.08
CA SER A 121 5.43 6.35 0.39
C SER A 121 4.74 6.50 1.74
N GLY A 122 3.51 6.00 1.83
CA GLY A 122 2.75 6.09 3.06
C GLY A 122 2.11 7.46 3.25
N PRO A 123 1.12 7.77 2.39
CA PRO A 123 0.40 9.05 2.45
C PRO A 123 -0.49 9.17 3.67
N SER A 124 -0.31 10.25 4.43
CA SER A 124 -1.10 10.48 5.63
C SER A 124 -0.97 11.93 6.10
N SER A 125 -2.09 12.51 6.52
CA SER A 125 -2.11 13.89 6.98
C SER A 125 -3.25 14.11 7.97
N GLY A 126 -2.91 14.68 9.12
CA GLY A 126 -3.91 14.94 10.14
C GLY A 126 -4.22 16.42 10.29
N MET A 1 42.98 49.60 23.58
CA MET A 1 43.01 49.10 24.95
C MET A 1 41.66 49.30 25.64
N LYS A 2 41.02 50.42 25.36
CA LYS A 2 39.73 50.74 25.94
C LYS A 2 38.70 49.66 25.58
N ASP A 3 37.73 49.45 26.47
CA ASP A 3 36.69 48.46 26.24
C ASP A 3 35.32 49.01 26.64
N HIS A 4 34.27 48.30 26.25
CA HIS A 4 32.91 48.72 26.57
C HIS A 4 31.91 47.61 26.24
N LEU A 5 30.66 47.80 26.66
CA LEU A 5 29.61 46.82 26.41
C LEU A 5 28.43 47.47 25.70
N ILE A 6 27.68 46.65 24.95
CA ILE A 6 26.52 47.14 24.21
C ILE A 6 25.27 46.35 24.59
N HIS A 7 24.16 47.07 24.80
CA HIS A 7 22.90 46.43 25.15
C HIS A 7 22.20 45.88 23.91
N ASN A 8 21.52 44.75 24.08
CA ASN A 8 20.80 44.12 22.98
C ASN A 8 19.35 43.85 23.35
N VAL A 9 18.52 43.64 22.34
CA VAL A 9 17.10 43.37 22.57
C VAL A 9 16.59 42.31 21.58
N HIS A 10 16.32 41.12 22.09
CA HIS A 10 15.81 40.03 21.26
C HIS A 10 14.31 39.89 21.41
N LYS A 11 13.63 39.67 20.28
CA LYS A 11 12.18 39.52 20.29
C LYS A 11 11.76 38.34 19.41
N GLU A 12 10.49 37.93 19.54
CA GLU A 12 9.98 36.82 18.76
C GLU A 12 8.56 37.11 18.28
N GLU A 13 8.23 36.64 17.09
CA GLU A 13 6.90 36.85 16.52
C GLU A 13 6.01 35.63 16.74
N HIS A 14 4.76 35.87 17.11
CA HIS A 14 3.81 34.79 17.34
C HIS A 14 2.83 34.67 16.19
N ALA A 15 3.35 34.80 14.97
CA ALA A 15 2.52 34.69 13.77
C ALA A 15 2.55 33.28 13.20
N HIS A 16 1.39 32.76 12.83
CA HIS A 16 1.29 31.42 12.26
C HIS A 16 0.66 31.46 10.88
N ALA A 17 0.86 30.39 10.11
CA ALA A 17 0.32 30.30 8.76
C ALA A 17 -0.39 28.96 8.55
N HIS A 18 -1.61 29.03 8.02
CA HIS A 18 -2.40 27.83 7.77
C HIS A 18 -2.27 27.39 6.31
N ASN A 19 -1.29 26.53 6.06
CA ASN A 19 -1.05 26.03 4.70
C ASN A 19 -2.08 24.98 4.33
N LYS A 20 -3.24 25.44 3.86
CA LYS A 20 -4.32 24.54 3.47
C LYS A 20 -4.22 24.20 1.98
N ASP A 21 -3.21 23.41 1.62
CA ASP A 21 -3.02 23.00 0.24
C ASP A 21 -2.74 21.51 0.14
N TYR A 22 -3.80 20.72 0.11
CA TYR A 22 -3.68 19.27 0.02
C TYR A 22 -4.43 18.73 -1.19
N ASP A 23 -4.14 17.48 -1.55
CA ASP A 23 -4.80 16.85 -2.69
C ASP A 23 -5.38 15.50 -2.29
N ILE A 24 -6.72 15.42 -2.27
CA ILE A 24 -7.39 14.18 -1.91
C ILE A 24 -8.11 13.58 -3.11
N PRO A 25 -8.00 12.25 -3.26
CA PRO A 25 -8.63 11.51 -4.37
C PRO A 25 -10.15 11.47 -4.24
N THR A 26 -10.84 12.06 -5.22
CA THR A 26 -12.29 12.08 -5.21
C THR A 26 -12.88 10.67 -5.20
N THR A 27 -12.06 9.70 -5.60
CA THR A 27 -12.49 8.30 -5.64
C THR A 27 -11.84 7.51 -4.51
N GLU A 28 -12.56 6.50 -4.02
CA GLU A 28 -12.06 5.65 -2.95
C GLU A 28 -10.98 4.71 -3.46
N ASN A 29 -9.88 5.29 -3.92
CA ASN A 29 -8.76 4.49 -4.43
C ASN A 29 -7.43 4.98 -3.86
N LEU A 30 -6.74 4.10 -3.16
CA LEU A 30 -5.45 4.44 -2.56
C LEU A 30 -4.29 3.90 -3.40
N TYR A 31 -3.29 4.74 -3.62
CA TYR A 31 -2.12 4.35 -4.40
C TYR A 31 -0.87 4.29 -3.53
N PHE A 32 0.01 3.33 -3.83
CA PHE A 32 1.24 3.17 -3.07
C PHE A 32 2.37 2.67 -3.97
N GLN A 33 3.59 3.08 -3.65
CA GLN A 33 4.76 2.68 -4.44
C GLN A 33 5.97 2.46 -3.53
N GLY A 34 6.78 1.46 -3.88
CA GLY A 34 7.96 1.16 -3.09
C GLY A 34 8.34 -0.31 -3.15
N SER A 35 8.57 -0.81 -4.36
CA SER A 35 8.95 -2.20 -4.56
C SER A 35 10.37 -2.46 -4.06
N SER A 36 10.57 -3.65 -3.49
CA SER A 36 11.89 -4.03 -2.97
C SER A 36 12.65 -4.88 -3.98
N GLY A 37 12.61 -4.48 -5.25
CA GLY A 37 13.30 -5.21 -6.28
C GLY A 37 12.46 -5.38 -7.53
N SER A 38 11.80 -6.54 -7.65
CA SER A 38 10.96 -6.82 -8.80
C SER A 38 9.48 -6.89 -8.40
N SER A 39 8.62 -7.08 -9.39
CA SER A 39 7.18 -7.15 -9.14
C SER A 39 6.85 -8.35 -8.25
N GLY A 40 7.51 -9.48 -8.51
CA GLY A 40 7.26 -10.67 -7.72
C GLY A 40 7.77 -10.54 -6.29
N ASP A 41 9.03 -10.13 -6.15
CA ASP A 41 9.63 -9.97 -4.83
C ASP A 41 8.69 -9.21 -3.90
N MET A 42 7.97 -8.24 -4.45
CA MET A 42 7.03 -7.44 -3.67
C MET A 42 6.05 -8.34 -2.90
N MET A 43 5.68 -9.46 -3.53
CA MET A 43 4.75 -10.40 -2.91
C MET A 43 5.39 -11.08 -1.71
N ARG A 44 6.72 -11.03 -1.65
CA ARG A 44 7.46 -11.65 -0.54
C ARG A 44 7.22 -10.89 0.76
N GLU A 45 7.51 -9.59 0.74
CA GLU A 45 7.33 -8.75 1.92
C GLU A 45 5.86 -8.59 2.25
N ILE A 46 5.06 -8.23 1.26
CA ILE A 46 3.63 -8.04 1.45
C ILE A 46 3.05 -9.10 2.38
N ARG A 47 3.11 -10.35 1.95
CA ARG A 47 2.60 -11.46 2.76
C ARG A 47 3.20 -11.43 4.16
N LYS A 48 4.47 -11.06 4.26
CA LYS A 48 5.15 -10.99 5.54
C LYS A 48 4.41 -10.06 6.50
N VAL A 49 3.91 -8.94 5.97
CA VAL A 49 3.18 -7.98 6.78
C VAL A 49 1.78 -8.48 7.10
N LEU A 50 1.09 -8.99 6.10
CA LEU A 50 -0.26 -9.51 6.28
C LEU A 50 -0.32 -10.49 7.44
N GLY A 51 0.50 -11.54 7.36
CA GLY A 51 0.52 -12.54 8.42
C GLY A 51 1.12 -12.00 9.71
N ALA A 52 1.84 -10.88 9.61
CA ALA A 52 2.46 -10.28 10.78
C ALA A 52 1.45 -9.45 11.57
N ASN A 53 0.52 -8.83 10.86
CA ASN A 53 -0.51 -8.01 11.48
C ASN A 53 -1.81 -8.78 11.62
N ASN A 54 -1.71 -10.09 11.85
CA ASN A 54 -2.89 -10.94 12.01
C ASN A 54 -3.88 -10.70 10.87
N CYS A 55 -3.39 -10.77 9.64
CA CYS A 55 -4.23 -10.56 8.48
C CYS A 55 -4.25 -11.80 7.58
N ASP A 56 -5.40 -12.07 6.97
CA ASP A 56 -5.54 -13.23 6.09
C ASP A 56 -5.40 -12.82 4.63
N TYR A 57 -4.69 -13.65 3.86
CA TYR A 57 -4.48 -13.37 2.45
C TYR A 57 -4.64 -14.64 1.61
N GLU A 58 -5.31 -14.50 0.47
CA GLU A 58 -5.52 -15.65 -0.41
C GLU A 58 -5.01 -15.35 -1.82
N GLN A 59 -3.86 -15.92 -2.16
CA GLN A 59 -3.26 -15.71 -3.47
C GLN A 59 -4.17 -16.25 -4.57
N ARG A 60 -4.82 -15.34 -5.30
CA ARG A 60 -5.71 -15.72 -6.38
C ARG A 60 -4.95 -15.90 -7.68
N GLU A 61 -3.93 -15.07 -7.88
CA GLU A 61 -3.11 -15.14 -9.10
C GLU A 61 -1.64 -14.91 -8.78
N ARG A 62 -0.79 -15.13 -9.76
CA ARG A 62 0.65 -14.94 -9.59
C ARG A 62 0.94 -13.58 -8.95
N PHE A 63 0.21 -12.56 -9.39
CA PHE A 63 0.40 -11.21 -8.87
C PHE A 63 -0.90 -10.67 -8.27
N LEU A 64 -1.68 -11.57 -7.68
CA LEU A 64 -2.94 -11.19 -7.07
C LEU A 64 -3.13 -11.87 -5.72
N LEU A 65 -3.49 -11.09 -4.70
CA LEU A 65 -3.69 -11.63 -3.37
C LEU A 65 -4.85 -10.93 -2.67
N PHE A 66 -5.80 -11.72 -2.18
CA PHE A 66 -6.97 -11.18 -1.49
C PHE A 66 -6.66 -10.88 -0.03
N CYS A 67 -6.27 -9.64 0.25
CA CYS A 67 -5.94 -9.23 1.61
C CYS A 67 -7.19 -8.88 2.39
N VAL A 68 -7.26 -9.33 3.64
CA VAL A 68 -8.42 -9.06 4.49
C VAL A 68 -8.01 -9.07 5.97
N HIS A 69 -8.31 -7.96 6.66
CA HIS A 69 -7.98 -7.84 8.07
C HIS A 69 -9.25 -7.79 8.92
N GLY A 70 -9.30 -8.62 9.96
CA GLY A 70 -10.46 -8.66 10.83
C GLY A 70 -10.34 -9.72 11.90
N ASP A 71 -10.32 -9.30 13.16
CA ASP A 71 -10.22 -10.23 14.28
C ASP A 71 -11.51 -11.00 14.47
N GLY A 72 -12.64 -10.35 14.19
CA GLY A 72 -13.94 -10.99 14.33
C GLY A 72 -15.06 -10.00 14.46
N HIS A 73 -15.01 -8.92 13.66
CA HIS A 73 -16.04 -7.90 13.69
C HIS A 73 -16.01 -7.06 12.41
N ALA A 74 -17.16 -6.97 11.75
CA ALA A 74 -17.26 -6.21 10.51
C ALA A 74 -16.68 -4.80 10.69
N GLU A 75 -16.82 -4.25 11.88
CA GLU A 75 -16.31 -2.92 12.19
C GLU A 75 -14.84 -2.80 11.79
N ASN A 76 -14.05 -3.78 12.18
CA ASN A 76 -12.63 -3.80 11.87
C ASN A 76 -12.34 -4.60 10.61
N LEU A 77 -13.34 -5.37 10.18
CA LEU A 77 -13.20 -6.20 8.98
C LEU A 77 -13.05 -5.33 7.73
N VAL A 78 -11.99 -5.59 6.97
CA VAL A 78 -11.73 -4.84 5.75
C VAL A 78 -11.17 -5.74 4.65
N GLN A 79 -11.86 -5.80 3.52
CA GLN A 79 -11.42 -6.62 2.40
C GLN A 79 -10.90 -5.76 1.26
N TRP A 80 -9.73 -6.11 0.74
CA TRP A 80 -9.12 -5.37 -0.35
C TRP A 80 -8.17 -6.26 -1.16
N GLU A 81 -8.17 -6.09 -2.47
CA GLU A 81 -7.32 -6.87 -3.36
C GLU A 81 -5.99 -6.14 -3.62
N MET A 82 -4.89 -6.84 -3.39
CA MET A 82 -3.57 -6.27 -3.61
C MET A 82 -2.95 -6.80 -4.90
N GLU A 83 -3.01 -5.98 -5.95
CA GLU A 83 -2.46 -6.36 -7.24
C GLU A 83 -1.10 -5.71 -7.47
N VAL A 84 -0.18 -6.46 -8.09
CA VAL A 84 1.16 -5.96 -8.35
C VAL A 84 1.36 -5.72 -9.85
N CYS A 85 1.29 -4.45 -10.25
CA CYS A 85 1.46 -4.08 -11.65
C CYS A 85 2.84 -3.48 -11.89
N LYS A 86 3.34 -3.63 -13.11
CA LYS A 86 4.65 -3.10 -13.47
C LYS A 86 4.52 -1.82 -14.28
N LEU A 87 5.35 -0.83 -13.95
CA LEU A 87 5.33 0.45 -14.64
C LEU A 87 6.68 0.77 -15.27
N PRO A 88 6.86 0.37 -16.54
CA PRO A 88 8.11 0.59 -17.27
C PRO A 88 8.33 2.07 -17.60
N ARG A 89 7.36 2.90 -17.24
CA ARG A 89 7.44 4.33 -17.50
C ARG A 89 8.31 5.02 -16.45
N LEU A 90 8.23 4.54 -15.22
CA LEU A 90 9.01 5.10 -14.12
C LEU A 90 9.95 4.06 -13.52
N SER A 91 10.18 2.98 -14.26
CA SER A 91 11.06 1.92 -13.80
C SER A 91 10.77 1.56 -12.35
N LEU A 92 9.52 1.78 -11.93
CA LEU A 92 9.11 1.47 -10.56
C LEU A 92 7.69 0.93 -10.52
N ASN A 93 7.54 -0.27 -9.97
CA ASN A 93 6.23 -0.91 -9.88
C ASN A 93 5.24 -0.01 -9.16
N GLY A 94 3.97 -0.39 -9.18
CA GLY A 94 2.94 0.40 -8.53
C GLY A 94 1.93 -0.46 -7.80
N VAL A 95 1.85 -0.29 -6.48
CA VAL A 95 0.92 -1.06 -5.66
C VAL A 95 -0.31 -0.23 -5.30
N ARG A 96 -1.46 -0.63 -5.81
CA ARG A 96 -2.71 0.08 -5.53
C ARG A 96 -3.57 -0.71 -4.56
N PHE A 97 -4.43 0.00 -3.83
CA PHE A 97 -5.32 -0.63 -2.86
C PHE A 97 -6.78 -0.40 -3.23
N LYS A 98 -7.51 -1.49 -3.44
CA LYS A 98 -8.92 -1.41 -3.80
C LYS A 98 -9.80 -1.87 -2.64
N ARG A 99 -10.72 -0.99 -2.22
CA ARG A 99 -11.62 -1.30 -1.11
C ARG A 99 -12.82 -2.11 -1.61
N ILE A 100 -12.89 -3.37 -1.22
CA ILE A 100 -13.98 -4.24 -1.62
C ILE A 100 -15.16 -4.11 -0.67
N SER A 101 -14.87 -4.10 0.63
CA SER A 101 -15.92 -3.98 1.64
C SER A 101 -15.34 -3.48 2.96
N GLY A 102 -16.22 -3.07 3.87
CA GLY A 102 -15.78 -2.57 5.16
C GLY A 102 -15.78 -1.06 5.24
N THR A 103 -15.52 -0.52 6.42
CA THR A 103 -15.50 0.92 6.61
C THR A 103 -14.19 1.53 6.12
N SER A 104 -14.27 2.75 5.60
CA SER A 104 -13.09 3.44 5.09
C SER A 104 -12.03 3.58 6.18
N ILE A 105 -12.45 4.09 7.33
CA ILE A 105 -11.53 4.28 8.45
C ILE A 105 -10.53 3.13 8.55
N ALA A 106 -11.03 1.94 8.81
CA ALA A 106 -10.18 0.76 8.92
C ALA A 106 -9.32 0.58 7.67
N PHE A 107 -9.95 0.74 6.51
CA PHE A 107 -9.25 0.59 5.24
C PHE A 107 -7.93 1.33 5.26
N LYS A 108 -7.96 2.59 5.69
CA LYS A 108 -6.76 3.42 5.76
C LYS A 108 -5.94 3.08 6.99
N ASN A 109 -6.59 3.09 8.16
CA ASN A 109 -5.92 2.79 9.42
C ASN A 109 -4.96 1.62 9.25
N ILE A 110 -5.38 0.61 8.49
CA ILE A 110 -4.55 -0.56 8.24
C ILE A 110 -3.60 -0.34 7.08
N ALA A 111 -4.01 0.51 6.15
CA ALA A 111 -3.19 0.82 4.98
C ALA A 111 -1.88 1.50 5.39
N SER A 112 -1.95 2.29 6.47
CA SER A 112 -0.78 2.99 6.96
C SER A 112 0.33 2.01 7.35
N LYS A 113 -0.05 0.96 8.06
CA LYS A 113 0.91 -0.06 8.48
C LYS A 113 1.50 -0.80 7.29
N ILE A 114 0.65 -1.51 6.56
CA ILE A 114 1.08 -2.26 5.39
C ILE A 114 2.10 -1.47 4.58
N ALA A 115 1.76 -0.21 4.27
CA ALA A 115 2.65 0.65 3.51
C ALA A 115 3.98 0.85 4.22
N ASN A 116 3.92 1.46 5.40
CA ASN A 116 5.13 1.71 6.19
C ASN A 116 6.02 0.47 6.23
N GLU A 117 5.43 -0.66 6.58
CA GLU A 117 6.17 -1.91 6.66
C GLU A 117 6.83 -2.25 5.32
N LEU A 118 6.06 -2.11 4.24
CA LEU A 118 6.56 -2.39 2.91
C LEU A 118 7.42 -1.23 2.38
N LYS A 119 7.53 -0.19 3.19
CA LYS A 119 8.33 0.98 2.82
C LYS A 119 7.82 1.57 1.50
N LEU A 120 6.52 1.73 1.39
CA LEU A 120 5.92 2.29 0.18
C LEU A 120 5.57 3.76 0.37
N SER A 121 4.97 4.36 -0.66
CA SER A 121 4.59 5.77 -0.59
C SER A 121 3.77 6.06 0.65
N GLY A 122 3.24 7.28 0.73
CA GLY A 122 2.43 7.65 1.89
C GLY A 122 1.51 8.81 1.58
N PRO A 123 0.42 8.53 0.86
CA PRO A 123 -0.57 9.55 0.49
C PRO A 123 -1.38 10.04 1.68
N SER A 124 -1.19 9.39 2.82
CA SER A 124 -1.89 9.75 4.05
C SER A 124 -2.01 11.28 4.17
N SER A 125 -3.05 11.73 4.85
CA SER A 125 -3.27 13.16 5.05
C SER A 125 -3.09 13.54 6.51
N GLY A 126 -2.55 14.73 6.75
CA GLY A 126 -2.34 15.20 8.09
C GLY A 126 -2.99 16.54 8.36
N MET A 1 24.30 23.18 19.18
CA MET A 1 25.21 23.96 20.02
C MET A 1 24.54 24.33 21.35
N LYS A 2 23.38 24.99 21.25
CA LYS A 2 22.65 25.40 22.44
C LYS A 2 21.61 24.35 22.83
N ASP A 3 21.61 23.98 24.10
CA ASP A 3 20.66 23.00 24.60
C ASP A 3 19.72 23.60 25.63
N HIS A 4 18.66 24.25 25.15
CA HIS A 4 17.68 24.88 26.02
C HIS A 4 16.46 25.35 25.23
N LEU A 5 15.29 25.22 25.82
CA LEU A 5 14.04 25.63 25.16
C LEU A 5 13.40 26.79 25.92
N ILE A 6 12.48 27.47 25.25
CA ILE A 6 11.78 28.61 25.85
C ILE A 6 10.32 28.66 25.40
N HIS A 7 9.42 28.94 26.34
CA HIS A 7 8.00 29.02 26.04
C HIS A 7 7.76 29.87 24.79
N ASN A 8 8.19 31.12 24.85
CA ASN A 8 8.01 32.04 23.72
C ASN A 8 9.33 32.26 22.99
N VAL A 9 9.34 31.96 21.70
CA VAL A 9 10.54 32.13 20.88
C VAL A 9 10.26 33.01 19.67
N HIS A 10 10.58 34.28 19.79
CA HIS A 10 10.37 35.23 18.70
C HIS A 10 11.61 35.32 17.81
N LYS A 11 11.72 34.42 16.84
CA LYS A 11 12.85 34.39 15.92
C LYS A 11 12.37 34.28 14.48
N GLU A 12 12.78 35.23 13.64
CA GLU A 12 12.40 35.23 12.24
C GLU A 12 12.75 33.90 11.58
N GLU A 13 12.29 33.72 10.34
CA GLU A 13 12.55 32.49 9.61
C GLU A 13 12.52 32.75 8.10
N HIS A 14 13.05 31.81 7.33
CA HIS A 14 13.08 31.93 5.88
C HIS A 14 13.36 30.58 5.23
N ALA A 15 12.32 29.98 4.64
CA ALA A 15 12.45 28.70 3.98
C ALA A 15 11.26 28.43 3.06
N HIS A 16 11.56 28.18 1.78
CA HIS A 16 10.51 27.91 0.80
C HIS A 16 10.42 26.41 0.50
N ALA A 17 9.27 26.00 -0.03
CA ALA A 17 9.06 24.59 -0.36
C ALA A 17 8.56 24.43 -1.79
N HIS A 18 8.88 23.29 -2.40
CA HIS A 18 8.47 23.02 -3.77
C HIS A 18 7.02 22.55 -3.82
N ASN A 19 6.32 22.67 -2.69
CA ASN A 19 4.93 22.26 -2.61
C ASN A 19 4.80 20.73 -2.66
N LYS A 20 5.51 20.06 -1.76
CA LYS A 20 5.49 18.60 -1.69
C LYS A 20 4.68 18.12 -0.49
N ASP A 21 3.90 19.04 0.10
CA ASP A 21 3.09 18.70 1.27
C ASP A 21 1.68 19.28 1.11
N TYR A 22 0.81 18.53 0.46
CA TYR A 22 -0.56 18.96 0.25
C TYR A 22 -1.55 17.87 0.69
N ASP A 23 -2.83 18.18 0.58
CA ASP A 23 -3.88 17.23 0.97
C ASP A 23 -4.11 16.19 -0.12
N ILE A 24 -3.27 15.16 -0.12
CA ILE A 24 -3.38 14.09 -1.11
C ILE A 24 -4.78 13.47 -1.11
N PRO A 25 -5.32 13.23 -2.30
CA PRO A 25 -6.65 12.63 -2.46
C PRO A 25 -6.68 11.17 -2.04
N THR A 26 -7.41 10.89 -0.95
CA THR A 26 -7.52 9.53 -0.44
C THR A 26 -8.57 8.74 -1.21
N THR A 27 -8.60 8.92 -2.52
CA THR A 27 -9.55 8.23 -3.38
C THR A 27 -9.75 6.78 -2.93
N GLU A 28 -10.92 6.23 -3.20
CA GLU A 28 -11.22 4.86 -2.82
C GLU A 28 -10.00 3.97 -2.98
N ASN A 29 -9.32 4.09 -4.11
CA ASN A 29 -8.12 3.31 -4.39
C ASN A 29 -6.86 4.09 -4.04
N LEU A 30 -5.96 3.44 -3.30
CA LEU A 30 -4.72 4.07 -2.89
C LEU A 30 -3.55 3.54 -3.72
N TYR A 31 -2.43 4.27 -3.69
CA TYR A 31 -1.24 3.88 -4.44
C TYR A 31 0.01 4.02 -3.58
N PHE A 32 0.96 3.11 -3.79
CA PHE A 32 2.21 3.13 -3.03
C PHE A 32 3.34 2.53 -3.85
N GLN A 33 4.54 3.10 -3.72
CA GLN A 33 5.71 2.63 -4.44
C GLN A 33 6.86 2.33 -3.49
N GLY A 34 7.60 1.27 -3.78
CA GLY A 34 8.73 0.91 -2.93
C GLY A 34 9.04 -0.58 -3.00
N SER A 35 9.29 -1.07 -4.21
CA SER A 35 9.59 -2.49 -4.40
C SER A 35 10.98 -2.82 -3.85
N SER A 36 11.13 -4.03 -3.33
CA SER A 36 12.40 -4.49 -2.77
C SER A 36 13.15 -5.37 -3.77
N GLY A 37 13.10 -4.99 -5.04
CA GLY A 37 13.77 -5.77 -6.07
C GLY A 37 12.95 -5.91 -7.33
N SER A 38 12.29 -7.05 -7.48
CA SER A 38 11.46 -7.31 -8.64
C SER A 38 9.97 -7.23 -8.30
N SER A 39 9.12 -7.29 -9.32
CA SER A 39 7.68 -7.22 -9.12
C SER A 39 7.20 -8.36 -8.21
N GLY A 40 7.84 -9.51 -8.34
CA GLY A 40 7.46 -10.66 -7.53
C GLY A 40 7.62 -10.39 -6.04
N ASP A 41 8.83 -10.03 -5.63
CA ASP A 41 9.12 -9.75 -4.22
C ASP A 41 7.91 -9.09 -3.56
N MET A 42 7.41 -8.03 -4.17
CA MET A 42 6.26 -7.31 -3.62
C MET A 42 5.25 -8.28 -3.02
N MET A 43 4.76 -9.20 -3.84
CA MET A 43 3.79 -10.19 -3.38
C MET A 43 4.23 -10.81 -2.05
N ARG A 44 5.51 -11.18 -1.98
CA ARG A 44 6.06 -11.78 -0.77
C ARG A 44 6.09 -10.78 0.38
N GLU A 45 6.89 -9.72 0.21
CA GLU A 45 7.01 -8.70 1.24
C GLU A 45 5.65 -8.33 1.81
N ILE A 46 4.72 -7.96 0.93
CA ILE A 46 3.38 -7.58 1.34
C ILE A 46 2.79 -8.61 2.31
N ARG A 47 2.55 -9.81 1.82
CA ARG A 47 1.99 -10.88 2.64
C ARG A 47 2.67 -10.93 4.00
N LYS A 48 3.99 -10.74 4.01
CA LYS A 48 4.76 -10.76 5.25
C LYS A 48 4.08 -9.92 6.33
N VAL A 49 3.85 -8.65 6.02
CA VAL A 49 3.20 -7.74 6.96
C VAL A 49 1.89 -8.33 7.47
N LEU A 50 1.10 -8.87 6.55
CA LEU A 50 -0.19 -9.47 6.91
C LEU A 50 -0.04 -10.42 8.10
N GLY A 51 0.75 -11.48 7.91
CA GLY A 51 0.96 -12.45 8.98
C GLY A 51 1.23 -11.78 10.31
N ALA A 52 2.02 -10.71 10.30
CA ALA A 52 2.35 -9.99 11.52
C ALA A 52 1.10 -9.43 12.18
N ASN A 53 0.16 -8.96 11.36
CA ASN A 53 -1.08 -8.40 11.87
C ASN A 53 -2.22 -9.42 11.77
N ASN A 54 -1.92 -10.67 12.08
CA ASN A 54 -2.91 -11.73 12.02
C ASN A 54 -3.86 -11.53 10.83
N CYS A 55 -3.28 -11.17 9.69
CA CYS A 55 -4.08 -10.94 8.47
C CYS A 55 -3.90 -12.09 7.49
N ASP A 56 -4.99 -12.46 6.82
CA ASP A 56 -4.95 -13.55 5.85
C ASP A 56 -4.91 -13.00 4.42
N TYR A 57 -4.45 -13.82 3.49
CA TYR A 57 -4.35 -13.43 2.09
C TYR A 57 -4.72 -14.59 1.17
N GLU A 58 -5.41 -14.27 0.08
CA GLU A 58 -5.83 -15.28 -0.89
C GLU A 58 -5.44 -14.87 -2.30
N GLN A 59 -4.39 -15.51 -2.83
CA GLN A 59 -3.91 -15.22 -4.18
C GLN A 59 -4.96 -15.57 -5.21
N ARG A 60 -5.46 -14.56 -5.92
CA ARG A 60 -6.47 -14.78 -6.96
C ARG A 60 -5.82 -14.94 -8.33
N GLU A 61 -4.73 -14.23 -8.55
CA GLU A 61 -4.01 -14.29 -9.82
C GLU A 61 -2.51 -14.32 -9.61
N ARG A 62 -1.76 -14.28 -10.70
CA ARG A 62 -0.30 -14.29 -10.63
C ARG A 62 0.22 -13.10 -9.84
N PHE A 63 -0.30 -11.91 -10.15
CA PHE A 63 0.12 -10.69 -9.48
C PHE A 63 -1.04 -10.08 -8.69
N LEU A 64 -1.81 -10.94 -8.04
CA LEU A 64 -2.96 -10.50 -7.24
C LEU A 64 -3.03 -11.26 -5.92
N LEU A 65 -3.50 -10.57 -4.88
CA LEU A 65 -3.62 -11.18 -3.56
C LEU A 65 -4.75 -10.52 -2.77
N PHE A 66 -5.72 -11.33 -2.35
CA PHE A 66 -6.84 -10.83 -1.58
C PHE A 66 -6.48 -10.69 -0.10
N CYS A 67 -6.07 -9.50 0.29
CA CYS A 67 -5.69 -9.23 1.67
C CYS A 67 -6.91 -8.89 2.52
N VAL A 68 -6.92 -9.39 3.75
CA VAL A 68 -8.04 -9.15 4.67
C VAL A 68 -7.57 -9.17 6.11
N HIS A 69 -7.96 -8.14 6.86
CA HIS A 69 -7.58 -8.04 8.27
C HIS A 69 -8.73 -8.47 9.18
N GLY A 70 -8.46 -9.46 10.03
CA GLY A 70 -9.48 -9.95 10.93
C GLY A 70 -9.11 -9.76 12.39
N ASP A 71 -9.01 -8.52 12.81
CA ASP A 71 -8.66 -8.21 14.20
C ASP A 71 -9.34 -9.17 15.16
N GLY A 72 -10.64 -9.38 14.97
CA GLY A 72 -11.38 -10.27 15.83
C GLY A 72 -12.60 -10.86 15.14
N HIS A 73 -13.37 -10.01 14.47
CA HIS A 73 -14.57 -10.46 13.76
C HIS A 73 -14.87 -9.55 12.57
N ALA A 74 -15.98 -9.81 11.91
CA ALA A 74 -16.38 -9.03 10.74
C ALA A 74 -16.46 -7.54 11.09
N GLU A 75 -17.01 -7.24 12.26
CA GLU A 75 -17.15 -5.86 12.71
C GLU A 75 -15.87 -5.06 12.42
N ASN A 76 -14.73 -5.66 12.76
CA ASN A 76 -13.44 -5.01 12.55
C ASN A 76 -12.68 -5.67 11.41
N LEU A 77 -13.41 -6.11 10.38
CA LEU A 77 -12.80 -6.76 9.23
C LEU A 77 -12.82 -5.85 8.00
N VAL A 78 -11.79 -5.94 7.18
CA VAL A 78 -11.69 -5.14 5.97
C VAL A 78 -11.06 -5.92 4.83
N GLN A 79 -11.82 -6.13 3.77
CA GLN A 79 -11.34 -6.86 2.60
C GLN A 79 -10.79 -5.91 1.55
N TRP A 80 -9.55 -6.18 1.11
CA TRP A 80 -8.91 -5.34 0.10
C TRP A 80 -7.94 -6.16 -0.73
N GLU A 81 -8.04 -6.03 -2.06
CA GLU A 81 -7.17 -6.76 -2.97
C GLU A 81 -5.90 -5.97 -3.25
N MET A 82 -4.77 -6.67 -3.34
CA MET A 82 -3.49 -6.03 -3.61
C MET A 82 -2.84 -6.61 -4.87
N GLU A 83 -3.05 -5.95 -6.00
CA GLU A 83 -2.49 -6.40 -7.27
C GLU A 83 -1.25 -5.59 -7.64
N VAL A 84 -0.19 -6.29 -8.02
CA VAL A 84 1.06 -5.62 -8.40
C VAL A 84 1.00 -5.15 -9.85
N CYS A 85 1.22 -3.86 -10.05
CA CYS A 85 1.20 -3.27 -11.38
C CYS A 85 2.05 -2.00 -11.43
N LYS A 86 3.05 -2.01 -12.32
CA LYS A 86 3.93 -0.86 -12.46
C LYS A 86 3.23 0.28 -13.20
N LEU A 87 3.89 1.43 -13.27
CA LEU A 87 3.32 2.60 -13.93
C LEU A 87 4.39 3.31 -14.77
N PRO A 88 3.94 3.91 -15.89
CA PRO A 88 4.84 4.64 -16.80
C PRO A 88 5.35 5.94 -16.18
N ARG A 89 4.43 6.73 -15.65
CA ARG A 89 4.79 8.01 -15.03
C ARG A 89 5.79 7.80 -13.90
N LEU A 90 5.55 6.79 -13.08
CA LEU A 90 6.43 6.49 -11.95
C LEU A 90 7.62 5.66 -12.41
N SER A 91 7.41 4.83 -13.43
CA SER A 91 8.46 3.98 -13.95
C SER A 91 8.94 2.97 -12.90
N LEU A 92 8.03 2.58 -12.03
CA LEU A 92 8.35 1.62 -10.97
C LEU A 92 7.11 0.84 -10.55
N ASN A 93 7.32 -0.22 -9.77
CA ASN A 93 6.22 -1.05 -9.30
C ASN A 93 5.20 -0.21 -8.52
N GLY A 94 3.92 -0.43 -8.81
CA GLY A 94 2.87 0.32 -8.14
C GLY A 94 1.88 -0.60 -7.46
N VAL A 95 1.75 -0.45 -6.14
CA VAL A 95 0.82 -1.27 -5.37
C VAL A 95 -0.48 -0.52 -5.11
N ARG A 96 -1.55 -0.94 -5.79
CA ARG A 96 -2.85 -0.32 -5.65
C ARG A 96 -3.67 -1.03 -4.57
N PHE A 97 -4.59 -0.29 -3.95
CA PHE A 97 -5.44 -0.85 -2.91
C PHE A 97 -6.92 -0.72 -3.29
N LYS A 98 -7.55 -1.84 -3.58
CA LYS A 98 -8.96 -1.86 -3.95
C LYS A 98 -9.83 -2.21 -2.76
N ARG A 99 -10.74 -1.30 -2.40
CA ARG A 99 -11.64 -1.50 -1.27
C ARG A 99 -12.73 -2.51 -1.63
N ILE A 100 -12.55 -3.76 -1.23
CA ILE A 100 -13.52 -4.80 -1.51
C ILE A 100 -14.81 -4.59 -0.71
N SER A 101 -14.65 -4.49 0.62
CA SER A 101 -15.81 -4.28 1.50
C SER A 101 -15.34 -3.94 2.91
N GLY A 102 -16.25 -3.37 3.70
CA GLY A 102 -15.93 -3.00 5.06
C GLY A 102 -16.08 -1.52 5.31
N THR A 103 -15.29 -1.00 6.24
CA THR A 103 -15.33 0.43 6.57
C THR A 103 -14.11 1.16 6.03
N SER A 104 -14.29 2.43 5.71
CA SER A 104 -13.20 3.25 5.18
C SER A 104 -12.12 3.48 6.23
N ILE A 105 -12.56 3.88 7.44
CA ILE A 105 -11.63 4.13 8.53
C ILE A 105 -10.56 3.05 8.62
N ALA A 106 -10.98 1.84 9.00
CA ALA A 106 -10.06 0.72 9.12
C ALA A 106 -9.25 0.54 7.83
N PHE A 107 -9.89 0.75 6.70
CA PHE A 107 -9.23 0.61 5.40
C PHE A 107 -7.95 1.44 5.36
N LYS A 108 -8.04 2.69 5.75
CA LYS A 108 -6.90 3.59 5.76
C LYS A 108 -6.00 3.31 6.96
N ASN A 109 -6.61 3.20 8.14
CA ASN A 109 -5.86 2.94 9.36
C ASN A 109 -4.88 1.79 9.16
N ILE A 110 -5.34 0.74 8.49
CA ILE A 110 -4.50 -0.43 8.23
C ILE A 110 -3.58 -0.19 7.03
N ALA A 111 -4.13 0.40 5.99
CA ALA A 111 -3.36 0.70 4.79
C ALA A 111 -2.04 1.36 5.13
N SER A 112 -2.09 2.36 6.00
CA SER A 112 -0.88 3.08 6.40
C SER A 112 0.18 2.12 6.91
N LYS A 113 -0.22 1.21 7.79
CA LYS A 113 0.70 0.23 8.36
C LYS A 113 1.35 -0.60 7.25
N ILE A 114 0.52 -1.31 6.49
CA ILE A 114 1.02 -2.14 5.40
C ILE A 114 2.08 -1.40 4.59
N ALA A 115 1.85 -0.11 4.36
CA ALA A 115 2.80 0.70 3.60
C ALA A 115 4.08 0.93 4.37
N ASN A 116 3.98 1.60 5.51
CA ASN A 116 5.14 1.89 6.35
C ASN A 116 6.02 0.65 6.48
N GLU A 117 5.39 -0.50 6.72
CA GLU A 117 6.13 -1.75 6.87
C GLU A 117 6.83 -2.13 5.57
N LEU A 118 6.17 -1.86 4.44
CA LEU A 118 6.74 -2.18 3.14
C LEU A 118 7.64 -1.05 2.65
N LYS A 119 8.15 -0.26 3.59
CA LYS A 119 9.03 0.85 3.27
C LYS A 119 8.62 1.52 1.96
N LEU A 120 7.30 1.58 1.72
CA LEU A 120 6.77 2.19 0.51
C LEU A 120 6.66 3.70 0.67
N SER A 121 6.22 4.36 -0.39
CA SER A 121 6.07 5.82 -0.38
C SER A 121 5.35 6.27 0.88
N GLY A 122 4.15 5.72 1.11
CA GLY A 122 3.38 6.08 2.28
C GLY A 122 2.87 7.51 2.22
N PRO A 123 1.95 7.77 1.27
CA PRO A 123 1.36 9.10 1.09
C PRO A 123 0.43 9.49 2.24
N SER A 124 0.23 8.56 3.17
CA SER A 124 -0.65 8.81 4.31
C SER A 124 0.14 9.42 5.47
N SER A 125 1.22 8.76 5.86
CA SER A 125 2.06 9.25 6.95
C SER A 125 3.54 9.00 6.65
N GLY A 126 4.39 9.92 7.12
CA GLY A 126 5.81 9.79 6.89
C GLY A 126 6.13 9.19 5.53
N MET A 1 20.60 60.05 28.43
CA MET A 1 20.60 58.59 28.48
C MET A 1 19.92 58.00 27.25
N LYS A 2 20.49 56.93 26.73
CA LYS A 2 19.93 56.26 25.55
C LYS A 2 20.34 54.79 25.51
N ASP A 3 19.35 53.91 25.66
CA ASP A 3 19.59 52.48 25.64
C ASP A 3 18.41 51.73 25.04
N HIS A 4 18.66 51.00 23.95
CA HIS A 4 17.61 50.25 23.28
C HIS A 4 18.13 48.89 22.81
N LEU A 5 17.38 47.83 23.11
CA LEU A 5 17.77 46.48 22.72
C LEU A 5 16.73 45.87 21.79
N ILE A 6 17.18 45.44 20.62
CA ILE A 6 16.29 44.82 19.64
C ILE A 6 16.99 43.68 18.91
N HIS A 7 16.35 42.51 18.92
CA HIS A 7 16.90 41.34 18.24
C HIS A 7 16.00 40.88 17.10
N ASN A 8 16.60 40.62 15.95
CA ASN A 8 15.85 40.19 14.77
C ASN A 8 15.65 38.68 14.79
N VAL A 9 15.37 38.14 15.97
CA VAL A 9 15.15 36.70 16.13
C VAL A 9 13.81 36.43 16.81
N HIS A 10 12.75 36.32 16.01
CA HIS A 10 11.42 36.05 16.53
C HIS A 10 10.45 35.71 15.39
N LYS A 11 9.67 34.65 15.59
CA LYS A 11 8.70 34.22 14.58
C LYS A 11 7.29 34.28 15.15
N GLU A 12 6.39 34.92 14.41
CA GLU A 12 5.00 35.04 14.82
C GLU A 12 4.08 35.21 13.62
N GLU A 13 2.77 35.14 13.86
CA GLU A 13 1.79 35.28 12.80
C GLU A 13 0.69 36.26 13.21
N HIS A 14 -0.16 36.62 12.25
CA HIS A 14 -1.25 37.55 12.50
C HIS A 14 -2.54 36.80 12.81
N ALA A 15 -3.01 36.01 11.85
CA ALA A 15 -4.23 35.23 12.03
C ALA A 15 -4.31 34.09 11.01
N HIS A 16 -4.83 32.95 11.45
CA HIS A 16 -4.97 31.80 10.58
C HIS A 16 -6.33 31.12 10.77
N ALA A 17 -6.81 30.46 9.72
CA ALA A 17 -8.09 29.77 9.78
C ALA A 17 -7.96 28.33 9.29
N HIS A 18 -8.35 27.39 10.15
CA HIS A 18 -8.27 25.97 9.81
C HIS A 18 -9.45 25.56 8.94
N ASN A 19 -9.18 25.39 7.64
CA ASN A 19 -10.23 24.99 6.69
C ASN A 19 -9.97 23.59 6.16
N LYS A 20 -11.02 22.96 5.64
CA LYS A 20 -10.91 21.61 5.10
C LYS A 20 -10.50 21.65 3.63
N ASP A 21 -9.26 22.07 3.38
CA ASP A 21 -8.74 22.16 2.02
C ASP A 21 -7.37 21.50 1.92
N TYR A 22 -7.25 20.29 2.48
CA TYR A 22 -6.00 19.55 2.46
C TYR A 22 -5.95 18.60 1.26
N ASP A 23 -4.89 17.82 1.19
CA ASP A 23 -4.71 16.87 0.10
C ASP A 23 -5.34 15.52 0.45
N ILE A 24 -6.53 15.56 1.03
CA ILE A 24 -7.23 14.34 1.42
C ILE A 24 -7.69 13.56 0.19
N PRO A 25 -7.52 12.23 0.23
CA PRO A 25 -7.91 11.35 -0.87
C PRO A 25 -9.42 11.24 -1.02
N THR A 26 -9.93 11.65 -2.18
CA THR A 26 -11.36 11.60 -2.45
C THR A 26 -11.72 10.38 -3.30
N THR A 27 -10.95 9.31 -3.15
CA THR A 27 -11.19 8.08 -3.91
C THR A 27 -11.07 6.86 -3.01
N GLU A 28 -11.77 5.79 -3.39
CA GLU A 28 -11.74 4.55 -2.62
C GLU A 28 -10.53 3.70 -3.01
N ASN A 29 -9.37 4.36 -3.13
CA ASN A 29 -8.14 3.66 -3.49
C ASN A 29 -6.92 4.39 -2.92
N LEU A 30 -5.81 3.66 -2.82
CA LEU A 30 -4.58 4.24 -2.29
C LEU A 30 -3.39 3.88 -3.17
N TYR A 31 -2.40 4.78 -3.22
CA TYR A 31 -1.21 4.54 -4.03
C TYR A 31 0.06 4.79 -3.21
N PHE A 32 1.05 3.93 -3.39
CA PHE A 32 2.31 4.05 -2.67
C PHE A 32 3.50 3.80 -3.60
N GLN A 33 4.69 4.14 -3.13
CA GLN A 33 5.90 3.96 -3.92
C GLN A 33 7.03 3.40 -3.06
N GLY A 34 7.48 2.19 -3.38
CA GLY A 34 8.55 1.57 -2.62
C GLY A 34 8.46 0.07 -2.60
N SER A 35 8.59 -0.55 -3.78
CA SER A 35 8.51 -2.00 -3.89
C SER A 35 9.85 -2.64 -3.56
N SER A 36 9.84 -3.96 -3.36
CA SER A 36 11.05 -4.70 -3.03
C SER A 36 11.90 -4.93 -4.27
N GLY A 37 12.09 -3.87 -5.06
CA GLY A 37 12.87 -3.99 -6.27
C GLY A 37 12.04 -4.40 -7.47
N SER A 38 11.71 -5.69 -7.55
CA SER A 38 10.92 -6.20 -8.66
C SER A 38 9.45 -6.28 -8.27
N SER A 39 8.61 -6.66 -9.23
CA SER A 39 7.18 -6.77 -9.01
C SER A 39 6.84 -8.10 -8.33
N GLY A 40 7.74 -9.07 -8.45
CA GLY A 40 7.51 -10.37 -7.84
C GLY A 40 7.70 -10.34 -6.34
N ASP A 41 8.85 -9.87 -5.89
CA ASP A 41 9.14 -9.79 -4.46
C ASP A 41 7.93 -9.31 -3.68
N MET A 42 7.25 -8.31 -4.23
CA MET A 42 6.07 -7.75 -3.58
C MET A 42 5.17 -8.86 -3.04
N MET A 43 4.62 -9.67 -3.95
CA MET A 43 3.75 -10.77 -3.56
C MET A 43 4.20 -11.38 -2.23
N ARG A 44 5.51 -11.40 -2.01
CA ARG A 44 6.06 -11.96 -0.79
C ARG A 44 6.15 -10.90 0.31
N GLU A 45 6.90 -9.85 0.05
CA GLU A 45 7.07 -8.76 1.01
C GLU A 45 5.74 -8.42 1.67
N ILE A 46 4.67 -8.47 0.88
CA ILE A 46 3.34 -8.15 1.38
C ILE A 46 2.90 -9.16 2.44
N ARG A 47 2.76 -10.42 2.04
CA ARG A 47 2.35 -11.48 2.95
C ARG A 47 3.04 -11.31 4.31
N LYS A 48 4.34 -11.03 4.27
CA LYS A 48 5.12 -10.85 5.50
C LYS A 48 4.42 -9.90 6.45
N VAL A 49 3.98 -8.76 5.92
CA VAL A 49 3.29 -7.75 6.72
C VAL A 49 1.88 -8.20 7.08
N LEU A 50 1.26 -8.95 6.17
CA LEU A 50 -0.10 -9.45 6.40
C LEU A 50 -0.15 -10.38 7.60
N GLY A 51 0.61 -11.47 7.53
CA GLY A 51 0.65 -12.42 8.62
C GLY A 51 1.08 -11.80 9.93
N ALA A 52 1.84 -10.72 9.84
CA ALA A 52 2.33 -10.01 11.02
C ALA A 52 1.18 -9.39 11.81
N ASN A 53 0.21 -8.83 11.08
CA ASN A 53 -0.93 -8.20 11.71
C ASN A 53 -2.14 -9.14 11.71
N ASN A 54 -1.87 -10.44 11.82
CA ASN A 54 -2.93 -11.43 11.84
C ASN A 54 -3.85 -11.27 10.63
N CYS A 55 -3.26 -10.99 9.47
CA CYS A 55 -4.03 -10.80 8.25
C CYS A 55 -3.81 -11.96 7.29
N ASP A 56 -4.91 -12.53 6.80
CA ASP A 56 -4.83 -13.65 5.86
C ASP A 56 -4.77 -13.15 4.42
N TYR A 57 -4.36 -14.04 3.52
CA TYR A 57 -4.24 -13.69 2.11
C TYR A 57 -4.63 -14.87 1.22
N GLU A 58 -5.44 -14.61 0.21
CA GLU A 58 -5.88 -15.66 -0.70
C GLU A 58 -5.52 -15.31 -2.15
N GLN A 59 -4.49 -15.96 -2.67
CA GLN A 59 -4.05 -15.71 -4.04
C GLN A 59 -5.15 -16.05 -5.04
N ARG A 60 -5.57 -15.04 -5.80
CA ARG A 60 -6.62 -15.23 -6.80
C ARG A 60 -6.02 -15.45 -8.19
N GLU A 61 -5.10 -14.57 -8.57
CA GLU A 61 -4.45 -14.67 -9.87
C GLU A 61 -2.94 -14.75 -9.73
N ARG A 62 -2.24 -14.81 -10.86
CA ARG A 62 -0.78 -14.90 -10.85
C ARG A 62 -0.18 -13.79 -9.99
N PHE A 63 -0.42 -12.55 -10.37
CA PHE A 63 0.09 -11.40 -9.65
C PHE A 63 -1.01 -10.70 -8.86
N LEU A 64 -1.75 -11.47 -8.08
CA LEU A 64 -2.86 -10.93 -7.28
C LEU A 64 -3.01 -11.70 -5.98
N LEU A 65 -3.38 -10.99 -4.92
CA LEU A 65 -3.56 -11.61 -3.61
C LEU A 65 -4.69 -10.91 -2.84
N PHE A 66 -5.65 -11.71 -2.36
CA PHE A 66 -6.77 -11.17 -1.62
C PHE A 66 -6.41 -10.99 -0.14
N CYS A 67 -6.03 -9.77 0.22
CA CYS A 67 -5.65 -9.46 1.60
C CYS A 67 -6.87 -9.08 2.42
N VAL A 68 -6.88 -9.50 3.68
CA VAL A 68 -7.99 -9.20 4.58
C VAL A 68 -7.52 -9.08 6.02
N HIS A 69 -8.01 -8.05 6.72
CA HIS A 69 -7.63 -7.81 8.10
C HIS A 69 -8.81 -8.07 9.03
N GLY A 70 -8.61 -8.98 9.98
CA GLY A 70 -9.66 -9.30 10.93
C GLY A 70 -9.29 -8.99 12.36
N ASP A 71 -9.92 -7.96 12.93
CA ASP A 71 -9.64 -7.55 14.30
C ASP A 71 -10.51 -8.32 15.29
N GLY A 72 -11.78 -8.53 14.90
CA GLY A 72 -12.69 -9.26 15.76
C GLY A 72 -13.93 -9.74 15.03
N HIS A 73 -14.58 -8.81 14.31
CA HIS A 73 -15.78 -9.16 13.56
C HIS A 73 -15.78 -8.46 12.21
N ALA A 74 -16.85 -8.64 11.44
CA ALA A 74 -16.98 -8.03 10.13
C ALA A 74 -16.86 -6.52 10.20
N GLU A 75 -17.53 -5.93 11.19
CA GLU A 75 -17.49 -4.49 11.38
C GLU A 75 -16.08 -3.95 11.26
N ASN A 76 -15.13 -4.62 11.93
CA ASN A 76 -13.73 -4.20 11.88
C ASN A 76 -13.00 -4.89 10.74
N LEU A 77 -13.58 -5.97 10.23
CA LEU A 77 -12.99 -6.72 9.13
C LEU A 77 -12.90 -5.86 7.87
N VAL A 78 -11.80 -5.99 7.14
CA VAL A 78 -11.59 -5.22 5.91
C VAL A 78 -10.97 -6.09 4.83
N GLN A 79 -11.71 -6.32 3.75
CA GLN A 79 -11.23 -7.14 2.65
C GLN A 79 -10.78 -6.26 1.48
N TRP A 80 -9.57 -6.50 1.00
CA TRP A 80 -9.01 -5.72 -0.11
C TRP A 80 -8.06 -6.58 -0.93
N GLU A 81 -8.05 -6.34 -2.24
CA GLU A 81 -7.18 -7.08 -3.15
C GLU A 81 -5.94 -6.27 -3.50
N MET A 82 -4.77 -6.83 -3.17
CA MET A 82 -3.51 -6.15 -3.45
C MET A 82 -2.92 -6.63 -4.78
N GLU A 83 -3.13 -5.84 -5.83
CA GLU A 83 -2.62 -6.18 -7.15
C GLU A 83 -1.36 -5.39 -7.46
N VAL A 84 -0.34 -6.09 -7.96
CA VAL A 84 0.94 -5.47 -8.30
C VAL A 84 0.96 -5.05 -9.77
N CYS A 85 0.99 -3.74 -10.00
CA CYS A 85 1.03 -3.20 -11.37
C CYS A 85 2.31 -2.41 -11.61
N LYS A 86 2.83 -2.52 -12.83
CA LYS A 86 4.05 -1.82 -13.19
C LYS A 86 3.79 -0.81 -14.31
N LEU A 87 4.39 0.37 -14.19
CA LEU A 87 4.22 1.41 -15.19
C LEU A 87 5.50 2.24 -15.34
N PRO A 88 5.73 2.76 -16.56
CA PRO A 88 6.91 3.58 -16.85
C PRO A 88 6.86 4.94 -16.17
N ARG A 89 5.65 5.34 -15.76
CA ARG A 89 5.47 6.63 -15.11
C ARG A 89 6.48 6.81 -13.98
N LEU A 90 6.76 5.73 -13.25
CA LEU A 90 7.70 5.78 -12.14
C LEU A 90 8.70 4.64 -12.24
N SER A 91 8.80 4.04 -13.42
CA SER A 91 9.73 2.92 -13.64
C SER A 91 9.70 1.95 -12.47
N LEU A 92 8.54 1.83 -11.83
CA LEU A 92 8.38 0.93 -10.69
C LEU A 92 6.98 0.33 -10.66
N ASN A 93 6.71 -0.46 -9.62
CA ASN A 93 5.41 -1.10 -9.47
C ASN A 93 4.76 -0.70 -8.14
N GLY A 94 3.93 0.34 -8.19
CA GLY A 94 3.26 0.80 -6.99
C GLY A 94 2.22 -0.18 -6.49
N VAL A 95 1.75 0.03 -5.27
CA VAL A 95 0.74 -0.85 -4.68
C VAL A 95 -0.61 -0.14 -4.55
N ARG A 96 -1.57 -0.59 -5.34
CA ARG A 96 -2.91 0.00 -5.32
C ARG A 96 -3.85 -0.82 -4.44
N PHE A 97 -4.51 -0.14 -3.50
CA PHE A 97 -5.44 -0.80 -2.60
C PHE A 97 -6.88 -0.66 -3.09
N LYS A 98 -7.68 -1.70 -2.90
CA LYS A 98 -9.07 -1.69 -3.32
C LYS A 98 -9.98 -2.26 -2.23
N ARG A 99 -10.85 -1.41 -1.69
CA ARG A 99 -11.76 -1.83 -0.64
C ARG A 99 -12.89 -2.68 -1.21
N ILE A 100 -12.97 -3.92 -0.76
CA ILE A 100 -14.01 -4.85 -1.23
C ILE A 100 -15.19 -4.87 -0.27
N SER A 101 -14.91 -5.15 1.00
CA SER A 101 -15.96 -5.20 2.02
C SER A 101 -15.62 -4.30 3.19
N GLY A 102 -14.34 -4.00 3.35
CA GLY A 102 -13.90 -3.15 4.45
C GLY A 102 -14.55 -1.78 4.40
N THR A 103 -13.99 -0.84 5.17
CA THR A 103 -14.52 0.52 5.21
C THR A 103 -13.41 1.54 5.05
N SER A 104 -13.69 2.62 4.32
CA SER A 104 -12.72 3.67 4.08
C SER A 104 -11.83 3.88 5.31
N ILE A 105 -12.47 4.20 6.45
CA ILE A 105 -11.74 4.42 7.69
C ILE A 105 -10.74 3.29 7.96
N ALA A 106 -11.26 2.11 8.27
CA ALA A 106 -10.42 0.96 8.55
C ALA A 106 -9.62 0.56 7.32
N PHE A 107 -9.94 1.17 6.18
CA PHE A 107 -9.25 0.88 4.93
C PHE A 107 -7.97 1.71 4.80
N LYS A 108 -8.04 2.96 5.26
CA LYS A 108 -6.90 3.85 5.19
C LYS A 108 -6.05 3.74 6.45
N ASN A 109 -6.70 3.65 7.60
CA ASN A 109 -6.01 3.55 8.88
C ASN A 109 -5.08 2.33 8.88
N ILE A 110 -5.45 1.31 8.13
CA ILE A 110 -4.64 0.09 8.05
C ILE A 110 -3.66 0.16 6.88
N ALA A 111 -4.13 0.70 5.76
CA ALA A 111 -3.29 0.82 4.58
C ALA A 111 -2.03 1.63 4.88
N SER A 112 -2.14 2.54 5.84
CA SER A 112 -1.00 3.38 6.21
C SER A 112 0.11 2.54 6.84
N LYS A 113 -0.28 1.54 7.63
CA LYS A 113 0.68 0.67 8.30
C LYS A 113 1.40 -0.21 7.28
N ILE A 114 0.64 -1.06 6.60
CA ILE A 114 1.22 -1.95 5.59
C ILE A 114 2.28 -1.24 4.76
N ALA A 115 2.15 0.08 4.65
CA ALA A 115 3.10 0.88 3.89
C ALA A 115 4.38 1.10 4.68
N ASN A 116 4.24 1.33 5.98
CA ASN A 116 5.38 1.57 6.85
C ASN A 116 6.26 0.33 6.94
N GLU A 117 5.62 -0.84 6.95
CA GLU A 117 6.36 -2.10 7.03
C GLU A 117 7.06 -2.41 5.71
N LEU A 118 6.41 -2.09 4.61
CA LEU A 118 6.97 -2.33 3.28
C LEU A 118 7.88 -1.19 2.87
N LYS A 119 8.32 -0.40 3.85
CA LYS A 119 9.21 0.73 3.58
C LYS A 119 8.71 1.54 2.39
N LEU A 120 7.40 1.65 2.25
CA LEU A 120 6.80 2.41 1.16
C LEU A 120 6.91 3.91 1.41
N SER A 121 6.68 4.69 0.36
CA SER A 121 6.75 6.15 0.47
C SER A 121 6.00 6.64 1.70
N GLY A 122 4.69 6.41 1.72
CA GLY A 122 3.87 6.83 2.84
C GLY A 122 3.25 8.20 2.61
N PRO A 123 2.27 8.26 1.71
CA PRO A 123 1.57 9.50 1.38
C PRO A 123 0.67 9.98 2.52
N SER A 124 0.55 9.16 3.56
CA SER A 124 -0.28 9.49 4.71
C SER A 124 0.12 10.84 5.29
N SER A 125 -0.82 11.50 5.96
CA SER A 125 -0.56 12.80 6.56
C SER A 125 0.61 12.73 7.54
N GLY A 126 1.76 13.21 7.11
CA GLY A 126 2.94 13.20 7.95
C GLY A 126 3.70 11.89 7.87
N MET A 1 31.30 -2.46 26.65
CA MET A 1 32.47 -2.36 27.52
C MET A 1 33.01 -0.93 27.55
N LYS A 2 33.27 -0.38 26.36
CA LYS A 2 33.79 0.96 26.24
C LYS A 2 33.74 1.45 24.79
N ASP A 3 33.42 2.72 24.60
CA ASP A 3 33.33 3.30 23.27
C ASP A 3 32.30 2.56 22.42
N HIS A 4 31.16 2.24 23.03
CA HIS A 4 30.10 1.54 22.33
C HIS A 4 28.85 2.41 22.21
N LEU A 5 28.28 2.46 21.01
CA LEU A 5 27.09 3.26 20.76
C LEU A 5 26.04 2.45 20.00
N ILE A 6 24.91 3.09 19.70
CA ILE A 6 23.84 2.43 18.98
C ILE A 6 23.09 3.41 18.08
N HIS A 7 22.94 3.05 16.81
CA HIS A 7 22.25 3.90 15.84
C HIS A 7 20.93 3.26 15.42
N ASN A 8 20.05 3.02 16.39
CA ASN A 8 18.75 2.41 16.11
C ASN A 8 17.62 3.42 16.37
N VAL A 9 17.14 4.04 15.29
CA VAL A 9 16.07 5.02 15.40
C VAL A 9 15.19 5.01 14.15
N HIS A 10 13.92 4.66 14.32
CA HIS A 10 12.98 4.61 13.21
C HIS A 10 12.29 5.96 13.02
N LYS A 11 12.92 6.84 12.26
CA LYS A 11 12.36 8.17 12.00
C LYS A 11 12.23 8.42 10.51
N GLU A 12 11.11 9.01 10.11
CA GLU A 12 10.87 9.30 8.70
C GLU A 12 11.84 10.37 8.19
N GLU A 13 12.30 10.19 6.96
CA GLU A 13 13.25 11.12 6.36
C GLU A 13 13.20 11.04 4.84
N HIS A 14 14.03 11.85 4.17
CA HIS A 14 14.08 11.86 2.71
C HIS A 14 12.70 12.17 2.12
N ALA A 15 11.98 13.08 2.76
CA ALA A 15 10.66 13.47 2.30
C ALA A 15 10.34 14.91 2.69
N HIS A 16 10.27 15.79 1.70
CA HIS A 16 9.97 17.19 1.94
C HIS A 16 9.58 17.91 0.65
N ALA A 17 9.15 19.16 0.77
CA ALA A 17 8.75 19.94 -0.39
C ALA A 17 7.90 19.12 -1.34
N HIS A 18 6.82 18.55 -0.81
CA HIS A 18 5.91 17.73 -1.62
C HIS A 18 5.22 18.58 -2.69
N ASN A 19 5.48 19.88 -2.66
CA ASN A 19 4.88 20.80 -3.62
C ASN A 19 3.42 20.45 -3.87
N LYS A 20 2.68 20.22 -2.78
CA LYS A 20 1.26 19.87 -2.88
C LYS A 20 0.45 21.06 -3.40
N ASP A 21 0.37 21.18 -4.72
CA ASP A 21 -0.39 22.26 -5.34
C ASP A 21 -1.26 21.74 -6.48
N TYR A 22 -1.89 20.60 -6.25
CA TYR A 22 -2.75 19.99 -7.26
C TYR A 22 -4.02 19.43 -6.63
N ASP A 23 -5.04 19.21 -7.46
CA ASP A 23 -6.31 18.68 -6.98
C ASP A 23 -6.37 17.16 -7.20
N ILE A 24 -5.68 16.42 -6.34
CA ILE A 24 -5.66 14.97 -6.43
C ILE A 24 -7.02 14.38 -6.03
N PRO A 25 -7.48 13.38 -6.81
CA PRO A 25 -8.75 12.71 -6.56
C PRO A 25 -8.71 11.84 -5.30
N THR A 26 -9.65 12.09 -4.39
CA THR A 26 -9.72 11.33 -3.14
C THR A 26 -10.49 10.03 -3.34
N THR A 27 -10.25 9.37 -4.47
CA THR A 27 -10.93 8.11 -4.77
C THR A 27 -10.81 7.13 -3.61
N GLU A 28 -11.68 6.12 -3.60
CA GLU A 28 -11.68 5.12 -2.55
C GLU A 28 -10.58 4.08 -2.79
N ASN A 29 -9.39 4.56 -3.10
CA ASN A 29 -8.25 3.68 -3.36
C ASN A 29 -6.95 4.32 -2.89
N LEU A 30 -6.15 3.54 -2.17
CA LEU A 30 -4.87 4.03 -1.67
C LEU A 30 -3.72 3.55 -2.54
N TYR A 31 -2.86 4.48 -2.94
CA TYR A 31 -1.71 4.15 -3.79
C TYR A 31 -0.41 4.29 -3.01
N PHE A 32 0.48 3.32 -3.18
CA PHE A 32 1.77 3.33 -2.50
C PHE A 32 2.90 3.02 -3.47
N GLN A 33 4.12 3.38 -3.08
CA GLN A 33 5.29 3.15 -3.92
C GLN A 33 6.49 2.75 -3.07
N GLY A 34 7.35 1.89 -3.63
CA GLY A 34 8.53 1.45 -2.91
C GLY A 34 8.87 0.00 -3.19
N SER A 35 9.35 -0.27 -4.41
CA SER A 35 9.71 -1.62 -4.81
C SER A 35 10.95 -2.10 -4.06
N SER A 36 10.82 -3.23 -3.37
CA SER A 36 11.94 -3.78 -2.62
C SER A 36 12.78 -4.71 -3.48
N GLY A 37 12.82 -4.41 -4.78
CA GLY A 37 13.60 -5.23 -5.71
C GLY A 37 12.86 -5.49 -7.00
N SER A 38 12.17 -6.62 -7.08
CA SER A 38 11.42 -6.99 -8.27
C SER A 38 9.92 -7.00 -7.99
N SER A 39 9.13 -6.98 -9.06
CA SER A 39 7.67 -6.98 -8.93
C SER A 39 7.20 -8.24 -8.22
N GLY A 40 7.77 -9.38 -8.59
CA GLY A 40 7.39 -10.64 -7.98
C GLY A 40 7.73 -10.69 -6.50
N ASP A 41 9.01 -10.53 -6.19
CA ASP A 41 9.48 -10.57 -4.80
C ASP A 41 8.46 -9.90 -3.88
N MET A 42 7.92 -8.76 -4.33
CA MET A 42 6.93 -8.03 -3.53
C MET A 42 5.88 -8.97 -2.97
N MET A 43 5.16 -9.67 -3.86
CA MET A 43 4.12 -10.60 -3.45
C MET A 43 4.52 -11.32 -2.16
N ARG A 44 5.77 -11.76 -2.10
CA ARG A 44 6.27 -12.46 -0.92
C ARG A 44 6.40 -11.52 0.27
N GLU A 45 6.92 -10.33 0.01
CA GLU A 45 7.09 -9.33 1.07
C GLU A 45 5.75 -8.90 1.64
N ILE A 46 4.85 -8.44 0.78
CA ILE A 46 3.53 -8.00 1.20
C ILE A 46 2.93 -8.97 2.23
N ARG A 47 2.97 -10.25 1.90
CA ARG A 47 2.43 -11.29 2.79
C ARG A 47 2.98 -11.12 4.20
N LYS A 48 4.28 -10.86 4.30
CA LYS A 48 4.93 -10.68 5.60
C LYS A 48 4.22 -9.61 6.42
N VAL A 49 3.87 -8.51 5.76
CA VAL A 49 3.18 -7.41 6.42
C VAL A 49 1.81 -7.85 6.95
N LEU A 50 1.10 -8.62 6.14
CA LEU A 50 -0.22 -9.10 6.52
C LEU A 50 -0.14 -9.99 7.77
N GLY A 51 0.64 -11.06 7.67
CA GLY A 51 0.80 -11.96 8.79
C GLY A 51 1.21 -11.25 10.07
N ALA A 52 2.03 -10.21 9.93
CA ALA A 52 2.49 -9.44 11.07
C ALA A 52 1.32 -8.75 11.77
N ASN A 53 0.42 -8.17 10.99
CA ASN A 53 -0.74 -7.49 11.53
C ASN A 53 -1.94 -8.42 11.63
N ASN A 54 -1.68 -9.67 11.98
CA ASN A 54 -2.75 -10.66 12.10
C ASN A 54 -3.71 -10.57 10.92
N CYS A 55 -3.15 -10.45 9.71
CA CYS A 55 -3.96 -10.36 8.51
C CYS A 55 -3.81 -11.61 7.66
N ASP A 56 -4.79 -11.86 6.79
CA ASP A 56 -4.77 -13.03 5.92
C ASP A 56 -4.66 -12.62 4.46
N TYR A 57 -4.41 -13.59 3.59
CA TYR A 57 -4.28 -13.32 2.17
C TYR A 57 -4.60 -14.57 1.35
N GLU A 58 -5.18 -14.36 0.17
CA GLU A 58 -5.54 -15.48 -0.70
C GLU A 58 -5.21 -15.14 -2.16
N GLN A 59 -4.13 -15.75 -2.67
CA GLN A 59 -3.72 -15.52 -4.04
C GLN A 59 -4.79 -15.96 -5.02
N ARG A 60 -5.36 -15.02 -5.76
CA ARG A 60 -6.39 -15.31 -6.73
C ARG A 60 -5.80 -15.51 -8.12
N GLU A 61 -4.89 -14.61 -8.49
CA GLU A 61 -4.24 -14.69 -9.80
C GLU A 61 -2.72 -14.73 -9.65
N ARG A 62 -2.03 -14.69 -10.78
CA ARG A 62 -0.57 -14.72 -10.79
C ARG A 62 0.00 -13.57 -9.96
N PHE A 63 -0.53 -12.38 -10.18
CA PHE A 63 -0.08 -11.19 -9.45
C PHE A 63 -1.23 -10.53 -8.71
N LEU A 64 -1.97 -11.33 -7.94
CA LEU A 64 -3.10 -10.82 -7.18
C LEU A 64 -3.24 -11.56 -5.85
N LEU A 65 -3.57 -10.82 -4.80
CA LEU A 65 -3.73 -11.40 -3.46
C LEU A 65 -4.88 -10.73 -2.71
N PHE A 66 -5.82 -11.53 -2.23
CA PHE A 66 -6.96 -11.01 -1.50
C PHE A 66 -6.61 -10.80 -0.02
N CYS A 67 -6.21 -9.57 0.32
CA CYS A 67 -5.85 -9.23 1.68
C CYS A 67 -7.08 -8.93 2.52
N VAL A 68 -7.15 -9.52 3.71
CA VAL A 68 -8.28 -9.31 4.60
C VAL A 68 -7.83 -9.20 6.06
N HIS A 69 -8.33 -8.18 6.74
CA HIS A 69 -7.97 -7.95 8.14
C HIS A 69 -9.07 -8.45 9.07
N GLY A 70 -8.75 -9.48 9.85
CA GLY A 70 -9.72 -10.04 10.78
C GLY A 70 -9.30 -9.87 12.22
N ASP A 71 -10.26 -9.50 13.08
CA ASP A 71 -9.98 -9.30 14.49
C ASP A 71 -11.02 -10.02 15.35
N GLY A 72 -12.25 -10.09 14.85
CA GLY A 72 -13.31 -10.74 15.58
C GLY A 72 -14.67 -10.57 14.93
N HIS A 73 -14.96 -9.33 14.51
CA HIS A 73 -16.24 -9.03 13.87
C HIS A 73 -16.02 -8.39 12.50
N ALA A 74 -17.11 -8.14 11.78
CA ALA A 74 -17.03 -7.53 10.46
C ALA A 74 -16.81 -6.02 10.56
N GLU A 75 -17.28 -5.44 11.67
CA GLU A 75 -17.14 -4.00 11.88
C GLU A 75 -15.72 -3.54 11.56
N ASN A 76 -14.74 -4.17 12.20
CA ASN A 76 -13.34 -3.82 11.97
C ASN A 76 -12.77 -4.58 10.77
N LEU A 77 -13.47 -5.63 10.37
CA LEU A 77 -13.04 -6.44 9.23
C LEU A 77 -13.01 -5.61 7.95
N VAL A 78 -11.99 -5.82 7.13
CA VAL A 78 -11.84 -5.09 5.87
C VAL A 78 -11.20 -5.96 4.80
N GLN A 79 -11.83 -6.01 3.63
CA GLN A 79 -11.31 -6.81 2.53
C GLN A 79 -10.80 -5.91 1.41
N TRP A 80 -9.53 -6.07 1.05
CA TRP A 80 -8.92 -5.28 -0.01
C TRP A 80 -7.98 -6.13 -0.85
N GLU A 81 -7.87 -5.80 -2.14
CA GLU A 81 -7.01 -6.54 -3.04
C GLU A 81 -5.77 -5.72 -3.40
N MET A 82 -4.61 -6.35 -3.38
CA MET A 82 -3.36 -5.68 -3.69
C MET A 82 -2.68 -6.34 -4.90
N GLU A 83 -2.77 -5.68 -6.05
CA GLU A 83 -2.16 -6.20 -7.27
C GLU A 83 -0.82 -5.52 -7.55
N VAL A 84 0.17 -6.31 -7.95
CA VAL A 84 1.49 -5.79 -8.25
C VAL A 84 1.64 -5.49 -9.73
N CYS A 85 1.40 -4.22 -10.10
CA CYS A 85 1.51 -3.81 -11.49
C CYS A 85 2.90 -4.12 -12.05
N LYS A 86 3.05 -3.96 -13.36
CA LYS A 86 4.33 -4.21 -14.02
C LYS A 86 4.72 -3.05 -14.93
N LEU A 87 5.81 -2.38 -14.58
CA LEU A 87 6.28 -1.25 -15.37
C LEU A 87 7.26 -1.71 -16.45
N PRO A 88 7.45 -0.86 -17.48
CA PRO A 88 8.36 -1.16 -18.59
C PRO A 88 9.83 -1.14 -18.17
N ARG A 89 10.21 -0.09 -17.44
CA ARG A 89 11.58 0.05 -16.97
C ARG A 89 11.73 -0.47 -15.55
N LEU A 90 10.87 -1.43 -15.19
CA LEU A 90 10.91 -2.01 -13.86
C LEU A 90 11.35 -0.98 -12.81
N SER A 91 10.93 0.26 -13.01
CA SER A 91 11.28 1.34 -12.10
C SER A 91 10.69 1.09 -10.72
N LEU A 92 9.54 0.41 -10.68
CA LEU A 92 8.87 0.12 -9.42
C LEU A 92 7.65 -0.77 -9.66
N ASN A 93 7.08 -1.28 -8.58
CA ASN A 93 5.91 -2.14 -8.66
C ASN A 93 4.65 -1.39 -8.22
N GLY A 94 3.76 -1.15 -9.17
CA GLY A 94 2.52 -0.44 -8.86
C GLY A 94 1.68 -1.17 -7.83
N VAL A 95 1.52 -0.57 -6.65
CA VAL A 95 0.73 -1.18 -5.59
C VAL A 95 -0.47 -0.31 -5.25
N ARG A 96 -1.66 -0.81 -5.60
CA ARG A 96 -2.90 -0.08 -5.32
C ARG A 96 -3.70 -0.76 -4.22
N PHE A 97 -4.63 -0.02 -3.63
CA PHE A 97 -5.46 -0.55 -2.55
C PHE A 97 -6.95 -0.33 -2.86
N LYS A 98 -7.66 -1.42 -3.08
CA LYS A 98 -9.09 -1.36 -3.38
C LYS A 98 -9.92 -1.89 -2.22
N ARG A 99 -10.98 -1.18 -1.88
CA ARG A 99 -11.86 -1.57 -0.78
C ARG A 99 -12.97 -2.49 -1.28
N ILE A 100 -12.72 -3.80 -1.23
CA ILE A 100 -13.70 -4.78 -1.68
C ILE A 100 -14.86 -4.88 -0.69
N SER A 101 -14.55 -4.77 0.59
CA SER A 101 -15.58 -4.84 1.63
C SER A 101 -15.05 -4.29 2.95
N GLY A 102 -15.97 -3.97 3.86
CA GLY A 102 -15.57 -3.43 5.15
C GLY A 102 -15.88 -1.95 5.28
N THR A 103 -15.05 -1.24 6.03
CA THR A 103 -15.24 0.19 6.23
C THR A 103 -14.08 1.00 5.67
N SER A 104 -14.33 2.25 5.33
CA SER A 104 -13.31 3.11 4.77
C SER A 104 -12.26 3.46 5.82
N ILE A 105 -12.69 4.02 6.93
CA ILE A 105 -11.79 4.38 8.01
C ILE A 105 -10.70 3.34 8.19
N ALA A 106 -11.09 2.13 8.57
CA ALA A 106 -10.14 1.04 8.78
C ALA A 106 -9.37 0.74 7.50
N PHE A 107 -10.08 0.68 6.38
CA PHE A 107 -9.46 0.40 5.09
C PHE A 107 -8.18 1.22 4.91
N LYS A 108 -8.22 2.47 5.36
CA LYS A 108 -7.07 3.37 5.25
C LYS A 108 -6.18 3.23 6.48
N ASN A 109 -6.76 3.35 7.65
CA ASN A 109 -6.02 3.24 8.91
C ASN A 109 -5.07 2.05 8.87
N ILE A 110 -5.49 0.99 8.19
CA ILE A 110 -4.68 -0.21 8.08
C ILE A 110 -3.75 -0.14 6.87
N ALA A 111 -4.18 0.59 5.85
CA ALA A 111 -3.38 0.74 4.64
C ALA A 111 -2.10 1.50 4.92
N SER A 112 -2.19 2.55 5.72
CA SER A 112 -1.03 3.37 6.07
C SER A 112 0.03 2.53 6.75
N LYS A 113 -0.40 1.55 7.55
CA LYS A 113 0.51 0.67 8.27
C LYS A 113 1.24 -0.25 7.30
N ILE A 114 0.49 -1.11 6.62
CA ILE A 114 1.06 -2.05 5.67
C ILE A 114 2.20 -1.41 4.89
N ALA A 115 2.01 -0.16 4.48
CA ALA A 115 3.02 0.56 3.73
C ALA A 115 4.30 0.72 4.54
N ASN A 116 4.16 1.22 5.77
CA ASN A 116 5.30 1.41 6.64
C ASN A 116 6.22 0.19 6.63
N GLU A 117 5.62 -0.98 6.79
CA GLU A 117 6.38 -2.23 6.80
C GLU A 117 7.03 -2.49 5.45
N LEU A 118 6.29 -2.19 4.38
CA LEU A 118 6.79 -2.39 3.03
C LEU A 118 7.68 -1.22 2.60
N LYS A 119 8.11 -0.43 3.57
CA LYS A 119 8.97 0.72 3.30
C LYS A 119 8.50 1.48 2.06
N LEU A 120 7.19 1.65 1.95
CA LEU A 120 6.61 2.35 0.81
C LEU A 120 6.54 3.86 1.07
N SER A 121 6.03 4.60 0.10
CA SER A 121 5.92 6.05 0.23
C SER A 121 5.30 6.43 1.58
N GLY A 122 4.15 5.85 1.88
CA GLY A 122 3.47 6.14 3.13
C GLY A 122 2.97 7.57 3.20
N PRO A 123 1.85 7.83 2.50
CA PRO A 123 1.24 9.17 2.47
C PRO A 123 0.61 9.55 3.81
N SER A 124 0.35 10.84 3.99
CA SER A 124 -0.25 11.33 5.23
C SER A 124 -1.19 12.50 4.94
N SER A 125 -2.09 12.77 5.89
CA SER A 125 -3.05 13.86 5.74
C SER A 125 -2.79 14.95 6.79
N GLY A 126 -2.29 16.09 6.34
CA GLY A 126 -2.02 17.19 7.24
C GLY A 126 -0.66 17.81 7.02
N MET A 1 40.78 33.08 37.34
CA MET A 1 39.64 32.23 37.02
C MET A 1 39.57 31.94 35.53
N LYS A 2 39.40 30.66 35.18
CA LYS A 2 39.33 30.26 33.78
C LYS A 2 37.88 30.04 33.36
N ASP A 3 37.60 30.24 32.08
CA ASP A 3 36.25 30.06 31.56
C ASP A 3 36.29 29.58 30.11
N HIS A 4 35.12 29.25 29.56
CA HIS A 4 35.03 28.78 28.19
C HIS A 4 33.99 29.59 27.40
N LEU A 5 32.94 30.02 28.09
CA LEU A 5 31.89 30.80 27.46
C LEU A 5 31.67 30.36 26.01
N ILE A 6 31.66 29.05 25.80
CA ILE A 6 31.45 28.49 24.46
C ILE A 6 30.30 29.18 23.75
N HIS A 7 30.46 29.41 22.45
CA HIS A 7 29.43 30.06 21.65
C HIS A 7 28.27 29.11 21.38
N ASN A 8 27.08 29.47 21.86
CA ASN A 8 25.89 28.64 21.66
C ASN A 8 25.45 28.65 20.21
N VAL A 9 24.55 27.75 19.86
CA VAL A 9 24.04 27.64 18.49
C VAL A 9 22.54 27.37 18.48
N HIS A 10 21.77 28.36 18.04
CA HIS A 10 20.32 28.22 17.99
C HIS A 10 19.87 27.85 16.58
N LYS A 11 18.82 27.03 16.49
CA LYS A 11 18.30 26.60 15.20
C LYS A 11 16.94 27.23 14.93
N GLU A 12 16.78 27.81 13.74
CA GLU A 12 15.51 28.45 13.37
C GLU A 12 14.44 27.39 13.07
N GLU A 13 13.37 27.42 13.85
CA GLU A 13 12.27 26.48 13.68
C GLU A 13 11.82 26.42 12.23
N HIS A 14 11.39 25.25 11.78
CA HIS A 14 10.93 25.07 10.41
C HIS A 14 9.64 24.27 10.37
N ALA A 15 8.52 24.98 10.50
CA ALA A 15 7.21 24.34 10.48
C ALA A 15 6.09 25.37 10.33
N HIS A 16 5.08 25.03 9.54
CA HIS A 16 3.96 25.94 9.33
C HIS A 16 2.63 25.19 9.45
N ALA A 17 1.63 25.85 10.04
CA ALA A 17 0.32 25.25 10.23
C ALA A 17 -0.06 24.39 9.02
N HIS A 18 -0.02 23.07 9.21
CA HIS A 18 -0.36 22.13 8.15
C HIS A 18 -1.88 21.94 8.06
N ASN A 19 -2.48 22.51 7.02
CA ASN A 19 -3.92 22.40 6.82
C ASN A 19 -4.22 21.78 5.46
N LYS A 20 -5.44 21.28 5.31
CA LYS A 20 -5.87 20.65 4.05
C LYS A 20 -6.81 21.58 3.29
N ASP A 21 -6.25 22.35 2.37
CA ASP A 21 -7.03 23.28 1.56
C ASP A 21 -6.73 23.08 0.07
N TYR A 22 -6.25 21.90 -0.29
CA TYR A 22 -5.92 21.60 -1.67
C TYR A 22 -6.96 20.65 -2.28
N ASP A 23 -6.94 20.53 -3.60
CA ASP A 23 -7.88 19.66 -4.31
C ASP A 23 -7.38 18.23 -4.32
N ILE A 24 -8.04 17.37 -3.54
CA ILE A 24 -7.67 15.97 -3.46
C ILE A 24 -8.75 15.07 -4.07
N PRO A 25 -8.31 14.07 -4.85
CA PRO A 25 -9.22 13.12 -5.50
C PRO A 25 -9.90 12.19 -4.50
N THR A 26 -11.23 12.21 -4.48
CA THR A 26 -11.99 11.36 -3.57
C THR A 26 -12.24 9.99 -4.18
N THR A 27 -11.21 9.43 -4.80
CA THR A 27 -11.32 8.12 -5.43
C THR A 27 -11.27 7.01 -4.39
N GLU A 28 -11.71 5.81 -4.77
CA GLU A 28 -11.71 4.67 -3.87
C GLU A 28 -10.50 3.78 -4.11
N ASN A 29 -9.36 4.40 -4.37
CA ASN A 29 -8.12 3.66 -4.62
C ASN A 29 -6.91 4.43 -4.11
N LEU A 30 -6.09 3.78 -3.30
CA LEU A 30 -4.90 4.40 -2.75
C LEU A 30 -3.65 3.99 -3.53
N TYR A 31 -2.57 4.74 -3.35
CA TYR A 31 -1.32 4.44 -4.04
C TYR A 31 -0.17 4.31 -3.05
N PHE A 32 0.84 3.52 -3.41
CA PHE A 32 1.99 3.31 -2.56
C PHE A 32 3.19 2.86 -3.38
N GLN A 33 4.28 3.64 -3.31
CA GLN A 33 5.49 3.31 -4.05
C GLN A 33 6.65 3.04 -3.10
N GLY A 34 7.44 2.02 -3.42
CA GLY A 34 8.57 1.67 -2.58
C GLY A 34 8.86 0.18 -2.60
N SER A 35 8.93 -0.39 -3.79
CA SER A 35 9.19 -1.82 -3.94
C SER A 35 10.58 -2.18 -3.42
N SER A 36 10.82 -3.46 -3.21
CA SER A 36 12.11 -3.93 -2.71
C SER A 36 12.86 -4.72 -3.79
N GLY A 37 12.68 -4.31 -5.04
CA GLY A 37 13.35 -4.98 -6.14
C GLY A 37 12.46 -5.10 -7.36
N SER A 38 11.92 -6.31 -7.58
CA SER A 38 11.05 -6.55 -8.72
C SER A 38 9.61 -6.78 -8.28
N SER A 39 8.73 -7.00 -9.24
CA SER A 39 7.31 -7.22 -8.95
C SER A 39 7.13 -8.48 -8.11
N GLY A 40 8.09 -9.39 -8.21
CA GLY A 40 8.02 -10.63 -7.46
C GLY A 40 8.15 -10.41 -5.96
N ASP A 41 9.30 -9.90 -5.54
CA ASP A 41 9.54 -9.64 -4.12
C ASP A 41 8.29 -9.08 -3.45
N MET A 42 7.63 -8.14 -4.12
CA MET A 42 6.43 -7.52 -3.59
C MET A 42 5.53 -8.57 -2.94
N MET A 43 4.96 -9.46 -3.75
CA MET A 43 4.09 -10.50 -3.26
C MET A 43 4.68 -11.17 -2.01
N ARG A 44 5.96 -11.49 -2.08
CA ARG A 44 6.65 -12.13 -0.96
C ARG A 44 6.58 -11.25 0.29
N GLU A 45 7.20 -10.08 0.22
CA GLU A 45 7.21 -9.15 1.35
C GLU A 45 5.79 -8.93 1.88
N ILE A 46 4.90 -8.48 1.01
CA ILE A 46 3.52 -8.24 1.39
C ILE A 46 3.00 -9.33 2.31
N ARG A 47 2.98 -10.56 1.81
CA ARG A 47 2.51 -11.70 2.60
C ARG A 47 2.98 -11.59 4.04
N LYS A 48 4.27 -11.37 4.22
CA LYS A 48 4.86 -11.26 5.55
C LYS A 48 4.16 -10.16 6.35
N VAL A 49 3.97 -8.99 5.72
CA VAL A 49 3.32 -7.87 6.37
C VAL A 49 1.94 -8.26 6.90
N LEU A 50 1.08 -8.75 6.01
CA LEU A 50 -0.25 -9.16 6.39
C LEU A 50 -0.22 -10.08 7.62
N GLY A 51 0.56 -11.14 7.52
CA GLY A 51 0.67 -12.08 8.62
C GLY A 51 1.09 -11.42 9.92
N ALA A 52 1.95 -10.40 9.80
CA ALA A 52 2.43 -9.68 10.97
C ALA A 52 1.28 -9.00 11.71
N ASN A 53 0.35 -8.42 10.95
CA ASN A 53 -0.79 -7.73 11.54
C ASN A 53 -1.97 -8.68 11.67
N ASN A 54 -1.68 -9.94 11.96
CA ASN A 54 -2.73 -10.95 12.12
C ASN A 54 -3.75 -10.86 10.99
N CYS A 55 -3.27 -10.71 9.77
CA CYS A 55 -4.14 -10.60 8.59
C CYS A 55 -4.03 -11.85 7.72
N ASP A 56 -5.06 -12.10 6.93
CA ASP A 56 -5.08 -13.26 6.04
C ASP A 56 -4.99 -12.82 4.58
N TYR A 57 -4.51 -13.72 3.74
CA TYR A 57 -4.37 -13.43 2.30
C TYR A 57 -4.71 -14.66 1.46
N GLU A 58 -5.38 -14.42 0.34
CA GLU A 58 -5.77 -15.51 -0.55
C GLU A 58 -5.33 -15.21 -1.99
N GLN A 59 -4.27 -15.89 -2.42
CA GLN A 59 -3.74 -15.71 -3.76
C GLN A 59 -4.74 -16.19 -4.81
N ARG A 60 -5.24 -15.26 -5.62
CA ARG A 60 -6.21 -15.60 -6.65
C ARG A 60 -5.50 -15.87 -7.99
N GLU A 61 -4.58 -14.97 -8.35
CA GLU A 61 -3.85 -15.11 -9.60
C GLU A 61 -2.35 -15.10 -9.35
N ARG A 62 -1.56 -15.11 -10.42
CA ARG A 62 -0.11 -15.12 -10.31
C ARG A 62 0.38 -13.87 -9.56
N PHE A 63 0.01 -12.70 -10.08
CA PHE A 63 0.41 -11.45 -9.46
C PHE A 63 -0.76 -10.78 -8.77
N LEU A 64 -1.50 -11.55 -7.98
CA LEU A 64 -2.66 -11.04 -7.25
C LEU A 64 -2.79 -11.70 -5.89
N LEU A 65 -3.28 -10.94 -4.92
CA LEU A 65 -3.46 -11.45 -3.57
C LEU A 65 -4.61 -10.73 -2.86
N PHE A 66 -5.56 -11.51 -2.36
CA PHE A 66 -6.72 -10.95 -1.66
C PHE A 66 -6.36 -10.61 -0.21
N CYS A 67 -6.11 -9.34 0.05
CA CYS A 67 -5.76 -8.88 1.40
C CYS A 67 -7.01 -8.66 2.24
N VAL A 68 -6.97 -9.13 3.48
CA VAL A 68 -8.11 -8.98 4.39
C VAL A 68 -7.64 -8.95 5.84
N HIS A 69 -8.17 -8.00 6.60
CA HIS A 69 -7.80 -7.86 8.01
C HIS A 69 -8.85 -8.52 8.91
N GLY A 70 -8.43 -9.52 9.67
CA GLY A 70 -9.34 -10.22 10.55
C GLY A 70 -8.91 -10.13 12.01
N ASP A 71 -9.86 -9.81 12.89
CA ASP A 71 -9.57 -9.69 14.31
C ASP A 71 -10.61 -10.46 15.13
N GLY A 72 -11.85 -10.46 14.66
CA GLY A 72 -12.91 -11.15 15.37
C GLY A 72 -14.26 -10.48 15.20
N HIS A 73 -14.24 -9.19 14.91
CA HIS A 73 -15.47 -8.43 14.73
C HIS A 73 -15.49 -7.74 13.37
N ALA A 74 -16.45 -8.10 12.53
CA ALA A 74 -16.59 -7.52 11.20
C ALA A 74 -16.31 -6.02 11.24
N GLU A 75 -16.75 -5.36 12.31
CA GLU A 75 -16.56 -3.93 12.46
C GLU A 75 -15.13 -3.53 12.09
N ASN A 76 -14.16 -4.29 12.59
CA ASN A 76 -12.76 -4.02 12.32
C ASN A 76 -12.29 -4.75 11.06
N LEU A 77 -13.05 -5.77 10.66
CA LEU A 77 -12.72 -6.55 9.48
C LEU A 77 -12.78 -5.68 8.22
N VAL A 78 -11.83 -5.89 7.32
CA VAL A 78 -11.77 -5.13 6.08
C VAL A 78 -11.12 -5.95 4.97
N GLN A 79 -11.78 -6.00 3.81
CA GLN A 79 -11.27 -6.75 2.67
C GLN A 79 -10.86 -5.80 1.54
N TRP A 80 -9.70 -6.05 0.95
CA TRP A 80 -9.20 -5.23 -0.15
C TRP A 80 -8.24 -6.01 -1.04
N GLU A 81 -8.45 -5.93 -2.34
CA GLU A 81 -7.60 -6.64 -3.29
C GLU A 81 -6.33 -5.85 -3.59
N MET A 82 -5.19 -6.42 -3.23
CA MET A 82 -3.91 -5.76 -3.46
C MET A 82 -3.13 -6.47 -4.56
N GLU A 83 -3.12 -5.88 -5.76
CA GLU A 83 -2.42 -6.45 -6.90
C GLU A 83 -1.18 -5.62 -7.24
N VAL A 84 -0.18 -6.28 -7.82
CA VAL A 84 1.06 -5.60 -8.19
C VAL A 84 1.08 -5.30 -9.69
N CYS A 85 1.27 -4.03 -10.02
CA CYS A 85 1.31 -3.60 -11.41
C CYS A 85 2.54 -2.74 -11.68
N LYS A 86 2.69 -2.30 -12.93
CA LYS A 86 3.82 -1.47 -13.32
C LYS A 86 3.36 -0.21 -14.03
N LEU A 87 4.23 0.79 -14.12
CA LEU A 87 3.91 2.05 -14.77
C LEU A 87 5.02 2.47 -15.73
N PRO A 88 4.65 2.86 -16.95
CA PRO A 88 5.60 3.29 -17.97
C PRO A 88 6.24 4.64 -17.63
N ARG A 89 5.40 5.61 -17.26
CA ARG A 89 5.89 6.93 -16.91
C ARG A 89 6.62 6.92 -15.57
N LEU A 90 5.92 6.48 -14.53
CA LEU A 90 6.51 6.41 -13.19
C LEU A 90 7.77 5.56 -13.20
N SER A 91 7.87 4.65 -14.17
CA SER A 91 9.03 3.78 -14.28
C SER A 91 9.30 3.06 -12.96
N LEU A 92 8.23 2.66 -12.28
CA LEU A 92 8.35 1.97 -11.01
C LEU A 92 7.11 1.10 -10.74
N ASN A 93 7.17 0.32 -9.67
CA ASN A 93 6.06 -0.54 -9.30
C ASN A 93 4.84 0.28 -8.87
N GLY A 94 3.65 -0.21 -9.21
CA GLY A 94 2.43 0.49 -8.84
C GLY A 94 1.54 -0.34 -7.93
N VAL A 95 1.51 0.02 -6.65
CA VAL A 95 0.70 -0.69 -5.68
C VAL A 95 -0.61 0.05 -5.41
N ARG A 96 -1.72 -0.57 -5.77
CA ARG A 96 -3.04 0.03 -5.58
C ARG A 96 -3.85 -0.77 -4.58
N PHE A 97 -4.70 -0.08 -3.82
CA PHE A 97 -5.54 -0.73 -2.82
C PHE A 97 -7.02 -0.62 -3.19
N LYS A 98 -7.61 -1.75 -3.56
CA LYS A 98 -9.02 -1.78 -3.94
C LYS A 98 -9.90 -2.20 -2.77
N ARG A 99 -10.87 -1.37 -2.43
CA ARG A 99 -11.78 -1.66 -1.33
C ARG A 99 -12.92 -2.57 -1.78
N ILE A 100 -13.22 -3.57 -0.98
CA ILE A 100 -14.29 -4.51 -1.29
C ILE A 100 -15.36 -4.52 -0.20
N SER A 101 -14.93 -4.57 1.06
CA SER A 101 -15.85 -4.59 2.18
C SER A 101 -15.19 -4.00 3.43
N GLY A 102 -16.00 -3.74 4.45
CA GLY A 102 -15.49 -3.18 5.69
C GLY A 102 -15.79 -1.70 5.81
N THR A 103 -14.97 -1.00 6.59
CA THR A 103 -15.16 0.43 6.81
C THR A 103 -13.99 1.24 6.24
N SER A 104 -14.29 2.42 5.73
CA SER A 104 -13.26 3.29 5.15
C SER A 104 -12.15 3.57 6.17
N ILE A 105 -12.55 4.04 7.35
CA ILE A 105 -11.58 4.36 8.40
C ILE A 105 -10.57 3.23 8.57
N ALA A 106 -11.06 2.03 8.86
CA ALA A 106 -10.20 0.87 9.04
C ALA A 106 -9.44 0.54 7.76
N PHE A 107 -10.11 0.76 6.62
CA PHE A 107 -9.50 0.48 5.33
C PHE A 107 -8.19 1.25 5.16
N LYS A 108 -8.19 2.52 5.59
CA LYS A 108 -7.02 3.36 5.49
C LYS A 108 -6.09 3.15 6.69
N ASN A 109 -6.65 3.28 7.89
CA ASN A 109 -5.88 3.10 9.11
C ASN A 109 -4.92 1.93 8.99
N ILE A 110 -5.40 0.85 8.37
CA ILE A 110 -4.58 -0.34 8.19
C ILE A 110 -3.61 -0.17 7.02
N ALA A 111 -4.11 0.43 5.94
CA ALA A 111 -3.29 0.65 4.75
C ALA A 111 -1.99 1.35 5.11
N SER A 112 -2.03 2.19 6.13
CA SER A 112 -0.85 2.93 6.57
C SER A 112 0.20 1.97 7.13
N LYS A 113 -0.23 1.05 7.97
CA LYS A 113 0.67 0.08 8.59
C LYS A 113 1.41 -0.72 7.51
N ILE A 114 0.65 -1.27 6.56
CA ILE A 114 1.24 -2.05 5.48
C ILE A 114 2.29 -1.25 4.72
N ALA A 115 1.94 -0.01 4.37
CA ALA A 115 2.86 0.87 3.65
C ALA A 115 4.16 1.06 4.42
N ASN A 116 4.03 1.48 5.68
CA ASN A 116 5.20 1.70 6.53
C ASN A 116 6.14 0.51 6.49
N GLU A 117 5.57 -0.69 6.64
CA GLU A 117 6.36 -1.91 6.61
C GLU A 117 7.05 -2.10 5.27
N LEU A 118 6.29 -1.93 4.19
CA LEU A 118 6.83 -2.09 2.85
C LEU A 118 7.66 -0.86 2.46
N LYS A 119 7.86 0.04 3.41
CA LYS A 119 8.64 1.25 3.16
C LYS A 119 8.11 1.99 1.93
N LEU A 120 6.79 1.96 1.75
CA LEU A 120 6.17 2.63 0.61
C LEU A 120 5.82 4.07 0.96
N SER A 121 5.19 4.76 0.02
CA SER A 121 4.79 6.15 0.23
C SER A 121 3.76 6.27 1.34
N GLY A 122 3.18 7.45 1.49
CA GLY A 122 2.19 7.67 2.52
C GLY A 122 1.20 8.77 2.15
N PRO A 123 0.43 8.54 1.08
CA PRO A 123 -0.56 9.49 0.60
C PRO A 123 -1.75 9.62 1.54
N SER A 124 -1.71 8.87 2.65
CA SER A 124 -2.78 8.90 3.63
C SER A 124 -2.68 10.13 4.52
N SER A 125 -1.48 10.40 5.01
CA SER A 125 -1.24 11.55 5.88
C SER A 125 -2.42 11.76 6.83
N GLY A 126 -2.94 10.66 7.37
CA GLY A 126 -4.04 10.75 8.29
C GLY A 126 -4.34 9.42 8.97
N MET A 1 -17.23 23.15 35.10
CA MET A 1 -16.26 23.39 36.15
C MET A 1 -15.76 22.07 36.74
N LYS A 2 -15.49 21.11 35.86
CA LYS A 2 -14.99 19.81 36.29
C LYS A 2 -13.50 19.68 36.04
N ASP A 3 -13.10 19.83 34.77
CA ASP A 3 -11.70 19.74 34.39
C ASP A 3 -11.46 20.35 33.02
N HIS A 4 -10.21 20.39 32.60
CA HIS A 4 -9.85 20.95 31.30
C HIS A 4 -8.51 20.37 30.81
N LEU A 5 -8.15 20.73 29.58
CA LEU A 5 -6.90 20.25 29.00
C LEU A 5 -6.31 21.30 28.06
N ILE A 6 -5.12 21.00 27.54
CA ILE A 6 -4.44 21.92 26.63
C ILE A 6 -3.89 21.18 25.41
N HIS A 7 -3.91 21.85 24.26
CA HIS A 7 -3.43 21.26 23.02
C HIS A 7 -2.21 22.01 22.51
N ASN A 8 -1.57 21.47 21.47
CA ASN A 8 -0.38 22.09 20.89
C ASN A 8 -0.78 23.09 19.81
N VAL A 9 -0.60 24.38 20.10
CA VAL A 9 -0.94 25.43 19.16
C VAL A 9 0.05 26.59 19.26
N HIS A 10 0.84 26.78 18.21
CA HIS A 10 1.83 27.85 18.18
C HIS A 10 1.15 29.22 18.19
N LYS A 11 1.53 30.06 19.14
CA LYS A 11 0.95 31.40 19.26
C LYS A 11 1.57 32.35 18.24
N GLU A 12 0.82 33.37 17.85
CA GLU A 12 1.30 34.35 16.89
C GLU A 12 1.96 33.66 15.69
N GLU A 13 1.23 32.75 15.06
CA GLU A 13 1.74 32.03 13.92
C GLU A 13 1.22 32.62 12.61
N HIS A 14 2.09 33.35 11.91
CA HIS A 14 1.72 33.98 10.66
C HIS A 14 1.84 32.99 9.50
N ALA A 15 1.48 31.73 9.75
CA ALA A 15 1.55 30.69 8.74
C ALA A 15 0.16 30.21 8.36
N HIS A 16 -0.35 30.73 7.24
CA HIS A 16 -1.68 30.35 6.76
C HIS A 16 -1.71 30.27 5.24
N ALA A 17 -2.55 29.41 4.70
CA ALA A 17 -2.68 29.25 3.25
C ALA A 17 -3.86 28.35 2.91
N HIS A 18 -4.65 28.77 1.92
CA HIS A 18 -5.81 27.99 1.48
C HIS A 18 -5.57 27.39 0.10
N ASN A 19 -4.99 26.20 0.08
CA ASN A 19 -4.71 25.51 -1.18
C ASN A 19 -5.74 24.41 -1.45
N LYS A 20 -7.01 24.75 -1.24
CA LYS A 20 -8.10 23.80 -1.46
C LYS A 20 -8.46 23.72 -2.94
N ASP A 21 -7.44 23.55 -3.79
CA ASP A 21 -7.65 23.45 -5.23
C ASP A 21 -6.83 22.31 -5.82
N TYR A 22 -7.42 21.13 -5.85
CA TYR A 22 -6.74 19.95 -6.38
C TYR A 22 -7.65 19.19 -7.35
N ASP A 23 -7.06 18.25 -8.09
CA ASP A 23 -7.82 17.46 -9.04
C ASP A 23 -7.81 15.98 -8.65
N ILE A 24 -8.98 15.45 -8.31
CA ILE A 24 -9.10 14.05 -7.91
C ILE A 24 -10.15 13.34 -8.76
N PRO A 25 -9.83 12.11 -9.17
CA PRO A 25 -10.74 11.29 -9.99
C PRO A 25 -11.95 10.81 -9.20
N THR A 26 -12.89 10.16 -9.88
CA THR A 26 -14.09 9.64 -9.24
C THR A 26 -13.93 8.18 -8.86
N THR A 27 -12.70 7.79 -8.52
CA THR A 27 -12.42 6.41 -8.14
C THR A 27 -12.12 6.31 -6.65
N GLU A 28 -12.52 5.19 -6.05
CA GLU A 28 -12.30 4.97 -4.63
C GLU A 28 -11.21 3.92 -4.41
N ASN A 29 -9.96 4.33 -4.54
CA ASN A 29 -8.83 3.41 -4.36
C ASN A 29 -7.57 4.17 -3.95
N LEU A 30 -6.68 3.49 -3.25
CA LEU A 30 -5.44 4.11 -2.79
C LEU A 30 -4.27 3.69 -3.68
N TYR A 31 -3.21 4.49 -3.67
CA TYR A 31 -2.03 4.20 -4.47
C TYR A 31 -0.75 4.38 -3.65
N PHE A 32 0.06 3.34 -3.58
CA PHE A 32 1.31 3.38 -2.84
C PHE A 32 2.50 3.09 -3.75
N GLN A 33 3.68 3.57 -3.35
CA GLN A 33 4.89 3.37 -4.13
C GLN A 33 6.05 2.95 -3.22
N GLY A 34 6.69 1.85 -3.58
CA GLY A 34 7.82 1.37 -2.79
C GLY A 34 8.15 -0.08 -3.09
N SER A 35 8.39 -0.38 -4.36
CA SER A 35 8.72 -1.74 -4.78
C SER A 35 10.05 -2.19 -4.16
N SER A 36 10.21 -3.51 -4.03
CA SER A 36 11.43 -4.07 -3.45
C SER A 36 12.31 -4.67 -4.53
N GLY A 37 12.33 -4.04 -5.70
CA GLY A 37 13.14 -4.52 -6.80
C GLY A 37 12.30 -5.03 -7.95
N SER A 38 11.78 -6.24 -7.81
CA SER A 38 10.96 -6.85 -8.85
C SER A 38 9.50 -6.97 -8.40
N SER A 39 8.65 -7.44 -9.30
CA SER A 39 7.23 -7.59 -9.00
C SER A 39 6.99 -8.80 -8.10
N GLY A 40 7.74 -9.86 -8.33
CA GLY A 40 7.60 -11.07 -7.53
C GLY A 40 7.90 -10.83 -6.07
N ASP A 41 9.17 -10.57 -5.77
CA ASP A 41 9.59 -10.33 -4.39
C ASP A 41 8.52 -9.57 -3.62
N MET A 42 7.97 -8.53 -4.24
CA MET A 42 6.93 -7.73 -3.60
C MET A 42 5.85 -8.62 -2.99
N MET A 43 5.30 -9.51 -3.81
CA MET A 43 4.26 -10.42 -3.35
C MET A 43 4.64 -11.06 -2.02
N ARG A 44 5.92 -11.42 -1.89
CA ARG A 44 6.42 -12.04 -0.67
C ARG A 44 6.43 -11.04 0.48
N GLU A 45 6.94 -9.84 0.22
CA GLU A 45 7.02 -8.81 1.23
C GLU A 45 5.63 -8.42 1.73
N ILE A 46 4.79 -7.96 0.81
CA ILE A 46 3.43 -7.54 1.15
C ILE A 46 2.79 -8.55 2.10
N ARG A 47 2.73 -9.81 1.67
CA ARG A 47 2.14 -10.86 2.48
C ARG A 47 2.78 -10.91 3.86
N LYS A 48 4.11 -10.80 3.90
CA LYS A 48 4.85 -10.83 5.16
C LYS A 48 4.18 -9.94 6.20
N VAL A 49 3.98 -8.67 5.84
CA VAL A 49 3.35 -7.72 6.75
C VAL A 49 1.99 -8.22 7.23
N LEU A 50 1.17 -8.68 6.28
CA LEU A 50 -0.15 -9.18 6.59
C LEU A 50 -0.10 -10.17 7.76
N GLY A 51 0.61 -11.28 7.55
CA GLY A 51 0.73 -12.30 8.59
C GLY A 51 1.01 -11.69 9.95
N ALA A 52 1.86 -10.67 9.99
CA ALA A 52 2.21 -10.00 11.23
C ALA A 52 0.98 -9.39 11.89
N ASN A 53 0.12 -8.79 11.07
CA ASN A 53 -1.10 -8.15 11.56
C ASN A 53 -2.30 -9.09 11.43
N ASN A 54 -2.08 -10.35 11.77
CA ASN A 54 -3.14 -11.36 11.68
C ASN A 54 -4.02 -11.11 10.45
N CYS A 55 -3.38 -10.78 9.34
CA CYS A 55 -4.10 -10.52 8.10
C CYS A 55 -4.01 -11.73 7.16
N ASP A 56 -5.16 -12.24 6.75
CA ASP A 56 -5.22 -13.40 5.86
C ASP A 56 -5.20 -12.95 4.40
N TYR A 57 -4.35 -13.61 3.60
CA TYR A 57 -4.23 -13.28 2.19
C TYR A 57 -4.53 -14.49 1.32
N GLU A 58 -5.20 -14.26 0.20
CA GLU A 58 -5.57 -15.34 -0.72
C GLU A 58 -5.15 -14.98 -2.15
N GLN A 59 -4.16 -15.70 -2.67
CA GLN A 59 -3.67 -15.47 -4.02
C GLN A 59 -4.65 -16.00 -5.05
N ARG A 60 -5.21 -15.10 -5.86
CA ARG A 60 -6.17 -15.47 -6.89
C ARG A 60 -5.47 -15.71 -8.22
N GLU A 61 -4.72 -14.71 -8.67
CA GLU A 61 -4.00 -14.81 -9.93
C GLU A 61 -2.49 -14.85 -9.70
N ARG A 62 -1.73 -14.82 -10.79
CA ARG A 62 -0.27 -14.85 -10.71
C ARG A 62 0.26 -13.61 -9.99
N PHE A 63 -0.30 -12.46 -10.32
CA PHE A 63 0.13 -11.21 -9.71
C PHE A 63 -1.04 -10.53 -8.98
N LEU A 64 -1.85 -11.33 -8.31
CA LEU A 64 -3.01 -10.82 -7.59
C LEU A 64 -3.14 -11.50 -6.23
N LEU A 65 -3.41 -10.70 -5.19
CA LEU A 65 -3.57 -11.22 -3.84
C LEU A 65 -4.75 -10.58 -3.14
N PHE A 66 -5.55 -11.40 -2.46
CA PHE A 66 -6.71 -10.90 -1.74
C PHE A 66 -6.41 -10.75 -0.25
N CYS A 67 -6.16 -9.51 0.16
CA CYS A 67 -5.86 -9.21 1.56
C CYS A 67 -7.14 -8.92 2.34
N VAL A 68 -7.17 -9.36 3.59
CA VAL A 68 -8.33 -9.16 4.45
C VAL A 68 -7.92 -9.02 5.90
N HIS A 69 -8.53 -8.05 6.59
CA HIS A 69 -8.22 -7.81 8.00
C HIS A 69 -9.43 -8.13 8.88
N GLY A 70 -9.41 -9.31 9.50
CA GLY A 70 -10.50 -9.71 10.36
C GLY A 70 -10.11 -9.75 11.83
N ASP A 71 -9.97 -8.59 12.44
CA ASP A 71 -9.60 -8.50 13.85
C ASP A 71 -10.18 -9.66 14.64
N GLY A 72 -11.42 -10.02 14.32
CA GLY A 72 -12.07 -11.12 15.02
C GLY A 72 -13.45 -11.41 14.46
N HIS A 73 -14.17 -10.37 14.08
CA HIS A 73 -15.52 -10.52 13.52
C HIS A 73 -15.71 -9.64 12.30
N ALA A 74 -16.33 -10.20 11.27
CA ALA A 74 -16.57 -9.47 10.03
C ALA A 74 -17.09 -8.06 10.32
N GLU A 75 -17.78 -7.91 11.45
CA GLU A 75 -18.32 -6.62 11.84
C GLU A 75 -17.31 -5.50 11.61
N ASN A 76 -16.08 -5.73 12.04
CA ASN A 76 -15.01 -4.74 11.89
C ASN A 76 -13.91 -5.27 10.98
N LEU A 77 -14.29 -6.07 9.98
CA LEU A 77 -13.34 -6.64 9.05
C LEU A 77 -13.24 -5.78 7.78
N VAL A 78 -12.11 -5.89 7.09
CA VAL A 78 -11.89 -5.13 5.87
C VAL A 78 -11.31 -6.03 4.77
N GLN A 79 -11.93 -6.00 3.60
CA GLN A 79 -11.48 -6.80 2.47
C GLN A 79 -10.91 -5.91 1.37
N TRP A 80 -9.66 -6.17 1.00
CA TRP A 80 -8.99 -5.39 -0.04
C TRP A 80 -8.03 -6.27 -0.83
N GLU A 81 -8.14 -6.22 -2.15
CA GLU A 81 -7.28 -7.00 -3.03
C GLU A 81 -5.97 -6.26 -3.32
N MET A 82 -4.86 -6.86 -2.93
CA MET A 82 -3.55 -6.25 -3.14
C MET A 82 -2.92 -6.76 -4.44
N GLU A 83 -3.07 -5.98 -5.51
CA GLU A 83 -2.53 -6.36 -6.81
C GLU A 83 -1.22 -5.63 -7.07
N VAL A 84 -0.24 -6.35 -7.62
CA VAL A 84 1.07 -5.78 -7.92
C VAL A 84 1.09 -5.20 -9.34
N CYS A 85 0.83 -3.90 -9.44
CA CYS A 85 0.83 -3.23 -10.74
C CYS A 85 2.18 -2.59 -11.02
N LYS A 86 2.44 -2.32 -12.30
CA LYS A 86 3.71 -1.70 -12.70
C LYS A 86 3.49 -0.25 -13.14
N LEU A 87 4.46 0.60 -12.86
CA LEU A 87 4.37 2.01 -13.24
C LEU A 87 5.18 2.29 -14.50
N PRO A 88 4.83 3.37 -15.21
CA PRO A 88 5.51 3.77 -16.44
C PRO A 88 6.92 4.29 -16.18
N ARG A 89 7.44 4.02 -14.98
CA ARG A 89 8.77 4.46 -14.61
C ARG A 89 9.51 3.35 -13.86
N LEU A 90 10.51 2.77 -14.52
CA LEU A 90 11.30 1.70 -13.92
C LEU A 90 11.45 1.90 -12.42
N SER A 91 11.45 3.17 -12.00
CA SER A 91 11.60 3.52 -10.59
C SER A 91 11.02 2.41 -9.71
N LEU A 92 9.83 1.94 -10.05
CA LEU A 92 9.17 0.89 -9.28
C LEU A 92 7.85 0.48 -9.93
N ASN A 93 7.26 -0.61 -9.44
CA ASN A 93 6.00 -1.11 -9.98
C ASN A 93 4.82 -0.41 -9.31
N GLY A 94 4.94 -0.18 -8.01
CA GLY A 94 3.87 0.47 -7.27
C GLY A 94 2.84 -0.52 -6.75
N VAL A 95 2.22 -0.19 -5.62
CA VAL A 95 1.21 -1.04 -5.01
C VAL A 95 -0.10 -0.31 -4.82
N ARG A 96 -1.12 -0.71 -5.57
CA ARG A 96 -2.43 -0.08 -5.49
C ARG A 96 -3.37 -0.91 -4.62
N PHE A 97 -4.24 -0.23 -3.88
CA PHE A 97 -5.20 -0.90 -3.00
C PHE A 97 -6.62 -0.76 -3.55
N LYS A 98 -7.49 -1.69 -3.14
CA LYS A 98 -8.87 -1.68 -3.59
C LYS A 98 -9.82 -2.09 -2.46
N ARG A 99 -10.69 -1.17 -2.06
CA ARG A 99 -11.64 -1.44 -0.99
C ARG A 99 -12.81 -2.27 -1.50
N ILE A 100 -12.78 -3.57 -1.21
CA ILE A 100 -13.84 -4.47 -1.64
C ILE A 100 -15.03 -4.41 -0.69
N SER A 101 -14.75 -4.46 0.61
CA SER A 101 -15.79 -4.42 1.62
C SER A 101 -15.22 -4.00 2.97
N GLY A 102 -16.11 -3.71 3.92
CA GLY A 102 -15.68 -3.30 5.24
C GLY A 102 -15.97 -1.83 5.52
N THR A 103 -14.98 -1.12 6.01
CA THR A 103 -15.13 0.30 6.33
C THR A 103 -13.94 1.11 5.84
N SER A 104 -14.15 2.39 5.58
CA SER A 104 -13.11 3.27 5.11
C SER A 104 -12.06 3.50 6.19
N ILE A 105 -12.50 4.02 7.33
CA ILE A 105 -11.61 4.29 8.46
C ILE A 105 -10.55 3.19 8.58
N ALA A 106 -11.00 1.98 8.90
CA ALA A 106 -10.10 0.85 9.05
C ALA A 106 -9.27 0.62 7.79
N PHE A 107 -9.94 0.69 6.64
CA PHE A 107 -9.26 0.51 5.36
C PHE A 107 -8.00 1.35 5.27
N LYS A 108 -8.09 2.59 5.73
CA LYS A 108 -6.95 3.50 5.71
C LYS A 108 -6.04 3.26 6.91
N ASN A 109 -6.63 3.32 8.11
CA ASN A 109 -5.86 3.12 9.33
C ASN A 109 -4.88 1.96 9.18
N ILE A 110 -5.35 0.87 8.58
CA ILE A 110 -4.52 -0.31 8.37
C ILE A 110 -3.51 -0.07 7.26
N ALA A 111 -3.97 0.54 6.17
CA ALA A 111 -3.10 0.83 5.03
C ALA A 111 -1.79 1.44 5.49
N SER A 112 -1.87 2.35 6.46
CA SER A 112 -0.68 3.02 6.98
C SER A 112 0.40 2.01 7.32
N LYS A 113 0.07 1.06 8.19
CA LYS A 113 1.02 0.03 8.60
C LYS A 113 1.65 -0.64 7.39
N ILE A 114 0.83 -1.30 6.58
CA ILE A 114 1.31 -1.99 5.39
C ILE A 114 2.37 -1.16 4.67
N ALA A 115 2.05 0.11 4.42
CA ALA A 115 2.97 1.01 3.75
C ALA A 115 4.26 1.16 4.53
N ASN A 116 4.16 1.70 5.74
CA ASN A 116 5.32 1.90 6.59
C ASN A 116 6.24 0.69 6.56
N GLU A 117 5.63 -0.50 6.59
CA GLU A 117 6.40 -1.74 6.57
C GLU A 117 6.95 -2.02 5.17
N LEU A 118 6.15 -1.70 4.15
CA LEU A 118 6.55 -1.92 2.78
C LEU A 118 7.36 -0.73 2.25
N LYS A 119 7.94 0.04 3.18
CA LYS A 119 8.74 1.20 2.81
C LYS A 119 8.04 2.02 1.73
N LEU A 120 6.72 2.11 1.82
CA LEU A 120 5.93 2.87 0.85
C LEU A 120 5.75 4.32 1.32
N SER A 121 5.70 5.23 0.36
CA SER A 121 5.53 6.64 0.66
C SER A 121 4.63 6.83 1.89
N GLY A 122 3.42 6.30 1.81
CA GLY A 122 2.49 6.43 2.93
C GLY A 122 1.67 7.70 2.85
N PRO A 123 0.67 7.73 1.95
CA PRO A 123 -0.20 8.88 1.76
C PRO A 123 -1.14 9.10 2.94
N SER A 124 -0.98 8.27 3.97
CA SER A 124 -1.82 8.36 5.16
C SER A 124 -2.19 9.81 5.46
N SER A 125 -3.48 10.06 5.64
CA SER A 125 -3.97 11.41 5.93
C SER A 125 -4.14 11.62 7.43
N GLY A 126 -4.74 10.62 8.09
CA GLY A 126 -4.96 10.71 9.52
C GLY A 126 -5.01 9.36 10.19
N MET A 1 -28.86 22.15 -10.66
CA MET A 1 -28.84 22.62 -9.29
C MET A 1 -27.58 22.17 -8.57
N LYS A 2 -27.20 22.90 -7.53
CA LYS A 2 -26.00 22.57 -6.76
C LYS A 2 -24.85 22.19 -7.67
N ASP A 3 -24.70 22.93 -8.77
CA ASP A 3 -23.63 22.67 -9.73
C ASP A 3 -23.55 21.19 -10.05
N HIS A 4 -24.70 20.56 -10.23
CA HIS A 4 -24.75 19.13 -10.55
C HIS A 4 -25.47 18.89 -11.87
N LEU A 5 -24.72 18.90 -12.96
CA LEU A 5 -25.29 18.70 -14.29
C LEU A 5 -24.56 17.57 -15.03
N ILE A 6 -25.27 16.92 -15.94
CA ILE A 6 -24.69 15.83 -16.71
C ILE A 6 -24.20 16.31 -18.07
N HIS A 7 -22.90 16.17 -18.32
CA HIS A 7 -22.30 16.60 -19.57
C HIS A 7 -20.93 15.95 -19.77
N ASN A 8 -20.83 15.09 -20.78
CA ASN A 8 -19.58 14.41 -21.08
C ASN A 8 -19.16 14.64 -22.53
N VAL A 9 -17.93 15.09 -22.72
CA VAL A 9 -17.40 15.35 -24.05
C VAL A 9 -15.90 15.09 -24.12
N HIS A 10 -15.49 14.15 -24.98
CA HIS A 10 -14.10 13.81 -25.14
C HIS A 10 -13.35 14.88 -25.94
N LYS A 11 -12.31 15.45 -25.33
CA LYS A 11 -11.52 16.49 -25.98
C LYS A 11 -10.08 16.46 -25.50
N GLU A 12 -9.22 17.24 -26.15
CA GLU A 12 -7.82 17.30 -25.79
C GLU A 12 -7.65 17.79 -24.35
N GLU A 13 -6.60 17.30 -23.69
CA GLU A 13 -6.32 17.68 -22.32
C GLU A 13 -5.25 18.76 -22.25
N HIS A 14 -5.43 19.72 -21.36
CA HIS A 14 -4.48 20.82 -21.20
C HIS A 14 -4.19 21.08 -19.72
N ALA A 15 -3.14 20.44 -19.21
CA ALA A 15 -2.76 20.61 -17.81
C ALA A 15 -3.08 22.01 -17.32
N HIS A 16 -3.76 22.10 -16.18
CA HIS A 16 -4.13 23.38 -15.60
C HIS A 16 -2.91 24.06 -14.98
N ALA A 17 -3.07 25.33 -14.59
CA ALA A 17 -2.00 26.08 -13.97
C ALA A 17 -1.40 25.33 -12.79
N HIS A 18 -0.34 25.89 -12.20
CA HIS A 18 0.32 25.27 -11.07
C HIS A 18 -0.32 25.71 -9.76
N ASN A 19 -1.61 26.02 -9.81
CA ASN A 19 -2.34 26.46 -8.63
C ASN A 19 -2.99 25.27 -7.92
N LYS A 20 -3.67 25.55 -6.82
CA LYS A 20 -4.34 24.51 -6.04
C LYS A 20 -5.76 24.29 -6.57
N ASP A 21 -5.90 24.19 -7.88
CA ASP A 21 -7.20 23.98 -8.51
C ASP A 21 -7.11 22.91 -9.58
N TYR A 22 -7.28 21.65 -9.19
CA TYR A 22 -7.21 20.54 -10.13
C TYR A 22 -8.45 19.66 -10.00
N ASP A 23 -8.58 18.68 -10.92
CA ASP A 23 -9.71 17.78 -10.91
C ASP A 23 -9.36 16.48 -10.17
N ILE A 24 -9.18 16.61 -8.86
CA ILE A 24 -8.83 15.46 -8.02
C ILE A 24 -9.79 14.30 -8.28
N PRO A 25 -9.23 13.08 -8.38
CA PRO A 25 -10.03 11.87 -8.63
C PRO A 25 -10.88 11.48 -7.42
N THR A 26 -12.20 11.49 -7.61
CA THR A 26 -13.13 11.15 -6.54
C THR A 26 -13.22 9.64 -6.37
N THR A 27 -12.07 8.97 -6.37
CA THR A 27 -12.03 7.52 -6.21
C THR A 27 -11.88 7.14 -4.75
N GLU A 28 -12.11 5.87 -4.45
CA GLU A 28 -11.99 5.37 -3.09
C GLU A 28 -10.87 4.33 -2.97
N ASN A 29 -9.74 4.63 -3.61
CA ASN A 29 -8.60 3.72 -3.59
C ASN A 29 -7.33 4.47 -3.16
N LEU A 30 -6.39 3.73 -2.57
CA LEU A 30 -5.13 4.31 -2.12
C LEU A 30 -3.98 3.91 -3.03
N TYR A 31 -2.93 4.72 -3.04
CA TYR A 31 -1.76 4.45 -3.88
C TYR A 31 -0.49 4.45 -3.04
N PHE A 32 0.46 3.60 -3.41
CA PHE A 32 1.74 3.51 -2.70
C PHE A 32 2.85 3.03 -3.62
N GLN A 33 4.02 3.63 -3.48
CA GLN A 33 5.17 3.27 -4.30
C GLN A 33 6.38 2.94 -3.44
N GLY A 34 7.05 1.83 -3.75
CA GLY A 34 8.21 1.43 -2.99
C GLY A 34 8.50 -0.05 -3.11
N SER A 35 8.87 -0.48 -4.32
CA SER A 35 9.18 -1.88 -4.57
C SER A 35 10.40 -2.33 -3.76
N SER A 36 10.53 -3.64 -3.58
CA SER A 36 11.65 -4.19 -2.82
C SER A 36 12.51 -5.10 -3.71
N GLY A 37 12.72 -4.67 -4.95
CA GLY A 37 13.51 -5.45 -5.87
C GLY A 37 12.78 -5.76 -7.16
N SER A 38 12.14 -6.92 -7.22
CA SER A 38 11.40 -7.33 -8.41
C SER A 38 9.91 -7.41 -8.11
N SER A 39 9.10 -7.32 -9.16
CA SER A 39 7.65 -7.38 -9.03
C SER A 39 7.23 -8.62 -8.24
N GLY A 40 7.87 -9.74 -8.52
CA GLY A 40 7.55 -10.98 -7.83
C GLY A 40 7.72 -10.87 -6.33
N ASP A 41 8.95 -10.66 -5.87
CA ASP A 41 9.23 -10.54 -4.46
C ASP A 41 8.08 -9.83 -3.73
N MET A 42 7.60 -8.74 -4.33
CA MET A 42 6.50 -7.98 -3.74
C MET A 42 5.48 -8.90 -3.10
N MET A 43 5.06 -9.93 -3.84
CA MET A 43 4.09 -10.89 -3.35
C MET A 43 4.55 -11.52 -2.04
N ARG A 44 5.84 -11.89 -1.99
CA ARG A 44 6.41 -12.51 -0.80
C ARG A 44 6.52 -11.50 0.34
N GLU A 45 6.99 -10.30 0.01
CA GLU A 45 7.15 -9.24 1.01
C GLU A 45 5.80 -8.85 1.60
N ILE A 46 4.89 -8.40 0.75
CA ILE A 46 3.57 -7.98 1.19
C ILE A 46 3.03 -8.92 2.27
N ARG A 47 2.87 -10.20 1.92
CA ARG A 47 2.38 -11.19 2.87
C ARG A 47 3.05 -11.04 4.22
N LYS A 48 4.37 -10.96 4.22
CA LYS A 48 5.13 -10.81 5.46
C LYS A 48 4.41 -9.87 6.42
N VAL A 49 3.93 -8.75 5.90
CA VAL A 49 3.22 -7.77 6.71
C VAL A 49 1.88 -8.31 7.19
N LEU A 50 1.10 -8.85 6.25
CA LEU A 50 -0.20 -9.42 6.58
C LEU A 50 -0.11 -10.40 7.74
N GLY A 51 0.69 -11.45 7.55
CA GLY A 51 0.85 -12.45 8.60
C GLY A 51 1.24 -11.84 9.92
N ALA A 52 2.09 -10.82 9.88
CA ALA A 52 2.55 -10.15 11.09
C ALA A 52 1.37 -9.58 11.87
N ASN A 53 0.43 -8.97 11.16
CA ASN A 53 -0.74 -8.38 11.80
C ASN A 53 -1.93 -9.35 11.75
N ASN A 54 -1.65 -10.62 12.01
CA ASN A 54 -2.68 -11.64 12.01
C ASN A 54 -3.67 -11.41 10.86
N CYS A 55 -3.14 -11.06 9.70
CA CYS A 55 -3.97 -10.80 8.53
C CYS A 55 -4.04 -12.04 7.63
N ASP A 56 -5.18 -12.23 6.99
CA ASP A 56 -5.39 -13.37 6.10
C ASP A 56 -5.26 -12.96 4.65
N TYR A 57 -4.55 -13.77 3.87
CA TYR A 57 -4.34 -13.49 2.44
C TYR A 57 -4.53 -14.75 1.61
N GLU A 58 -5.17 -14.60 0.46
CA GLU A 58 -5.41 -15.73 -0.43
C GLU A 58 -5.08 -15.36 -1.87
N GLN A 59 -3.95 -15.85 -2.36
CA GLN A 59 -3.50 -15.58 -3.71
C GLN A 59 -4.54 -16.06 -4.73
N ARG A 60 -5.24 -15.13 -5.35
CA ARG A 60 -6.25 -15.47 -6.34
C ARG A 60 -5.64 -15.62 -7.73
N GLU A 61 -4.83 -14.63 -8.13
CA GLU A 61 -4.18 -14.66 -9.43
C GLU A 61 -2.67 -14.74 -9.28
N ARG A 62 -1.96 -14.67 -10.40
CA ARG A 62 -0.51 -14.74 -10.40
C ARG A 62 0.09 -13.59 -9.58
N PHE A 63 -0.23 -12.36 -9.99
CA PHE A 63 0.27 -11.17 -9.31
C PHE A 63 -0.85 -10.48 -8.53
N LEU A 64 -1.59 -11.25 -7.74
CA LEU A 64 -2.69 -10.72 -6.96
C LEU A 64 -2.75 -11.39 -5.59
N LEU A 65 -3.28 -10.67 -4.60
CA LEU A 65 -3.40 -11.20 -3.25
C LEU A 65 -4.57 -10.56 -2.51
N PHE A 66 -5.48 -11.39 -2.00
CA PHE A 66 -6.64 -10.89 -1.27
C PHE A 66 -6.25 -10.46 0.14
N CYS A 67 -5.96 -9.17 0.30
CA CYS A 67 -5.58 -8.64 1.61
C CYS A 67 -6.81 -8.35 2.45
N VAL A 68 -6.92 -9.05 3.58
CA VAL A 68 -8.05 -8.87 4.49
C VAL A 68 -7.59 -8.88 5.94
N HIS A 69 -8.09 -7.92 6.71
CA HIS A 69 -7.74 -7.82 8.13
C HIS A 69 -8.98 -7.87 9.00
N GLY A 70 -9.22 -9.03 9.61
CA GLY A 70 -10.39 -9.18 10.47
C GLY A 70 -10.01 -9.52 11.90
N ASP A 71 -9.13 -10.49 12.06
CA ASP A 71 -8.68 -10.91 13.39
C ASP A 71 -9.85 -11.44 14.21
N GLY A 72 -10.88 -11.92 13.52
CA GLY A 72 -12.05 -12.45 14.20
C GLY A 72 -12.95 -11.36 14.74
N HIS A 73 -13.04 -10.26 14.01
CA HIS A 73 -13.87 -9.13 14.43
C HIS A 73 -14.58 -8.52 13.23
N ALA A 74 -15.88 -8.78 13.11
CA ALA A 74 -16.67 -8.25 12.01
C ALA A 74 -16.52 -6.75 11.89
N GLU A 75 -16.34 -6.08 13.03
CA GLU A 75 -16.18 -4.63 13.05
C GLU A 75 -14.81 -4.23 12.49
N ASN A 76 -13.80 -5.04 12.79
CA ASN A 76 -12.44 -4.77 12.32
C ASN A 76 -12.09 -5.67 11.13
N LEU A 77 -13.06 -5.90 10.26
CA LEU A 77 -12.86 -6.74 9.10
C LEU A 77 -12.95 -5.92 7.81
N VAL A 78 -11.93 -6.02 6.97
CA VAL A 78 -11.90 -5.29 5.71
C VAL A 78 -11.33 -6.15 4.60
N GLN A 79 -12.00 -6.13 3.44
CA GLN A 79 -11.57 -6.92 2.29
C GLN A 79 -11.05 -6.01 1.18
N TRP A 80 -9.79 -6.20 0.82
CA TRP A 80 -9.16 -5.39 -0.24
C TRP A 80 -8.09 -6.19 -0.96
N GLU A 81 -8.01 -6.01 -2.28
CA GLU A 81 -7.02 -6.72 -3.09
C GLU A 81 -5.84 -5.80 -3.41
N MET A 82 -4.66 -6.39 -3.55
CA MET A 82 -3.46 -5.63 -3.88
C MET A 82 -2.71 -6.25 -5.05
N GLU A 83 -2.83 -5.63 -6.21
CA GLU A 83 -2.17 -6.12 -7.42
C GLU A 83 -0.91 -5.31 -7.73
N VAL A 84 0.10 -5.97 -8.28
CA VAL A 84 1.36 -5.30 -8.62
C VAL A 84 1.39 -4.92 -10.09
N CYS A 85 1.23 -3.64 -10.38
CA CYS A 85 1.25 -3.15 -11.75
C CYS A 85 2.50 -2.32 -12.01
N LYS A 86 2.69 -1.93 -13.27
CA LYS A 86 3.85 -1.15 -13.67
C LYS A 86 3.43 0.25 -14.13
N LEU A 87 4.37 1.18 -14.07
CA LEU A 87 4.10 2.56 -14.48
C LEU A 87 4.99 2.97 -15.64
N PRO A 88 4.39 3.58 -16.67
CA PRO A 88 5.11 4.04 -17.86
C PRO A 88 6.03 5.22 -17.56
N ARG A 89 5.50 6.21 -16.86
CA ARG A 89 6.27 7.41 -16.52
C ARG A 89 7.14 7.15 -15.29
N LEU A 90 6.50 6.89 -14.15
CA LEU A 90 7.22 6.63 -12.91
C LEU A 90 8.27 5.55 -13.11
N SER A 91 7.95 4.55 -13.93
CA SER A 91 8.87 3.45 -14.20
C SER A 91 9.13 2.64 -12.94
N LEU A 92 8.07 2.35 -12.19
CA LEU A 92 8.20 1.58 -10.96
C LEU A 92 6.91 0.79 -10.70
N ASN A 93 6.92 0.00 -9.62
CA ASN A 93 5.76 -0.80 -9.25
C ASN A 93 4.66 0.07 -8.65
N GLY A 94 3.43 -0.16 -9.10
CA GLY A 94 2.31 0.62 -8.58
C GLY A 94 1.38 -0.23 -7.73
N VAL A 95 1.48 -0.06 -6.42
CA VAL A 95 0.64 -0.81 -5.48
C VAL A 95 -0.60 -0.01 -5.10
N ARG A 96 -1.76 -0.44 -5.61
CA ARG A 96 -3.02 0.23 -5.32
C ARG A 96 -3.88 -0.61 -4.38
N PHE A 97 -4.77 0.07 -3.64
CA PHE A 97 -5.65 -0.61 -2.71
C PHE A 97 -7.11 -0.42 -3.11
N LYS A 98 -7.86 -1.52 -3.14
CA LYS A 98 -9.27 -1.48 -3.50
C LYS A 98 -10.13 -2.04 -2.37
N ARG A 99 -10.94 -1.17 -1.77
CA ARG A 99 -11.82 -1.58 -0.68
C ARG A 99 -13.00 -2.37 -1.21
N ILE A 100 -12.85 -3.68 -1.30
CA ILE A 100 -13.91 -4.55 -1.79
C ILE A 100 -15.09 -4.58 -0.82
N SER A 101 -14.78 -4.61 0.48
CA SER A 101 -15.81 -4.64 1.51
C SER A 101 -15.36 -3.91 2.76
N GLY A 102 -16.31 -3.46 3.56
CA GLY A 102 -15.99 -2.74 4.78
C GLY A 102 -16.03 -1.24 4.60
N THR A 103 -15.56 -0.51 5.61
CA THR A 103 -15.55 0.95 5.56
C THR A 103 -14.17 1.47 5.22
N SER A 104 -14.06 2.78 5.02
CA SER A 104 -12.79 3.41 4.68
C SER A 104 -11.90 3.53 5.91
N ILE A 105 -12.50 3.92 7.03
CA ILE A 105 -11.77 4.07 8.28
C ILE A 105 -10.73 2.98 8.44
N ALA A 106 -11.20 1.74 8.58
CA ALA A 106 -10.30 0.60 8.73
C ALA A 106 -9.47 0.37 7.47
N PHE A 107 -10.03 0.74 6.33
CA PHE A 107 -9.34 0.59 5.06
C PHE A 107 -8.02 1.34 5.05
N LYS A 108 -8.08 2.63 5.36
CA LYS A 108 -6.89 3.47 5.40
C LYS A 108 -6.06 3.17 6.64
N ASN A 109 -6.70 3.16 7.80
CA ASN A 109 -6.01 2.88 9.06
C ASN A 109 -5.00 1.76 8.89
N ILE A 110 -5.43 0.68 8.23
CA ILE A 110 -4.56 -0.47 8.00
C ILE A 110 -3.62 -0.22 6.84
N ALA A 111 -4.03 0.65 5.92
CA ALA A 111 -3.22 0.97 4.75
C ALA A 111 -1.91 1.63 5.16
N SER A 112 -1.98 2.54 6.12
CA SER A 112 -0.80 3.24 6.60
C SER A 112 0.26 2.25 7.07
N LYS A 113 -0.13 1.32 7.94
CA LYS A 113 0.79 0.31 8.46
C LYS A 113 1.45 -0.45 7.33
N ILE A 114 0.65 -1.10 6.50
CA ILE A 114 1.17 -1.87 5.37
C ILE A 114 2.20 -1.06 4.59
N ALA A 115 1.89 0.21 4.34
CA ALA A 115 2.80 1.08 3.60
C ALA A 115 4.10 1.27 4.36
N ASN A 116 4.02 1.62 5.63
CA ASN A 116 5.19 1.83 6.46
C ASN A 116 6.06 0.58 6.49
N GLU A 117 5.42 -0.57 6.66
CA GLU A 117 6.14 -1.85 6.72
C GLU A 117 6.80 -2.15 5.37
N LEU A 118 6.07 -1.87 4.29
CA LEU A 118 6.58 -2.12 2.94
C LEU A 118 7.44 -0.96 2.46
N LYS A 119 8.05 -0.26 3.41
CA LYS A 119 8.90 0.88 3.08
C LYS A 119 8.34 1.66 1.89
N LEU A 120 7.02 1.80 1.85
CA LEU A 120 6.36 2.53 0.78
C LEU A 120 6.22 4.01 1.11
N SER A 121 5.82 4.80 0.13
CA SER A 121 5.65 6.24 0.32
C SER A 121 4.92 6.53 1.63
N GLY A 122 3.83 5.80 1.87
CA GLY A 122 3.07 6.00 3.09
C GLY A 122 2.58 7.42 3.25
N PRO A 123 1.57 7.80 2.43
CA PRO A 123 1.00 9.14 2.47
C PRO A 123 0.21 9.41 3.75
N SER A 124 0.89 9.87 4.78
CA SER A 124 0.25 10.16 6.06
C SER A 124 0.40 11.64 6.42
N SER A 125 -0.73 12.31 6.60
CA SER A 125 -0.73 13.73 6.94
C SER A 125 -2.11 14.16 7.46
N GLY A 126 -2.11 15.13 8.37
CA GLY A 126 -3.35 15.61 8.93
C GLY A 126 -3.13 16.52 10.13
#